data_4K4I
#
_entry.id   4K4I
#
_cell.length_a   194.440
_cell.length_b   97.580
_cell.length_c   105.150
_cell.angle_alpha   90.00
_cell.angle_beta   90.00
_cell.angle_gamma   90.00
#
_symmetry.space_group_name_H-M   'P 21 21 2'
#
loop_
_entity.id
_entity.type
_entity.pdbx_description
1 polymer 'DNA polymerase lambda'
2 polymer "DNA (5'-D(*CP*GP*GP*CP*GP*GP*TP*AP*CP*TP*G)-3')"
3 polymer "DNA (5'-D(*CP*AP*GP*TP*AP*C)-3')"
4 polymer "DNA (5'-D(P*GP*CP*CP*G)-3')"
5 non-polymer '[[(2R,5S)-5-(4-azanyl-5-fluoranyl-2-oxidanylidene-pyrimidin-1-yl)-1,3-oxathiolan-2-yl]methoxy-oxidanyl-phosphoryl] phosphono hydrogen phosphate'
6 non-polymer 'CALCIUM ION'
7 non-polymer 'ACETATE ION'
8 non-polymer 'CACODYLATE ION'
9 water water
#
loop_
_entity_poly.entity_id
_entity_poly.type
_entity_poly.pdbx_seq_one_letter_code
_entity_poly.pdbx_strand_id
1 'polypeptide(L)'
;MSSQKATNHNLHITEKLEVLAKAYSVQGDKWRALGYAKAINALKSFHKPVTSYQEACSIPGIGKRMAEKIIEILESGHLR
KLDHISESVPVLELFSNIWGAGTKTAQMWYQQGFRSLEDIRSQASLTTQQAIGLKHYSDFLERMPREEATEIEQTVQKAA
QAFNSGLLCVACGSYRRGKATCGDVDVLITHPDGRSHRGIFSRLLDSLRQEGFLTDDLVSQEENGQQQKYLGVCRLPGPG
RRHRRLDIIVVPYSEFACALLYFTGSAHFNRSMRALAKTKGMSLSEHALSTAVVRNTHGCKVGPGRVLPTPTEKDVFRLL
GLPYREPAERDWLEHHHHHH
;
A,E,I,M
2 'polydeoxyribonucleotide' (DC)(DG)(DG)(DC)(DG)(DG)(DT)(DA)(DC)(DT)(DG) B,F,J,N
3 'polydeoxyribonucleotide' (DC)(DA)(DG)(DT)(DA)(DC) C,G,K,O
4 'polydeoxyribonucleotide' (DG)(DC)(DC)(DG) D,H,L,P
#
loop_
_chem_comp.id
_chem_comp.type
_chem_comp.name
_chem_comp.formula
1RY non-polymer '[[(2R,5S)-5-(4-azanyl-5-fluoranyl-2-oxidanylidene-pyrimidin-1-yl)-1,3-oxathiolan-2-yl]methoxy-oxidanyl-phosphoryl] phosphono hydrogen phosphate' 'C8 H13 F N3 O12 P3 S'
ACT non-polymer 'ACETATE ION' 'C2 H3 O2 -1'
CA non-polymer 'CALCIUM ION' 'Ca 2'
CAC non-polymer 'CACODYLATE ION' 'C2 H6 As O2 -1'
DA DNA linking 2'-DEOXYADENOSINE-5'-MONOPHOSPHATE 'C10 H14 N5 O6 P'
DC DNA linking 2'-DEOXYCYTIDINE-5'-MONOPHOSPHATE 'C9 H14 N3 O7 P'
DG DNA linking 2'-DEOXYGUANOSINE-5'-MONOPHOSPHATE 'C10 H14 N5 O7 P'
DT DNA linking THYMIDINE-5'-MONOPHOSPHATE 'C10 H15 N2 O8 P'
#
# COMPACT_ATOMS: atom_id res chain seq x y z
N THR A 7 -42.13 25.70 2.82
CA THR A 7 -41.62 25.13 1.54
C THR A 7 -41.39 23.62 1.71
N ASN A 8 -40.64 23.19 2.72
CA ASN A 8 -40.50 21.79 2.97
C ASN A 8 -41.50 21.44 4.04
N HIS A 9 -42.51 20.65 3.69
CA HIS A 9 -43.66 20.41 4.58
C HIS A 9 -43.47 19.11 5.37
N ASN A 10 -42.42 18.37 5.03
CA ASN A 10 -42.11 17.05 5.58
C ASN A 10 -40.71 17.05 6.25
N LEU A 11 -40.37 18.22 6.81
CA LEU A 11 -39.01 18.50 7.32
C LEU A 11 -38.54 17.51 8.37
N HIS A 12 -39.48 17.09 9.21
CA HIS A 12 -39.20 16.20 10.32
C HIS A 12 -38.80 14.83 9.79
N ILE A 13 -39.49 14.41 8.72
CA ILE A 13 -39.24 13.13 8.05
C ILE A 13 -37.90 13.13 7.25
N THR A 14 -37.57 14.24 6.62
CA THR A 14 -36.38 14.25 5.73
C THR A 14 -35.08 14.15 6.57
N GLU A 15 -35.06 14.88 7.67
CA GLU A 15 -33.91 14.88 8.52
C GLU A 15 -33.57 13.48 8.94
N LYS A 16 -34.58 12.70 9.28
CA LYS A 16 -34.29 11.38 9.82
C LYS A 16 -33.80 10.43 8.71
N LEU A 17 -34.40 10.55 7.55
CA LEU A 17 -34.00 9.77 6.40
C LEU A 17 -32.62 10.17 5.90
N GLU A 18 -32.27 11.44 5.99
CA GLU A 18 -30.92 11.86 5.65
C GLU A 18 -29.89 11.12 6.50
N VAL A 19 -30.15 11.03 7.80
CA VAL A 19 -29.22 10.38 8.73
C VAL A 19 -29.02 8.97 8.29
N LEU A 20 -30.13 8.32 8.02
CA LEU A 20 -30.08 6.97 7.52
C LEU A 20 -29.38 6.85 6.18
N ALA A 21 -29.57 7.88 5.35
CA ALA A 21 -29.01 7.85 4.00
C ALA A 21 -27.47 7.92 4.08
N LYS A 22 -27.04 8.76 5.00
CA LYS A 22 -25.65 9.10 5.24
C LYS A 22 -24.96 7.85 5.66
N ALA A 23 -25.64 7.11 6.51
CA ALA A 23 -25.08 5.90 7.02
C ALA A 23 -24.82 4.87 5.98
N TYR A 24 -25.71 4.76 4.98
CA TYR A 24 -25.50 3.80 3.89
C TYR A 24 -24.39 4.26 2.96
N SER A 25 -24.32 5.57 2.81
CA SER A 25 -23.33 6.22 1.98
C SER A 25 -21.90 5.89 2.47
N VAL A 26 -21.60 6.18 3.72
CA VAL A 26 -20.26 5.86 4.27
C VAL A 26 -19.92 4.39 4.37
N GLN A 27 -20.93 3.54 4.39
CA GLN A 27 -20.67 2.12 4.39
C GLN A 27 -20.49 1.59 3.02
N GLY A 28 -20.72 2.43 2.03
CA GLY A 28 -20.41 2.03 0.67
C GLY A 28 -21.59 1.43 -0.08
N ASP A 29 -22.78 1.48 0.49
CA ASP A 29 -23.95 0.93 -0.22
C ASP A 29 -24.52 2.06 -1.04
N LYS A 30 -23.97 2.25 -2.23
CA LYS A 30 -24.24 3.49 -2.92
C LYS A 30 -25.61 3.52 -3.59
N TRP A 31 -26.04 2.41 -4.23
CA TRP A 31 -27.35 2.41 -4.89
C TRP A 31 -28.44 2.65 -3.91
N ARG A 32 -28.33 2.03 -2.75
CA ARG A 32 -29.29 2.31 -1.69
C ARG A 32 -29.21 3.77 -1.29
N ALA A 33 -28.00 4.29 -1.12
CA ALA A 33 -27.83 5.73 -0.83
C ALA A 33 -28.44 6.64 -1.89
N LEU A 34 -28.28 6.26 -3.14
CA LEU A 34 -28.92 6.94 -4.27
C LEU A 34 -30.47 6.96 -4.11
N GLY A 35 -31.06 5.79 -3.88
CA GLY A 35 -32.53 5.69 -3.67
C GLY A 35 -33.01 6.64 -2.58
N TYR A 36 -32.25 6.73 -1.49
CA TYR A 36 -32.69 7.59 -0.40
C TYR A 36 -32.63 9.03 -0.80
N ALA A 37 -31.54 9.39 -1.48
CA ALA A 37 -31.40 10.78 -1.87
C ALA A 37 -32.60 11.25 -2.70
N LYS A 38 -33.06 10.41 -3.62
CA LYS A 38 -34.13 10.81 -4.53
C LYS A 38 -35.46 10.91 -3.77
N ALA A 39 -35.71 9.89 -2.95
CA ALA A 39 -36.86 9.90 -2.08
C ALA A 39 -36.96 11.17 -1.32
N ILE A 40 -35.84 11.55 -0.76
CA ILE A 40 -35.75 12.72 0.09
C ILE A 40 -36.03 14.00 -0.67
N ASN A 41 -35.39 14.19 -1.82
CA ASN A 41 -35.73 15.40 -2.55
C ASN A 41 -37.23 15.45 -2.88
N ALA A 42 -37.77 14.33 -3.36
CA ALA A 42 -39.22 14.24 -3.66
C ALA A 42 -40.08 14.68 -2.46
N LEU A 43 -39.73 14.26 -1.24
CA LEU A 43 -40.50 14.71 -0.07
C LEU A 43 -40.41 16.18 0.18
N LYS A 44 -39.22 16.72 -0.04
CA LYS A 44 -39.01 18.13 0.11
C LYS A 44 -39.85 18.89 -0.91
N SER A 45 -40.06 18.32 -2.10
CA SER A 45 -40.78 19.03 -3.18
C SER A 45 -42.29 19.07 -2.95
N PHE A 46 -42.79 18.20 -2.09
CA PHE A 46 -44.24 17.94 -2.03
C PHE A 46 -45.10 19.10 -1.48
N HIS A 47 -46.21 19.38 -2.16
CA HIS A 47 -47.07 20.51 -1.79
C HIS A 47 -47.60 20.46 -0.36
N LYS A 48 -47.58 19.31 0.30
CA LYS A 48 -48.15 19.17 1.65
C LYS A 48 -47.49 18.10 2.52
N PRO A 49 -47.68 18.17 3.84
CA PRO A 49 -47.28 16.99 4.58
C PRO A 49 -47.89 15.74 3.99
N VAL A 50 -47.14 14.67 3.95
CA VAL A 50 -47.67 13.41 3.57
C VAL A 50 -48.58 12.92 4.68
N THR A 51 -49.73 12.36 4.33
CA THR A 51 -50.70 12.01 5.36
C THR A 51 -51.11 10.57 5.34
N SER A 52 -50.67 9.85 4.34
CA SER A 52 -51.04 8.46 4.25
C SER A 52 -49.97 7.74 3.47
N TYR A 53 -49.97 6.44 3.67
CA TYR A 53 -49.04 5.55 3.04
C TYR A 53 -49.23 5.64 1.55
N GLN A 54 -50.47 5.42 1.12
CA GLN A 54 -50.88 5.54 -0.27
C GLN A 54 -50.30 6.77 -0.95
N GLU A 55 -50.45 7.93 -0.34
CA GLU A 55 -50.04 9.21 -0.93
C GLU A 55 -48.51 9.18 -1.14
N ALA A 56 -47.82 8.52 -0.24
CA ALA A 56 -46.38 8.40 -0.24
C ALA A 56 -45.96 7.52 -1.41
N CYS A 57 -46.57 6.34 -1.52
CA CYS A 57 -46.27 5.47 -2.64
C CYS A 57 -46.54 6.10 -4.02
N SER A 58 -47.52 6.99 -4.08
CA SER A 58 -47.85 7.66 -5.30
C SER A 58 -46.75 8.58 -5.78
N ILE A 59 -45.92 9.09 -4.87
CA ILE A 59 -44.77 9.95 -5.20
C ILE A 59 -43.63 9.16 -5.89
N PRO A 60 -43.23 9.60 -7.10
CA PRO A 60 -42.07 8.99 -7.78
C PRO A 60 -40.78 9.07 -6.91
N GLY A 61 -40.07 7.99 -6.77
CA GLY A 61 -38.92 7.90 -5.88
C GLY A 61 -39.30 7.43 -4.49
N ILE A 62 -40.58 7.20 -4.23
CA ILE A 62 -41.02 6.63 -2.95
C ILE A 62 -41.84 5.37 -3.23
N GLY A 63 -41.35 4.25 -2.73
CA GLY A 63 -42.05 2.96 -2.80
C GLY A 63 -42.37 2.42 -1.40
N LYS A 64 -42.59 1.12 -1.33
CA LYS A 64 -43.15 0.47 -0.13
C LYS A 64 -42.28 0.69 1.12
N ARG A 65 -41.05 0.19 1.07
CA ARG A 65 -40.12 0.37 2.21
C ARG A 65 -39.97 1.84 2.68
N MET A 66 -39.86 2.76 1.74
CA MET A 66 -39.72 4.16 2.13
C MET A 66 -41.01 4.68 2.72
N ALA A 67 -42.13 4.31 2.10
CA ALA A 67 -43.46 4.62 2.70
C ALA A 67 -43.58 4.14 4.13
N GLU A 68 -43.23 2.89 4.40
CA GLU A 68 -43.33 2.36 5.78
C GLU A 68 -42.61 3.23 6.78
N LYS A 69 -41.40 3.64 6.43
CA LYS A 69 -40.58 4.49 7.27
C LYS A 69 -41.16 5.88 7.33
N ILE A 70 -41.60 6.41 6.20
CA ILE A 70 -42.23 7.71 6.26
C ILE A 70 -43.43 7.69 7.20
N ILE A 71 -44.27 6.69 7.07
CA ILE A 71 -45.50 6.74 7.86
C ILE A 71 -45.18 6.52 9.33
N GLU A 72 -44.52 5.41 9.60
CA GLU A 72 -43.94 5.20 10.90
C GLU A 72 -43.43 6.48 11.56
N ILE A 73 -42.68 7.32 10.85
CA ILE A 73 -42.24 8.57 11.47
C ILE A 73 -43.42 9.46 11.77
N LEU A 74 -44.25 9.70 10.78
CA LEU A 74 -45.38 10.62 10.90
C LEU A 74 -46.33 10.13 12.01
N GLU A 75 -46.60 8.83 12.05
CA GLU A 75 -47.53 8.29 13.07
C GLU A 75 -46.87 8.30 14.45
N SER A 76 -45.72 7.62 14.57
CA SER A 76 -44.99 7.39 15.84
C SER A 76 -43.91 8.41 16.21
N GLY A 77 -43.57 9.35 15.33
CA GLY A 77 -42.82 10.56 15.73
C GLY A 77 -41.30 10.51 15.69
N HIS A 78 -40.72 9.33 15.82
CA HIS A 78 -39.29 9.16 15.67
C HIS A 78 -39.18 7.99 14.74
N LEU A 79 -37.97 7.43 14.53
CA LEU A 79 -37.78 6.30 13.60
C LEU A 79 -36.85 5.22 14.13
N ARG A 80 -37.44 4.07 14.41
CA ARG A 80 -36.78 2.98 15.06
C ARG A 80 -35.35 2.80 14.58
N LYS A 81 -35.20 2.78 13.26
CA LYS A 81 -33.98 2.20 12.67
C LYS A 81 -32.72 3.00 12.92
N LEU A 82 -32.86 4.30 13.15
CA LEU A 82 -31.80 5.16 13.56
C LEU A 82 -31.09 4.70 14.83
N ASP A 83 -31.57 3.65 15.48
CA ASP A 83 -30.97 3.21 16.72
C ASP A 83 -30.32 1.90 16.51
N HIS A 84 -30.44 1.36 15.32
CA HIS A 84 -29.64 0.22 14.96
C HIS A 84 -28.50 0.58 14.02
N ILE A 85 -28.27 1.84 13.74
CA ILE A 85 -27.15 2.22 12.84
C ILE A 85 -25.81 1.70 13.38
N SER A 86 -25.09 0.91 12.60
CA SER A 86 -23.78 0.40 13.07
C SER A 86 -22.92 1.47 13.73
N GLU A 87 -22.12 1.07 14.71
CA GLU A 87 -21.36 2.06 15.51
C GLU A 87 -20.12 2.60 14.75
N SER A 88 -19.68 1.82 13.78
CA SER A 88 -18.56 2.18 12.93
C SER A 88 -18.89 3.46 12.15
N VAL A 89 -20.17 3.69 11.86
CA VAL A 89 -20.59 4.75 10.97
C VAL A 89 -19.94 6.12 11.22
N PRO A 90 -19.96 6.60 12.45
CA PRO A 90 -19.37 7.96 12.56
C PRO A 90 -17.83 7.98 12.31
N VAL A 91 -17.14 6.92 12.61
CA VAL A 91 -15.73 6.83 12.27
C VAL A 91 -15.65 6.78 10.75
N LEU A 92 -16.50 5.97 10.14
CA LEU A 92 -16.46 5.85 8.71
C LEU A 92 -16.73 7.20 8.04
N GLU A 93 -17.61 8.01 8.57
CA GLU A 93 -17.90 9.24 7.94
C GLU A 93 -16.65 10.07 8.16
N LEU A 94 -16.03 9.90 9.32
CA LEU A 94 -14.90 10.73 9.68
C LEU A 94 -13.77 10.56 8.66
N PHE A 95 -13.43 9.32 8.37
CA PHE A 95 -12.35 8.98 7.49
C PHE A 95 -12.66 9.30 6.02
N SER A 96 -13.84 8.93 5.52
CA SER A 96 -14.31 9.42 4.21
C SER A 96 -14.38 10.95 4.02
N ASN A 97 -14.41 11.69 5.10
CA ASN A 97 -14.27 13.17 4.97
C ASN A 97 -12.82 13.62 4.62
N ILE A 98 -11.87 12.68 4.67
CA ILE A 98 -10.53 12.98 4.17
C ILE A 98 -10.53 12.90 2.61
N TRP A 99 -10.12 13.99 2.00
CA TRP A 99 -10.08 14.08 0.52
C TRP A 99 -9.13 13.04 0.02
N GLY A 100 -9.62 12.21 -0.89
CA GLY A 100 -8.80 11.13 -1.44
C GLY A 100 -9.07 9.82 -0.75
N ALA A 101 -9.75 9.85 0.40
CA ALA A 101 -10.13 8.58 1.02
C ALA A 101 -11.65 8.31 0.87
N GLY A 102 -11.99 7.17 0.30
CA GLY A 102 -13.36 6.84 0.10
C GLY A 102 -13.75 5.73 1.04
N THR A 103 -14.84 5.05 0.71
CA THR A 103 -15.35 4.00 1.62
C THR A 103 -14.44 2.82 1.73
N LYS A 104 -13.80 2.40 0.65
CA LYS A 104 -12.84 1.31 0.81
C LYS A 104 -11.73 1.65 1.80
N THR A 105 -11.25 2.88 1.79
CA THR A 105 -10.08 3.23 2.58
C THR A 105 -10.56 3.35 3.98
N ALA A 106 -11.74 3.92 4.15
CA ALA A 106 -12.22 4.09 5.47
C ALA A 106 -12.49 2.70 6.06
N GLN A 107 -12.88 1.73 5.25
CA GLN A 107 -13.15 0.42 5.81
C GLN A 107 -11.86 -0.34 6.18
N MET A 108 -10.82 -0.21 5.37
CA MET A 108 -9.49 -0.72 5.65
C MET A 108 -8.98 -0.13 6.94
N TRP A 109 -9.09 1.18 7.11
CA TRP A 109 -8.61 1.83 8.31
C TRP A 109 -9.29 1.37 9.54
N TYR A 110 -10.59 1.10 9.41
CA TYR A 110 -11.38 0.68 10.53
C TYR A 110 -10.93 -0.70 10.99
N GLN A 111 -10.70 -1.57 10.01
CA GLN A 111 -10.33 -2.98 10.19
C GLN A 111 -8.91 -3.22 10.70
N GLN A 112 -8.13 -2.14 10.76
CA GLN A 112 -6.82 -2.10 11.36
C GLN A 112 -6.82 -1.20 12.61
N GLY A 113 -7.98 -0.73 13.04
CA GLY A 113 -8.12 -0.30 14.41
C GLY A 113 -8.10 1.16 14.66
N PHE A 114 -8.06 1.94 13.59
CA PHE A 114 -8.02 3.41 13.77
C PHE A 114 -9.42 3.93 13.99
N ARG A 115 -9.54 5.00 14.74
CA ARG A 115 -10.84 5.47 15.15
C ARG A 115 -10.86 6.96 15.28
N SER A 116 -9.71 7.59 15.11
CA SER A 116 -9.59 9.06 15.18
C SER A 116 -8.66 9.51 14.05
N LEU A 117 -8.59 10.80 13.87
CA LEU A 117 -7.66 11.38 12.96
C LEU A 117 -6.18 11.11 13.44
N GLU A 118 -5.97 10.98 14.77
CA GLU A 118 -4.65 10.69 15.30
C GLU A 118 -4.25 9.32 14.91
N ASP A 119 -5.15 8.36 14.98
CA ASP A 119 -4.74 7.03 14.57
C ASP A 119 -4.26 7.10 13.10
N ILE A 120 -4.94 7.93 12.29
CA ILE A 120 -4.56 8.12 10.88
C ILE A 120 -3.21 8.82 10.72
N ARG A 121 -3.09 10.08 11.13
CA ARG A 121 -1.82 10.78 11.20
C ARG A 121 -0.71 9.81 11.63
N SER A 122 -0.89 9.13 12.76
CA SER A 122 0.26 8.57 13.45
C SER A 122 0.57 7.15 13.02
N GLN A 123 -0.40 6.43 12.45
CA GLN A 123 -0.11 5.03 12.04
C GLN A 123 -0.59 4.54 10.67
N ALA A 124 -1.45 5.31 10.01
CA ALA A 124 -2.08 4.82 8.78
C ALA A 124 -1.13 5.04 7.64
N SER A 125 -1.16 4.15 6.64
CA SER A 125 -0.57 4.42 5.36
C SER A 125 -1.53 5.29 4.59
N LEU A 126 -0.99 6.40 4.09
CA LEU A 126 -1.69 7.45 3.40
C LEU A 126 -1.07 7.62 2.03
N THR A 127 -1.91 7.85 1.01
CA THR A 127 -1.43 8.18 -0.32
C THR A 127 -1.10 9.64 -0.18
N THR A 128 -0.48 10.16 -1.24
CA THR A 128 -0.08 11.54 -1.34
C THR A 128 -1.27 12.46 -1.19
N GLN A 129 -2.33 12.16 -1.92
CA GLN A 129 -3.55 12.95 -1.90
C GLN A 129 -4.19 12.98 -0.47
N GLN A 130 -4.30 11.81 0.16
CA GLN A 130 -4.83 11.62 1.52
C GLN A 130 -4.04 12.43 2.54
N ALA A 131 -2.71 12.43 2.38
CA ALA A 131 -1.88 13.27 3.29
C ALA A 131 -2.26 14.73 3.24
N ILE A 132 -2.49 15.20 2.04
CA ILE A 132 -2.90 16.57 1.91
C ILE A 132 -4.30 16.77 2.44
N GLY A 133 -5.17 15.79 2.19
CA GLY A 133 -6.57 15.94 2.60
C GLY A 133 -6.57 15.95 4.12
N LEU A 134 -5.74 15.11 4.72
CA LEU A 134 -5.70 15.03 6.17
C LEU A 134 -5.19 16.30 6.82
N LYS A 135 -4.14 16.89 6.26
CA LYS A 135 -3.62 18.08 6.88
C LYS A 135 -4.48 19.29 6.72
N HIS A 136 -5.32 19.30 5.68
CA HIS A 136 -6.28 20.38 5.54
C HIS A 136 -7.71 19.91 5.91
N TYR A 137 -7.82 18.84 6.68
CA TYR A 137 -9.11 18.25 7.06
C TYR A 137 -10.17 19.23 7.48
N SER A 138 -9.83 20.08 8.44
CA SER A 138 -10.76 21.09 8.92
C SER A 138 -11.06 22.13 7.88
N ASP A 139 -10.04 22.65 7.24
CA ASP A 139 -10.23 23.73 6.31
C ASP A 139 -11.19 23.28 5.20
N PHE A 140 -10.97 22.07 4.69
CA PHE A 140 -11.78 21.56 3.60
C PHE A 140 -13.18 21.18 4.02
N LEU A 141 -13.40 20.93 5.32
CA LEU A 141 -14.77 20.73 5.85
C LEU A 141 -15.59 22.01 5.86
N GLU A 142 -14.96 23.17 6.00
CA GLU A 142 -15.70 24.42 6.11
C GLU A 142 -16.11 24.96 4.75
N ARG A 143 -17.38 25.25 4.56
CA ARG A 143 -17.81 25.93 3.41
C ARG A 143 -17.36 27.33 3.52
N MET A 144 -17.11 28.00 2.41
CA MET A 144 -16.61 29.36 2.38
C MET A 144 -17.71 30.22 1.98
N PRO A 145 -17.67 31.50 2.33
CA PRO A 145 -18.72 32.38 1.89
C PRO A 145 -18.56 32.75 0.45
N ARG A 146 -19.66 33.11 -0.15
CA ARG A 146 -19.69 33.38 -1.54
C ARG A 146 -18.63 34.40 -1.95
N GLU A 147 -18.31 35.32 -1.05
CA GLU A 147 -17.37 36.39 -1.34
C GLU A 147 -15.89 35.92 -1.45
N GLU A 148 -15.49 34.97 -0.63
CA GLU A 148 -14.17 34.35 -0.77
C GLU A 148 -14.08 33.64 -2.19
N ALA A 149 -15.18 33.01 -2.62
CA ALA A 149 -15.19 32.32 -3.92
C ALA A 149 -14.99 33.25 -5.05
N THR A 150 -15.64 34.38 -4.97
CA THR A 150 -15.45 35.43 -5.95
C THR A 150 -13.96 35.83 -6.05
N GLU A 151 -13.24 36.04 -4.93
CA GLU A 151 -11.81 36.46 -5.00
C GLU A 151 -10.92 35.31 -5.50
N ILE A 152 -11.32 34.08 -5.19
CA ILE A 152 -10.53 32.96 -5.67
C ILE A 152 -10.57 32.96 -7.18
N GLU A 153 -11.77 33.10 -7.70
CA GLU A 153 -12.04 33.09 -9.11
C GLU A 153 -11.38 34.24 -9.83
N GLN A 154 -11.41 35.40 -9.22
CA GLN A 154 -10.78 36.58 -9.79
C GLN A 154 -9.26 36.37 -9.85
N THR A 155 -8.69 35.85 -8.81
CA THR A 155 -7.26 35.54 -8.78
C THR A 155 -6.93 34.67 -9.99
N VAL A 156 -7.78 33.69 -10.30
CA VAL A 156 -7.46 32.74 -11.39
C VAL A 156 -7.61 33.47 -12.72
N GLN A 157 -8.66 34.26 -12.81
CA GLN A 157 -8.99 34.99 -14.02
C GLN A 157 -7.95 36.03 -14.42
N LYS A 158 -7.45 36.76 -13.45
CA LYS A 158 -6.41 37.73 -13.67
C LYS A 158 -5.09 37.09 -14.10
N ALA A 159 -4.73 36.01 -13.42
CA ALA A 159 -3.52 35.26 -13.80
C ALA A 159 -3.68 34.74 -15.25
N ALA A 160 -4.88 34.28 -15.61
CA ALA A 160 -5.12 33.81 -16.98
C ALA A 160 -5.12 34.95 -17.96
N GLN A 161 -5.93 35.95 -17.71
CA GLN A 161 -6.03 37.09 -18.62
C GLN A 161 -4.73 37.88 -18.79
N ALA A 162 -3.82 37.79 -17.84
CA ALA A 162 -2.44 38.25 -18.06
C ALA A 162 -1.71 37.50 -19.18
N PHE A 163 -2.08 36.26 -19.50
CA PHE A 163 -1.39 35.58 -20.61
C PHE A 163 -2.13 35.84 -21.87
N ASN A 164 -3.45 35.89 -21.79
CA ASN A 164 -4.24 36.15 -22.94
C ASN A 164 -5.56 36.73 -22.52
N SER A 165 -5.76 37.99 -22.88
CA SER A 165 -6.87 38.78 -22.37
C SER A 165 -8.20 38.30 -22.92
N GLY A 166 -8.20 37.60 -24.05
CA GLY A 166 -9.43 37.00 -24.60
C GLY A 166 -9.90 35.72 -23.89
N LEU A 167 -9.12 35.21 -22.94
CA LEU A 167 -9.58 34.04 -22.16
C LEU A 167 -10.86 34.36 -21.41
N LEU A 168 -11.82 33.46 -21.51
CA LEU A 168 -13.02 33.53 -20.71
C LEU A 168 -12.87 32.63 -19.50
N CYS A 169 -13.10 33.21 -18.30
CA CYS A 169 -13.09 32.49 -17.01
C CYS A 169 -14.37 32.65 -16.26
N VAL A 170 -14.97 31.54 -15.88
CA VAL A 170 -16.21 31.60 -15.14
C VAL A 170 -16.24 30.61 -14.00
N ALA A 171 -16.78 31.07 -12.90
CA ALA A 171 -16.87 30.24 -11.74
C ALA A 171 -18.18 29.51 -11.88
N CYS A 172 -18.16 28.19 -11.66
CA CYS A 172 -19.36 27.39 -11.83
C CYS A 172 -19.79 26.75 -10.50
N GLY A 173 -20.27 25.52 -10.52
CA GLY A 173 -20.68 24.86 -9.27
C GLY A 173 -21.77 25.62 -8.53
N SER A 174 -21.81 25.45 -7.21
CA SER A 174 -22.76 26.16 -6.35
C SER A 174 -22.65 27.65 -6.51
N TYR A 175 -21.50 28.17 -6.94
CA TYR A 175 -21.39 29.59 -7.08
C TYR A 175 -22.32 30.07 -8.15
N ARG A 176 -22.27 29.40 -9.30
CA ARG A 176 -23.05 29.84 -10.42
C ARG A 176 -24.50 29.50 -10.14
N ARG A 177 -24.79 28.51 -9.29
CA ARG A 177 -26.21 28.28 -8.91
C ARG A 177 -26.67 29.25 -7.82
N GLY A 178 -25.90 30.29 -7.51
CA GLY A 178 -26.30 31.37 -6.60
C GLY A 178 -26.28 31.09 -5.11
N LYS A 179 -25.61 30.04 -4.66
CA LYS A 179 -25.53 29.75 -3.22
C LYS A 179 -24.74 30.80 -2.41
N ALA A 180 -24.94 30.76 -1.12
CA ALA A 180 -24.38 31.75 -0.21
C ALA A 180 -23.02 31.29 0.25
N THR A 181 -22.87 30.00 0.44
CA THR A 181 -21.58 29.41 0.70
C THR A 181 -21.22 28.38 -0.35
N CYS A 182 -19.90 28.09 -0.51
CA CYS A 182 -19.37 27.12 -1.51
C CYS A 182 -18.47 26.17 -0.83
N GLY A 183 -18.63 24.87 -1.09
CA GLY A 183 -17.67 23.87 -0.64
C GLY A 183 -16.29 23.99 -1.28
N ASP A 184 -16.28 24.35 -2.55
CA ASP A 184 -15.09 24.51 -3.35
C ASP A 184 -15.44 25.27 -4.61
N VAL A 185 -14.42 25.98 -5.07
CA VAL A 185 -14.50 26.74 -6.26
C VAL A 185 -14.16 25.96 -7.53
N ASP A 186 -15.02 26.15 -8.52
CA ASP A 186 -14.90 25.44 -9.84
C ASP A 186 -14.71 26.47 -10.95
N VAL A 187 -13.53 26.55 -11.58
CA VAL A 187 -13.32 27.57 -12.60
C VAL A 187 -13.22 26.92 -13.99
N LEU A 188 -14.00 27.40 -14.95
CA LEU A 188 -13.98 26.87 -16.29
C LEU A 188 -13.38 27.99 -17.16
N ILE A 189 -12.35 27.64 -17.95
CA ILE A 189 -11.60 28.56 -18.81
C ILE A 189 -11.73 28.09 -20.24
N THR A 190 -12.00 29.03 -21.15
CA THR A 190 -12.07 28.73 -22.56
C THR A 190 -11.61 30.01 -23.30
N HIS A 191 -11.68 30.03 -24.63
CA HIS A 191 -11.34 31.18 -25.45
C HIS A 191 -12.16 31.06 -26.71
N PRO A 192 -12.93 32.09 -27.07
CA PRO A 192 -13.84 32.03 -28.23
C PRO A 192 -13.22 31.76 -29.60
N ASP A 193 -11.91 31.90 -29.76
CA ASP A 193 -11.25 31.71 -31.07
C ASP A 193 -10.97 30.27 -31.39
N GLY A 194 -11.37 29.38 -30.47
CA GLY A 194 -11.25 27.94 -30.69
C GLY A 194 -9.85 27.37 -30.52
N ARG A 195 -8.83 28.17 -30.29
CA ARG A 195 -7.46 27.67 -30.32
C ARG A 195 -6.62 28.01 -29.11
N SER A 196 -6.80 29.22 -28.57
CA SER A 196 -5.79 29.72 -27.62
C SER A 196 -6.02 29.29 -26.21
N HIS A 197 -7.00 28.43 -25.98
CA HIS A 197 -7.04 27.68 -24.75
C HIS A 197 -5.89 26.69 -24.62
N ARG A 198 -5.30 26.27 -25.73
CA ARG A 198 -4.23 25.25 -25.73
C ARG A 198 -2.96 25.68 -24.96
N GLY A 199 -2.39 24.77 -24.15
CA GLY A 199 -1.13 25.02 -23.41
C GLY A 199 -1.17 25.95 -22.21
N ILE A 200 -2.37 26.41 -21.87
CA ILE A 200 -2.59 27.39 -20.82
C ILE A 200 -2.18 26.93 -19.42
N PHE A 201 -2.32 25.65 -19.14
CA PHE A 201 -2.16 25.18 -17.79
C PHE A 201 -0.74 25.34 -17.32
N SER A 202 0.19 25.08 -18.17
CA SER A 202 1.58 25.26 -17.76
C SER A 202 1.83 26.64 -17.22
N ARG A 203 1.35 27.60 -17.94
CA ARG A 203 1.66 28.93 -17.59
C ARG A 203 0.81 29.37 -16.38
N LEU A 204 -0.48 29.07 -16.42
CA LEU A 204 -1.39 29.48 -15.41
C LEU A 204 -0.95 28.91 -14.06
N LEU A 205 -0.69 27.62 -13.97
CA LEU A 205 -0.22 27.05 -12.71
C LEU A 205 1.09 27.63 -12.22
N ASP A 206 2.01 27.89 -13.14
CA ASP A 206 3.25 28.53 -12.75
C ASP A 206 2.99 29.92 -12.19
N SER A 207 2.17 30.71 -12.84
CA SER A 207 1.89 32.04 -12.32
CA SER A 207 1.84 32.04 -12.35
C SER A 207 1.23 31.90 -10.95
N LEU A 208 0.26 31.01 -10.80
CA LEU A 208 -0.46 30.88 -9.54
C LEU A 208 0.40 30.36 -8.42
N ARG A 209 1.43 29.60 -8.76
CA ARG A 209 2.42 29.14 -7.75
C ARG A 209 3.38 30.17 -7.28
N GLN A 210 3.74 31.07 -8.18
CA GLN A 210 4.79 32.02 -7.89
C GLN A 210 4.30 33.00 -6.87
N GLU A 211 3.04 33.39 -6.94
CA GLU A 211 2.50 34.37 -6.00
C GLU A 211 2.17 33.66 -4.68
N GLY A 212 2.29 32.34 -4.64
CA GLY A 212 2.04 31.53 -3.43
C GLY A 212 0.54 31.18 -3.25
N PHE A 213 -0.28 31.49 -4.25
CA PHE A 213 -1.71 31.18 -4.20
C PHE A 213 -2.02 29.64 -4.22
N LEU A 214 -1.33 28.84 -5.04
CA LEU A 214 -1.55 27.36 -4.95
C LEU A 214 -0.61 26.81 -3.91
N THR A 215 -1.11 26.00 -2.99
CA THR A 215 -0.26 25.44 -1.93
C THR A 215 -0.07 23.92 -2.04
N ASP A 216 -0.88 23.22 -2.82
CA ASP A 216 -0.73 21.77 -2.98
C ASP A 216 -1.54 21.35 -4.18
N ASP A 217 -1.10 20.28 -4.82
CA ASP A 217 -1.81 19.78 -5.98
C ASP A 217 -2.33 18.40 -5.68
N LEU A 218 -3.54 18.12 -6.12
CA LEU A 218 -4.12 16.79 -5.82
C LEU A 218 -4.18 15.88 -7.01
N VAL A 219 -4.74 16.41 -8.07
CA VAL A 219 -4.83 15.76 -9.37
C VAL A 219 -4.41 16.80 -10.41
N SER A 220 -3.25 16.58 -11.00
CA SER A 220 -2.74 17.51 -12.01
C SER A 220 -1.68 16.82 -12.83
N GLN A 221 -2.03 16.37 -14.04
CA GLN A 221 -1.05 15.59 -14.83
CA GLN A 221 -1.11 15.60 -14.86
C GLN A 221 -0.29 16.51 -15.76
N GLU A 222 0.77 17.04 -15.23
CA GLU A 222 1.51 18.12 -15.86
C GLU A 222 2.48 17.64 -16.89
N GLU A 223 2.58 16.31 -17.01
CA GLU A 223 3.37 15.66 -18.04
CA GLU A 223 3.37 15.67 -18.05
C GLU A 223 2.64 15.83 -19.36
N ASN A 224 1.33 16.08 -19.30
CA ASN A 224 0.48 16.11 -20.49
C ASN A 224 0.18 17.56 -20.90
N GLY A 225 0.68 17.95 -22.07
CA GLY A 225 0.39 19.26 -22.62
C GLY A 225 -1.09 19.46 -22.92
N GLN A 226 -1.84 18.39 -23.07
CA GLN A 226 -3.28 18.49 -23.28
C GLN A 226 -4.09 18.27 -21.97
N GLN A 227 -3.43 18.41 -20.83
CA GLN A 227 -4.11 18.40 -19.53
C GLN A 227 -5.46 19.19 -19.61
N GLN A 228 -6.50 18.60 -19.07
CA GLN A 228 -7.84 19.18 -19.07
C GLN A 228 -8.17 19.68 -17.67
N LYS A 229 -7.78 18.96 -16.64
CA LYS A 229 -8.14 19.41 -15.32
C LYS A 229 -7.07 19.52 -14.31
N TYR A 230 -7.33 20.44 -13.37
CA TYR A 230 -6.57 20.67 -12.20
C TYR A 230 -7.46 20.64 -10.95
N LEU A 231 -7.12 19.76 -10.03
CA LEU A 231 -7.72 19.75 -8.72
C LEU A 231 -6.61 19.97 -7.76
N GLY A 232 -6.71 21.05 -7.02
CA GLY A 232 -5.75 21.36 -6.00
C GLY A 232 -6.27 22.26 -4.87
N VAL A 233 -5.35 23.01 -4.30
CA VAL A 233 -5.56 23.71 -3.04
C VAL A 233 -5.02 25.10 -3.21
N CYS A 234 -5.83 26.08 -2.91
CA CYS A 234 -5.37 27.45 -2.90
C CYS A 234 -5.56 28.14 -1.53
N ARG A 235 -4.95 29.31 -1.41
CA ARG A 235 -5.12 30.12 -0.24
C ARG A 235 -4.91 31.60 -0.59
N LEU A 236 -5.91 32.42 -0.26
CA LEU A 236 -5.89 33.82 -0.61
C LEU A 236 -4.87 34.48 0.26
N PRO A 237 -4.34 35.62 -0.19
CA PRO A 237 -3.26 36.27 0.54
C PRO A 237 -3.86 36.99 1.75
N GLY A 238 -3.11 37.20 2.81
CA GLY A 238 -3.63 37.91 3.98
C GLY A 238 -3.74 37.06 5.21
N PRO A 239 -3.81 37.69 6.38
CA PRO A 239 -3.64 36.93 7.62
C PRO A 239 -4.83 36.09 7.89
N GLY A 240 -4.59 34.85 8.32
CA GLY A 240 -5.62 33.96 8.81
C GLY A 240 -6.49 33.27 7.76
N ARG A 241 -6.18 33.42 6.48
CA ARG A 241 -6.97 32.77 5.42
C ARG A 241 -6.93 31.25 5.49
N ARG A 242 -8.05 30.60 5.14
CA ARG A 242 -8.06 29.16 5.06
C ARG A 242 -7.55 28.68 3.68
N HIS A 243 -7.02 27.46 3.66
CA HIS A 243 -6.84 26.74 2.42
C HIS A 243 -8.19 26.26 1.87
N ARG A 244 -8.41 26.50 0.58
CA ARG A 244 -9.61 26.08 -0.10
C ARG A 244 -9.36 25.12 -1.26
N ARG A 245 -10.31 24.22 -1.52
CA ARG A 245 -10.29 23.40 -2.76
C ARG A 245 -10.63 24.20 -4.02
N LEU A 246 -9.79 24.08 -5.03
CA LEU A 246 -9.93 24.72 -6.35
C LEU A 246 -9.79 23.67 -7.44
N ASP A 247 -10.76 23.70 -8.34
CA ASP A 247 -10.86 22.89 -9.52
C ASP A 247 -10.84 23.87 -10.74
N ILE A 248 -9.96 23.63 -11.69
CA ILE A 248 -9.91 24.40 -12.94
C ILE A 248 -10.01 23.42 -14.10
N ILE A 249 -10.88 23.74 -15.06
CA ILE A 249 -10.93 23.04 -16.33
C ILE A 249 -10.69 24.03 -17.43
N VAL A 250 -9.95 23.58 -18.44
CA VAL A 250 -9.72 24.34 -19.66
C VAL A 250 -10.27 23.56 -20.81
N VAL A 251 -11.19 24.15 -21.56
CA VAL A 251 -11.91 23.45 -22.61
C VAL A 251 -11.90 24.23 -23.94
N PRO A 252 -12.07 23.50 -25.06
CA PRO A 252 -12.18 24.16 -26.33
C PRO A 252 -13.54 24.80 -26.40
N TYR A 253 -13.62 25.93 -27.09
CA TYR A 253 -14.82 26.70 -27.12
C TYR A 253 -15.96 25.89 -27.64
N SER A 254 -15.71 25.02 -28.60
CA SER A 254 -16.80 24.25 -29.13
C SER A 254 -17.47 23.34 -28.04
N GLU A 255 -16.74 23.09 -26.95
CA GLU A 255 -17.24 22.29 -25.84
C GLU A 255 -17.89 23.12 -24.76
N PHE A 256 -17.81 24.44 -24.87
CA PHE A 256 -18.22 25.34 -23.81
C PHE A 256 -19.58 25.04 -23.21
N ALA A 257 -20.61 24.86 -24.01
CA ALA A 257 -21.88 24.72 -23.44
C ALA A 257 -21.97 23.45 -22.62
N CYS A 258 -21.37 22.36 -23.11
CA CYS A 258 -21.52 21.14 -22.39
C CYS A 258 -20.66 21.16 -21.13
N ALA A 259 -19.54 21.87 -21.21
CA ALA A 259 -18.66 21.97 -20.11
C ALA A 259 -19.27 22.86 -19.04
N LEU A 260 -19.88 23.96 -19.44
CA LEU A 260 -20.63 24.85 -18.53
C LEU A 260 -21.74 24.10 -17.79
N LEU A 261 -22.50 23.32 -18.54
CA LEU A 261 -23.58 22.58 -17.94
C LEU A 261 -23.08 21.61 -16.85
N TYR A 262 -22.05 20.85 -17.22
CA TYR A 262 -21.47 19.85 -16.33
C TYR A 262 -20.91 20.54 -15.09
N PHE A 263 -20.15 21.55 -15.28
CA PHE A 263 -19.46 22.17 -14.20
C PHE A 263 -20.36 23.00 -13.31
N THR A 264 -21.47 23.49 -13.83
CA THR A 264 -22.47 24.14 -13.00
C THR A 264 -23.17 23.14 -12.11
N GLY A 265 -23.36 21.92 -12.59
CA GLY A 265 -24.09 20.92 -11.86
C GLY A 265 -25.54 21.28 -11.59
N SER A 266 -26.14 20.77 -10.52
CA SER A 266 -25.52 19.90 -9.55
C SER A 266 -25.25 18.52 -10.11
N ALA A 267 -24.53 17.77 -9.31
CA ALA A 267 -24.31 16.36 -9.60
C ALA A 267 -25.59 15.55 -9.92
N HIS A 268 -26.56 15.58 -9.03
CA HIS A 268 -27.85 14.90 -9.34
C HIS A 268 -28.55 15.41 -10.57
N PHE A 269 -28.46 16.71 -10.81
CA PHE A 269 -29.01 17.29 -12.00
C PHE A 269 -28.31 16.71 -13.20
N ASN A 270 -26.97 16.66 -13.17
CA ASN A 270 -26.22 16.16 -14.34
C ASN A 270 -26.50 14.65 -14.62
N ARG A 271 -26.59 13.85 -13.57
CA ARG A 271 -26.95 12.43 -13.72
C ARG A 271 -28.31 12.22 -14.41
N SER A 272 -29.30 12.95 -13.94
CA SER A 272 -30.62 12.86 -14.51
C SER A 272 -30.62 13.35 -15.95
N MET A 273 -29.90 14.42 -16.25
CA MET A 273 -29.81 14.88 -17.64
C MET A 273 -29.21 13.81 -18.54
N ARG A 274 -28.19 13.16 -18.00
CA ARG A 274 -27.48 12.14 -18.72
C ARG A 274 -28.36 10.93 -18.89
N ALA A 275 -28.96 10.43 -17.83
CA ALA A 275 -29.96 9.35 -18.03
C ALA A 275 -31.08 9.74 -18.97
N LEU A 276 -31.47 11.00 -19.03
CA LEU A 276 -32.52 11.37 -20.03
C LEU A 276 -32.01 11.22 -21.46
N ALA A 277 -30.81 11.72 -21.70
CA ALA A 277 -30.18 11.66 -23.00
C ALA A 277 -30.11 10.24 -23.47
N LYS A 278 -29.72 9.33 -22.61
CA LYS A 278 -29.64 7.91 -22.99
C LYS A 278 -31.04 7.31 -23.31
N THR A 279 -32.09 7.69 -22.58
CA THR A 279 -33.42 7.21 -22.94
C THR A 279 -33.74 7.63 -24.35
N LYS A 280 -33.18 8.73 -24.83
CA LYS A 280 -33.49 9.21 -26.20
C LYS A 280 -32.44 8.91 -27.22
N GLY A 281 -31.69 7.85 -27.03
CA GLY A 281 -30.71 7.45 -27.99
C GLY A 281 -29.56 8.41 -28.14
N MET A 282 -29.31 9.21 -27.09
CA MET A 282 -28.16 10.10 -27.12
C MET A 282 -27.18 9.78 -26.00
N SER A 283 -26.08 10.52 -25.97
CA SER A 283 -25.17 10.47 -24.82
C SER A 283 -24.68 11.83 -24.50
N LEU A 284 -24.78 12.24 -23.22
CA LEU A 284 -24.41 13.58 -22.72
C LEU A 284 -23.16 13.50 -21.83
N SER A 285 -22.11 14.19 -22.25
CA SER A 285 -20.91 14.28 -21.44
C SER A 285 -20.52 15.73 -21.31
N GLU A 286 -19.48 15.95 -20.51
CA GLU A 286 -18.87 17.24 -20.35
C GLU A 286 -18.25 17.76 -21.63
N HIS A 287 -17.99 16.87 -22.60
CA HIS A 287 -17.45 17.25 -23.93
C HIS A 287 -18.52 17.55 -24.90
N ALA A 288 -19.59 16.76 -24.89
CA ALA A 288 -20.60 16.95 -25.94
C ALA A 288 -21.86 16.21 -25.67
N LEU A 289 -22.88 16.61 -26.41
CA LEU A 289 -24.10 15.82 -26.57
C LEU A 289 -24.02 15.13 -27.92
N SER A 290 -24.27 13.84 -27.91
CA SER A 290 -24.06 13.01 -29.06
C SER A 290 -25.26 12.12 -29.31
N THR A 291 -25.74 12.09 -30.56
CA THR A 291 -26.71 11.08 -31.02
C THR A 291 -25.88 9.87 -31.29
N ALA A 292 -25.56 9.16 -30.22
CA ALA A 292 -24.67 8.03 -30.22
C ALA A 292 -25.50 6.83 -29.82
N VAL A 293 -25.11 5.65 -30.30
CA VAL A 293 -25.84 4.45 -29.92
C VAL A 293 -25.02 3.16 -30.09
N VAL A 294 -25.51 2.13 -29.38
CA VAL A 294 -24.89 0.81 -29.26
C VAL A 294 -25.17 -0.02 -30.52
N ARG A 295 -24.55 -1.20 -30.61
CA ARG A 295 -24.86 -2.26 -31.61
C ARG A 295 -23.67 -3.19 -31.67
N ASN A 296 -23.84 -4.46 -31.31
CA ASN A 296 -22.72 -5.40 -31.24
C ASN A 296 -23.14 -6.85 -31.47
N THR A 297 -23.43 -7.14 -32.74
CA THR A 297 -23.63 -8.52 -33.21
C THR A 297 -24.02 -9.50 -32.09
N HIS A 298 -25.29 -9.50 -31.73
CA HIS A 298 -25.79 -10.29 -30.59
C HIS A 298 -25.18 -9.70 -29.27
N GLY A 299 -25.52 -8.43 -29.00
CA GLY A 299 -24.99 -7.70 -27.85
C GLY A 299 -24.97 -6.19 -28.12
N CYS A 300 -24.26 -5.44 -27.28
CA CYS A 300 -24.15 -3.97 -27.39
C CYS A 300 -22.70 -3.51 -27.19
N LYS A 301 -22.40 -2.23 -27.48
CA LYS A 301 -21.02 -1.73 -27.40
C LYS A 301 -20.82 -0.20 -27.60
N VAL A 302 -19.66 0.09 -28.18
CA VAL A 302 -19.34 1.41 -28.70
C VAL A 302 -19.80 1.59 -30.18
N GLY A 303 -20.74 2.51 -30.37
CA GLY A 303 -20.91 3.25 -31.62
C GLY A 303 -20.82 4.74 -31.31
N PRO A 304 -19.57 5.31 -31.23
CA PRO A 304 -19.39 6.75 -30.88
C PRO A 304 -20.03 7.56 -31.97
N GLY A 305 -21.11 8.24 -31.63
CA GLY A 305 -22.11 8.52 -32.64
C GLY A 305 -22.26 9.95 -33.07
N ARG A 306 -21.23 10.73 -32.94
CA ARG A 306 -21.28 12.04 -33.60
C ARG A 306 -21.95 13.13 -32.77
N VAL A 307 -21.23 14.23 -32.66
CA VAL A 307 -21.58 15.24 -31.73
C VAL A 307 -22.66 16.10 -32.38
N LEU A 308 -23.70 16.45 -31.63
CA LEU A 308 -24.58 17.53 -32.04
C LEU A 308 -24.00 18.86 -31.58
N PRO A 309 -23.88 19.85 -32.46
CA PRO A 309 -23.36 21.16 -32.03
C PRO A 309 -24.34 21.87 -31.12
N THR A 310 -23.82 22.41 -30.03
CA THR A 310 -24.65 22.98 -28.97
C THR A 310 -23.95 24.24 -28.58
N PRO A 311 -24.26 25.34 -29.26
CA PRO A 311 -23.43 26.51 -28.97
C PRO A 311 -23.72 27.10 -27.62
N THR A 312 -24.87 26.78 -27.04
CA THR A 312 -25.24 27.28 -25.75
C THR A 312 -25.98 26.21 -24.98
N GLU A 313 -26.15 26.45 -23.70
CA GLU A 313 -26.80 25.52 -22.81
C GLU A 313 -28.24 25.28 -23.24
N LYS A 314 -28.91 26.33 -23.71
CA LYS A 314 -30.30 26.26 -24.26
C LYS A 314 -30.44 25.20 -25.34
N ASP A 315 -29.44 25.10 -26.20
CA ASP A 315 -29.41 24.06 -27.22
C ASP A 315 -29.42 22.65 -26.64
N VAL A 316 -28.67 22.43 -25.58
CA VAL A 316 -28.66 21.14 -24.96
C VAL A 316 -30.02 20.77 -24.35
N PHE A 317 -30.64 21.72 -23.69
CA PHE A 317 -32.00 21.54 -23.13
C PHE A 317 -33.01 21.21 -24.26
N ARG A 318 -32.98 22.04 -25.31
CA ARG A 318 -33.88 21.90 -26.46
C ARG A 318 -33.76 20.52 -27.03
N LEU A 319 -32.55 20.09 -27.37
CA LEU A 319 -32.33 18.76 -27.91
C LEU A 319 -32.71 17.63 -26.96
N LEU A 320 -32.97 17.89 -25.68
CA LEU A 320 -33.45 16.81 -24.83
C LEU A 320 -34.94 16.95 -24.54
N GLY A 321 -35.62 17.88 -25.20
CA GLY A 321 -37.05 18.06 -24.96
C GLY A 321 -37.39 18.93 -23.75
N LEU A 322 -36.39 19.59 -23.18
CA LEU A 322 -36.64 20.31 -21.94
C LEU A 322 -36.57 21.79 -22.20
N PRO A 323 -37.20 22.56 -21.31
CA PRO A 323 -37.02 24.01 -21.30
C PRO A 323 -35.71 24.36 -20.54
N TYR A 324 -35.04 25.45 -20.89
CA TYR A 324 -33.89 25.96 -20.18
C TYR A 324 -34.17 26.07 -18.69
N ARG A 325 -33.21 25.66 -17.88
CA ARG A 325 -33.34 25.73 -16.47
C ARG A 325 -32.27 26.69 -16.03
N GLU A 326 -32.70 27.69 -15.25
CA GLU A 326 -31.80 28.69 -14.69
C GLU A 326 -30.82 28.00 -13.74
N PRO A 327 -29.56 28.43 -13.69
CA PRO A 327 -28.63 27.67 -12.80
C PRO A 327 -29.11 27.56 -11.38
N ALA A 328 -29.74 28.62 -10.84
CA ALA A 328 -30.30 28.49 -9.47
C ALA A 328 -31.33 27.36 -9.32
N GLU A 329 -31.94 26.88 -10.40
CA GLU A 329 -32.97 25.88 -10.26
C GLU A 329 -32.50 24.50 -10.67
N ARG A 330 -31.19 24.33 -10.69
CA ARG A 330 -30.57 23.08 -11.05
C ARG A 330 -30.08 22.22 -9.89
N ASP A 331 -30.83 22.24 -8.81
CA ASP A 331 -30.58 21.32 -7.71
C ASP A 331 -30.93 19.87 -8.11
N TRP A 332 -32.09 19.69 -8.71
CA TRP A 332 -32.58 18.38 -9.10
C TRP A 332 -33.36 18.57 -10.35
N LEU A 333 -33.31 17.59 -11.26
CA LEU A 333 -34.04 17.78 -12.53
C LEU A 333 -35.53 17.61 -12.28
N GLU A 334 -35.88 16.61 -11.49
CA GLU A 334 -37.26 16.30 -11.21
C GLU A 334 -37.97 17.33 -10.26
N HIS A 335 -37.23 18.30 -9.77
CA HIS A 335 -37.80 19.39 -9.01
C HIS A 335 -38.15 20.57 -9.92
N HIS A 336 -39.44 20.88 -10.01
CA HIS A 336 -39.93 22.00 -10.82
C HIS A 336 -40.40 23.11 -9.87
N HIS A 337 -39.71 24.25 -9.93
CA HIS A 337 -39.84 25.31 -8.93
C HIS A 337 -41.06 26.21 -9.11
N HIS A 338 -41.84 26.01 -10.18
CA HIS A 338 -42.64 27.10 -10.75
C HIS A 338 -41.55 28.11 -11.21
N HIS A 339 -41.38 29.26 -10.53
CA HIS A 339 -40.25 30.20 -10.81
C HIS A 339 -39.84 31.04 -9.60
N ALA E 6 -29.43 -8.23 36.65
CA ALA E 6 -29.24 -9.72 36.84
C ALA E 6 -28.78 -10.07 38.26
N THR E 7 -29.53 -10.94 38.93
CA THR E 7 -29.23 -11.34 40.31
C THR E 7 -29.22 -12.89 40.42
N ASN E 8 -28.93 -13.41 41.62
CA ASN E 8 -28.80 -14.85 41.84
C ASN E 8 -30.01 -15.43 42.51
N HIS E 9 -30.80 -16.21 41.78
CA HIS E 9 -32.03 -16.79 42.32
C HIS E 9 -31.86 -18.13 43.02
N ASN E 10 -30.65 -18.66 42.97
CA ASN E 10 -30.33 -19.98 43.50
C ASN E 10 -29.18 -20.01 44.50
N LEU E 11 -29.09 -18.93 45.26
CA LEU E 11 -28.09 -18.81 46.30
C LEU E 11 -28.15 -19.94 47.32
N HIS E 12 -29.32 -20.37 47.67
CA HIS E 12 -29.45 -21.48 48.58
C HIS E 12 -28.85 -22.80 48.09
N ILE E 13 -28.78 -22.98 46.78
CA ILE E 13 -28.05 -24.13 46.14
C ILE E 13 -26.56 -23.84 46.00
N THR E 14 -26.27 -22.67 45.42
CA THR E 14 -24.90 -22.31 45.14
C THR E 14 -23.99 -22.18 46.37
N GLU E 15 -24.50 -21.72 47.50
CA GLU E 15 -23.64 -21.58 48.68
C GLU E 15 -23.22 -22.95 49.18
N LYS E 16 -24.11 -23.93 49.09
CA LYS E 16 -23.77 -25.31 49.47
C LYS E 16 -22.77 -25.96 48.51
N LEU E 17 -23.04 -25.83 47.22
CA LEU E 17 -22.15 -26.42 46.22
C LEU E 17 -20.75 -25.85 46.36
N GLU E 18 -20.65 -24.57 46.74
CA GLU E 18 -19.35 -23.88 46.80
C GLU E 18 -18.49 -24.50 47.87
N VAL E 19 -19.09 -24.90 48.98
CA VAL E 19 -18.32 -25.58 50.02
C VAL E 19 -17.68 -26.83 49.47
N LEU E 20 -18.43 -27.58 48.68
CA LEU E 20 -17.93 -28.82 48.09
C LEU E 20 -16.87 -28.55 47.00
N ALA E 21 -17.09 -27.53 46.18
CA ALA E 21 -16.11 -27.12 45.19
C ALA E 21 -14.81 -26.70 45.88
N LYS E 22 -14.93 -26.07 47.04
CA LYS E 22 -13.74 -25.62 47.74
C LYS E 22 -12.99 -26.82 48.33
N ALA E 23 -13.73 -27.80 48.78
CA ALA E 23 -13.11 -28.95 49.39
C ALA E 23 -12.31 -29.77 48.35
N TYR E 24 -12.89 -30.02 47.19
CA TYR E 24 -12.15 -30.65 46.13
C TYR E 24 -11.00 -29.76 45.65
N SER E 25 -11.20 -28.46 45.57
CA SER E 25 -10.11 -27.62 45.17
C SER E 25 -8.91 -27.72 46.11
N VAL E 26 -9.09 -27.45 47.40
CA VAL E 26 -7.92 -27.50 48.33
C VAL E 26 -7.24 -28.86 48.41
N GLN E 27 -7.98 -29.93 48.07
CA GLN E 27 -7.46 -31.30 48.02
C GLN E 27 -6.79 -31.65 46.71
N GLY E 28 -6.64 -30.68 45.83
CA GLY E 28 -5.91 -30.95 44.60
C GLY E 28 -6.78 -31.44 43.45
N ASP E 29 -8.07 -31.76 43.67
CA ASP E 29 -8.87 -32.36 42.60
C ASP E 29 -9.41 -31.28 41.71
N LYS E 30 -8.55 -30.75 40.86
CA LYS E 30 -8.81 -29.44 40.20
C LYS E 30 -9.89 -29.55 39.15
N TRP E 31 -10.00 -30.65 38.45
CA TRP E 31 -10.92 -30.63 37.29
C TRP E 31 -12.32 -30.84 37.78
N ARG E 32 -12.49 -31.69 38.75
CA ARG E 32 -13.75 -31.76 39.47
C ARG E 32 -14.20 -30.37 40.04
N ALA E 33 -13.28 -29.63 40.70
CA ALA E 33 -13.58 -28.27 41.21
C ALA E 33 -14.02 -27.34 40.12
N LEU E 34 -13.34 -27.40 38.98
CA LEU E 34 -13.69 -26.59 37.84
C LEU E 34 -15.13 -26.90 37.33
N GLY E 35 -15.49 -28.18 37.27
CA GLY E 35 -16.86 -28.53 36.92
C GLY E 35 -17.87 -28.01 37.92
N TYR E 36 -17.58 -28.11 39.21
CA TYR E 36 -18.46 -27.44 40.18
C TYR E 36 -18.56 -25.94 39.90
N ALA E 37 -17.40 -25.33 39.66
CA ALA E 37 -17.34 -23.90 39.50
C ALA E 37 -18.20 -23.49 38.34
N LYS E 38 -18.09 -24.23 37.25
CA LYS E 38 -18.92 -23.92 36.08
C LYS E 38 -20.43 -24.09 36.36
N ALA E 39 -20.79 -25.13 37.09
CA ALA E 39 -22.19 -25.38 37.45
C ALA E 39 -22.70 -24.27 38.35
N ILE E 40 -21.89 -23.91 39.35
CA ILE E 40 -22.25 -22.84 40.28
C ILE E 40 -22.58 -21.62 39.47
N ASN E 41 -21.73 -21.25 38.56
CA ASN E 41 -21.97 -20.05 37.74
C ASN E 41 -23.15 -20.13 36.84
N ALA E 42 -23.45 -21.32 36.36
CA ALA E 42 -24.61 -21.46 35.53
C ALA E 42 -25.83 -21.25 36.40
N LEU E 43 -25.84 -21.82 37.60
CA LEU E 43 -26.97 -21.56 38.47
C LEU E 43 -27.12 -20.07 38.79
N LYS E 44 -25.98 -19.37 38.94
CA LYS E 44 -26.02 -17.95 39.30
C LYS E 44 -26.65 -17.15 38.20
N SER E 45 -26.44 -17.58 36.96
CA SER E 45 -26.91 -16.82 35.87
C SER E 45 -28.27 -17.28 35.45
N PHE E 46 -28.79 -18.38 35.99
CA PHE E 46 -30.12 -18.83 35.54
C PHE E 46 -31.14 -17.75 35.90
N HIS E 47 -32.19 -17.62 35.07
CA HIS E 47 -33.18 -16.51 35.21
C HIS E 47 -34.22 -16.67 36.36
N LYS E 48 -34.31 -17.83 36.99
CA LYS E 48 -35.30 -18.04 38.05
C LYS E 48 -34.78 -19.09 39.03
N PRO E 49 -35.43 -19.25 40.19
CA PRO E 49 -35.03 -20.37 41.02
C PRO E 49 -35.29 -21.69 40.29
N VAL E 50 -34.31 -22.59 40.31
CA VAL E 50 -34.52 -23.98 39.78
C VAL E 50 -35.47 -24.73 40.75
N THR E 51 -36.50 -25.36 40.22
CA THR E 51 -37.48 -26.06 41.01
C THR E 51 -37.59 -27.56 40.68
N SER E 52 -36.89 -28.08 39.68
CA SER E 52 -36.95 -29.53 39.42
C SER E 52 -35.68 -30.10 38.87
N TYR E 53 -35.62 -31.42 38.86
CA TYR E 53 -34.50 -32.13 38.32
C TYR E 53 -34.33 -31.90 36.85
N GLN E 54 -35.43 -32.02 36.14
CA GLN E 54 -35.43 -31.85 34.72
C GLN E 54 -35.06 -30.40 34.39
N GLU E 55 -35.61 -29.43 35.11
CA GLU E 55 -35.19 -28.04 34.88
C GLU E 55 -33.67 -27.92 35.06
N ALA E 56 -33.14 -28.53 36.10
CA ALA E 56 -31.69 -28.45 36.30
C ALA E 56 -30.92 -29.01 35.10
N CYS E 57 -31.35 -30.16 34.61
CA CYS E 57 -30.68 -30.84 33.47
C CYS E 57 -30.76 -30.03 32.20
N SER E 58 -31.80 -29.22 32.09
CA SER E 58 -31.90 -28.32 30.97
C SER E 58 -30.77 -27.27 30.91
N ILE E 59 -29.92 -27.14 31.95
CA ILE E 59 -28.93 -26.02 32.01
C ILE E 59 -27.48 -26.44 31.68
N PRO E 60 -26.90 -25.81 30.62
CA PRO E 60 -25.55 -26.15 30.21
C PRO E 60 -24.70 -25.99 31.40
N GLY E 61 -23.83 -26.95 31.65
CA GLY E 61 -23.00 -26.96 32.83
C GLY E 61 -23.57 -27.81 33.95
N ILE E 62 -24.85 -28.15 33.87
CA ILE E 62 -25.40 -29.10 34.81
C ILE E 62 -25.74 -30.41 34.11
N GLY E 63 -25.23 -31.47 34.69
CA GLY E 63 -25.53 -32.83 34.27
C GLY E 63 -26.28 -33.57 35.33
N LYS E 64 -26.48 -34.86 35.07
CA LYS E 64 -27.19 -35.77 35.95
C LYS E 64 -26.78 -35.64 37.39
N ARG E 65 -25.47 -35.62 37.62
CA ARG E 65 -24.96 -35.68 39.00
C ARG E 65 -25.14 -34.36 39.76
N MET E 66 -24.95 -33.24 39.08
CA MET E 66 -25.16 -31.94 39.72
C MET E 66 -26.69 -31.80 39.98
N ALA E 67 -27.49 -32.24 39.03
CA ALA E 67 -28.94 -32.23 39.21
C ALA E 67 -29.40 -33.06 40.41
N GLU E 68 -28.77 -34.21 40.63
CA GLU E 68 -29.08 -35.04 41.82
C GLU E 68 -28.83 -34.22 43.09
N LYS E 69 -27.77 -33.44 43.11
CA LYS E 69 -27.42 -32.73 44.35
C LYS E 69 -28.36 -31.60 44.53
N ILE E 70 -28.72 -30.98 43.44
CA ILE E 70 -29.62 -29.84 43.48
C ILE E 70 -31.03 -30.24 43.97
N ILE E 71 -31.57 -31.36 43.42
CA ILE E 71 -32.87 -31.91 43.86
C ILE E 71 -32.83 -32.33 45.33
N GLU E 72 -31.73 -32.92 45.78
CA GLU E 72 -31.60 -33.19 47.21
C GLU E 72 -31.67 -31.92 48.07
N ILE E 73 -30.94 -30.88 47.67
CA ILE E 73 -31.01 -29.61 48.41
C ILE E 73 -32.45 -29.05 48.44
N LEU E 74 -33.08 -28.98 47.26
CA LEU E 74 -34.49 -28.55 47.11
C LEU E 74 -35.47 -29.29 47.97
N GLU E 75 -35.32 -30.62 48.04
CA GLU E 75 -36.27 -31.46 48.80
C GLU E 75 -35.99 -31.48 50.28
N SER E 76 -34.75 -31.32 50.68
CA SER E 76 -34.40 -31.54 52.09
C SER E 76 -33.86 -30.30 52.81
N GLY E 77 -33.42 -29.30 52.06
CA GLY E 77 -32.68 -28.19 52.64
C GLY E 77 -31.24 -28.53 52.99
N HIS E 78 -30.75 -29.70 52.60
CA HIS E 78 -29.37 -30.06 52.88
C HIS E 78 -28.70 -30.86 51.78
N LEU E 79 -27.38 -30.96 51.90
CA LEU E 79 -26.60 -31.82 51.05
C LEU E 79 -25.81 -32.71 51.97
N ARG E 80 -26.20 -33.97 52.04
CA ARG E 80 -25.67 -34.87 53.06
C ARG E 80 -24.16 -34.98 52.92
N LYS E 81 -23.73 -35.07 51.68
CA LYS E 81 -22.33 -35.13 51.31
C LYS E 81 -21.42 -34.11 52.05
N LEU E 82 -21.96 -32.93 52.39
CA LEU E 82 -21.22 -31.92 53.16
C LEU E 82 -20.88 -32.40 54.57
N ASP E 83 -21.61 -33.40 55.04
CA ASP E 83 -21.28 -34.00 56.32
C ASP E 83 -20.15 -34.98 56.24
N HIS E 84 -19.63 -35.20 55.04
CA HIS E 84 -18.64 -36.25 54.81
C HIS E 84 -17.36 -35.76 54.22
N ILE E 85 -17.16 -34.45 54.21
CA ILE E 85 -15.88 -33.84 53.89
C ILE E 85 -14.77 -34.33 54.85
N SER E 86 -13.64 -34.72 54.28
CA SER E 86 -12.46 -35.02 55.08
C SER E 86 -12.21 -33.95 56.15
N GLU E 87 -11.72 -34.39 57.30
CA GLU E 87 -11.40 -33.51 58.44
C GLU E 87 -10.21 -32.59 58.15
N SER E 88 -9.37 -33.05 57.23
CA SER E 88 -8.25 -32.30 56.78
C SER E 88 -8.61 -31.05 56.03
N VAL E 89 -9.77 -31.04 55.39
CA VAL E 89 -10.07 -29.99 54.44
C VAL E 89 -9.88 -28.61 55.07
N PRO E 90 -10.43 -28.38 56.25
CA PRO E 90 -10.30 -27.03 56.82
C PRO E 90 -8.86 -26.58 57.08
N VAL E 91 -8.00 -27.53 57.42
CA VAL E 91 -6.61 -27.25 57.62
C VAL E 91 -5.96 -26.93 56.29
N LEU E 92 -6.27 -27.72 55.28
CA LEU E 92 -5.76 -27.46 53.98
C LEU E 92 -6.17 -26.09 53.46
N GLU E 93 -7.39 -25.68 53.77
CA GLU E 93 -7.85 -24.36 53.39
C GLU E 93 -7.06 -23.32 54.18
N LEU E 94 -6.91 -23.56 55.46
CA LEU E 94 -6.13 -22.63 56.29
C LEU E 94 -4.76 -22.39 55.67
N PHE E 95 -4.07 -23.47 55.31
CA PHE E 95 -2.72 -23.28 54.82
C PHE E 95 -2.69 -22.61 53.45
N SER E 96 -3.59 -22.97 52.54
CA SER E 96 -3.52 -22.37 51.20
C SER E 96 -4.12 -20.96 51.17
N ASN E 97 -4.76 -20.54 52.24
CA ASN E 97 -5.03 -19.11 52.39
C ASN E 97 -3.79 -18.28 52.64
N ILE E 98 -2.61 -18.91 52.81
CA ILE E 98 -1.35 -18.15 52.84
C ILE E 98 -0.97 -17.88 51.40
N TRP E 99 -0.68 -16.61 51.12
CA TRP E 99 -0.37 -16.21 49.77
C TRP E 99 0.97 -16.82 49.42
N GLY E 100 0.97 -17.58 48.35
CA GLY E 100 2.21 -18.18 47.86
C GLY E 100 2.23 -19.66 48.16
N ALA E 101 1.30 -20.11 49.02
CA ALA E 101 1.14 -21.53 49.38
C ALA E 101 -0.11 -22.09 48.66
N GLY E 102 0.03 -23.20 47.94
CA GLY E 102 -1.07 -23.77 47.15
C GLY E 102 -1.40 -25.13 47.70
N THR E 103 -2.11 -25.94 46.92
CA THR E 103 -2.53 -27.25 47.40
C THR E 103 -1.33 -28.13 47.69
N LYS E 104 -0.28 -28.03 46.88
CA LYS E 104 0.88 -28.91 47.11
C LYS E 104 1.56 -28.60 48.45
N THR E 105 1.96 -27.34 48.60
CA THR E 105 2.55 -26.90 49.82
C THR E 105 1.68 -27.28 50.98
N ALA E 106 0.40 -26.98 50.89
CA ALA E 106 -0.50 -27.26 52.03
C ALA E 106 -0.58 -28.76 52.38
N GLN E 107 -0.65 -29.60 51.34
CA GLN E 107 -0.64 -31.05 51.54
C GLN E 107 0.65 -31.45 52.21
N MET E 108 1.80 -31.10 51.61
CA MET E 108 3.10 -31.39 52.25
C MET E 108 3.10 -31.01 53.74
N TRP E 109 2.65 -29.80 54.06
CA TRP E 109 2.64 -29.42 55.46
C TRP E 109 1.73 -30.28 56.30
N TYR E 110 0.59 -30.63 55.74
CA TYR E 110 -0.37 -31.45 56.44
C TYR E 110 0.26 -32.78 56.76
N GLN E 111 1.02 -33.28 55.80
CA GLN E 111 1.63 -34.61 55.88
C GLN E 111 2.79 -34.65 56.86
N GLN E 112 3.44 -33.52 57.10
CA GLN E 112 4.41 -33.45 58.20
C GLN E 112 3.70 -33.30 59.52
N GLY E 113 2.37 -33.25 59.49
CA GLY E 113 1.63 -33.22 60.75
C GLY E 113 1.35 -31.82 61.19
N PHE E 114 1.56 -30.81 60.36
CA PHE E 114 1.21 -29.42 60.79
C PHE E 114 -0.29 -29.22 60.75
N ARG E 115 -0.81 -28.48 61.72
CA ARG E 115 -2.25 -28.27 61.88
C ARG E 115 -2.69 -26.82 62.10
N SER E 116 -1.77 -25.94 62.43
CA SER E 116 -2.12 -24.55 62.71
C SER E 116 -1.13 -23.62 62.04
N LEU E 117 -1.50 -22.36 62.00
CA LEU E 117 -0.58 -21.36 61.49
C LEU E 117 0.69 -21.29 62.35
N GLU E 118 0.52 -21.51 63.65
CA GLU E 118 1.64 -21.55 64.56
C GLU E 118 2.64 -22.64 64.23
N ASP E 119 2.16 -23.82 63.93
CA ASP E 119 3.00 -24.88 63.46
C ASP E 119 3.86 -24.42 62.26
N ILE E 120 3.22 -23.75 61.31
CA ILE E 120 3.95 -23.35 60.12
C ILE E 120 5.04 -22.34 60.51
N ARG E 121 4.66 -21.37 61.32
CA ARG E 121 5.57 -20.30 61.70
C ARG E 121 6.85 -20.81 62.36
N SER E 122 6.69 -21.73 63.31
CA SER E 122 7.77 -22.25 64.11
C SER E 122 8.52 -23.45 63.49
N GLN E 123 7.94 -24.15 62.51
CA GLN E 123 8.53 -25.41 62.07
C GLN E 123 8.72 -25.54 60.58
N ALA E 124 8.11 -24.69 59.78
CA ALA E 124 8.12 -24.91 58.35
C ALA E 124 8.90 -23.81 57.70
N SER E 125 9.79 -24.22 56.81
CA SER E 125 10.51 -23.33 55.93
C SER E 125 9.57 -22.56 54.96
N LEU E 126 9.75 -21.27 54.86
CA LEU E 126 8.90 -20.46 53.98
C LEU E 126 9.74 -19.77 52.91
N THR E 127 9.25 -19.77 51.68
CA THR E 127 9.70 -18.74 50.74
C THR E 127 9.43 -17.29 51.24
N THR E 128 10.08 -16.36 50.58
CA THR E 128 10.00 -14.95 50.89
C THR E 128 8.57 -14.48 50.72
N GLN E 129 7.94 -14.98 49.65
CA GLN E 129 6.57 -14.68 49.33
C GLN E 129 5.66 -15.19 50.43
N GLN E 130 5.89 -16.43 50.91
CA GLN E 130 4.98 -17.05 51.88
C GLN E 130 5.14 -16.46 53.24
N ALA E 131 6.38 -16.11 53.56
CA ALA E 131 6.64 -15.35 54.77
C ALA E 131 5.78 -14.10 54.80
N ILE E 132 5.75 -13.42 53.66
CA ILE E 132 4.96 -12.18 53.54
C ILE E 132 3.47 -12.46 53.68
N GLY E 133 3.01 -13.53 53.03
CA GLY E 133 1.62 -13.92 53.13
C GLY E 133 1.19 -14.35 54.53
N LEU E 134 2.13 -15.02 55.23
CA LEU E 134 1.81 -15.46 56.58
C LEU E 134 1.76 -14.24 57.51
N LYS E 135 2.74 -13.38 57.40
CA LYS E 135 2.81 -12.15 58.20
C LYS E 135 1.51 -11.34 58.06
N HIS E 136 0.90 -11.31 56.87
CA HIS E 136 -0.29 -10.49 56.72
C HIS E 136 -1.53 -11.30 56.57
N TYR E 137 -1.49 -12.50 57.11
CA TYR E 137 -2.49 -13.51 56.79
C TYR E 137 -3.87 -12.99 57.05
N SER E 138 -4.06 -12.35 58.21
CA SER E 138 -5.42 -11.86 58.58
C SER E 138 -5.90 -10.68 57.75
N ASP E 139 -5.04 -9.70 57.54
CA ASP E 139 -5.36 -8.59 56.63
C ASP E 139 -5.77 -9.07 55.23
N PHE E 140 -5.03 -10.00 54.67
CA PHE E 140 -5.25 -10.41 53.27
C PHE E 140 -6.57 -11.13 53.11
N LEU E 141 -7.12 -11.66 54.20
CA LEU E 141 -8.37 -12.41 54.15
C LEU E 141 -9.54 -11.47 54.35
N GLU E 142 -9.30 -10.23 54.75
CA GLU E 142 -10.39 -9.27 54.80
C GLU E 142 -10.63 -8.70 53.38
N ARG E 143 -11.88 -8.45 53.01
CA ARG E 143 -12.23 -7.68 51.84
C ARG E 143 -12.27 -6.27 52.34
N MET E 144 -12.09 -5.29 51.46
CA MET E 144 -11.94 -3.90 51.89
C MET E 144 -13.11 -3.13 51.33
N PRO E 145 -13.51 -2.05 51.96
CA PRO E 145 -14.57 -1.28 51.32
C PRO E 145 -14.13 -0.56 50.05
N ARG E 146 -15.07 -0.37 49.14
CA ARG E 146 -14.87 0.24 47.84
C ARG E 146 -14.08 1.56 47.83
N GLU E 147 -14.35 2.38 48.83
CA GLU E 147 -13.70 3.65 49.02
C GLU E 147 -12.23 3.53 49.39
N GLU E 148 -11.86 2.52 50.18
CA GLU E 148 -10.43 2.20 50.39
C GLU E 148 -9.72 1.87 49.07
N ALA E 149 -10.36 1.05 48.26
CA ALA E 149 -9.80 0.80 46.95
C ALA E 149 -9.63 2.12 46.15
N THR E 150 -10.54 3.07 46.30
CA THR E 150 -10.42 4.30 45.52
C THR E 150 -9.16 5.05 45.92
N GLU E 151 -8.94 5.11 47.21
CA GLU E 151 -7.85 5.82 47.76
C GLU E 151 -6.52 5.21 47.37
N ILE E 152 -6.55 3.91 47.13
CA ILE E 152 -5.38 3.19 46.74
C ILE E 152 -5.08 3.48 45.31
N GLU E 153 -6.08 3.40 44.46
CA GLU E 153 -5.91 3.74 43.05
C GLU E 153 -5.45 5.20 42.91
N GLN E 154 -6.03 6.10 43.65
CA GLN E 154 -5.60 7.52 43.63
C GLN E 154 -4.12 7.70 44.02
N THR E 155 -3.73 7.06 45.13
CA THR E 155 -2.33 7.04 45.53
C THR E 155 -1.48 6.62 44.36
N VAL E 156 -1.84 5.56 43.66
CA VAL E 156 -0.99 5.12 42.58
C VAL E 156 -1.07 6.12 41.41
N GLN E 157 -2.25 6.70 41.23
CA GLN E 157 -2.45 7.66 40.15
C GLN E 157 -1.59 8.89 40.32
N LYS E 158 -1.66 9.55 41.49
CA LYS E 158 -0.79 10.71 41.80
C LYS E 158 0.65 10.36 41.51
N ALA E 159 1.16 9.30 42.12
CA ALA E 159 2.58 9.01 41.96
C ALA E 159 2.95 8.81 40.49
N ALA E 160 2.03 8.26 39.70
CA ALA E 160 2.30 8.03 38.29
C ALA E 160 2.15 9.34 37.46
N GLN E 161 1.31 10.25 37.94
CA GLN E 161 1.00 11.51 37.30
C GLN E 161 2.26 12.39 37.35
N ALA E 162 2.80 12.61 38.53
CA ALA E 162 4.14 13.22 38.68
C ALA E 162 5.22 12.81 37.66
N PHE E 163 5.21 11.62 37.07
CA PHE E 163 6.17 11.36 35.96
C PHE E 163 5.63 11.76 34.60
N ASN E 164 4.30 11.88 34.50
CA ASN E 164 3.68 12.16 33.20
C ASN E 164 2.18 12.28 33.32
N SER E 165 1.69 13.46 33.00
CA SER E 165 0.33 13.84 33.16
C SER E 165 -0.65 13.11 32.29
N GLY E 166 -0.21 12.58 31.17
CA GLY E 166 -1.12 11.92 30.24
C GLY E 166 -1.29 10.42 30.46
N LEU E 167 -0.74 9.88 31.55
CA LEU E 167 -0.89 8.44 31.87
C LEU E 167 -2.30 8.13 32.33
N LEU E 168 -2.87 7.02 31.83
CA LEU E 168 -4.18 6.53 32.31
C LEU E 168 -3.96 5.45 33.37
N CYS E 169 -4.55 5.65 34.54
CA CYS E 169 -4.60 4.65 35.60
C CYS E 169 -6.04 4.34 35.92
N VAL E 170 -6.39 3.07 35.95
CA VAL E 170 -7.75 2.73 36.28
C VAL E 170 -7.80 1.41 37.08
N ALA E 171 -8.57 1.44 38.16
CA ALA E 171 -8.73 0.25 39.01
C ALA E 171 -9.68 -0.68 38.32
N CYS E 172 -9.30 -1.93 38.16
CA CYS E 172 -10.11 -2.91 37.43
C CYS E 172 -10.70 -3.91 38.44
N GLY E 173 -10.74 -5.21 38.08
CA GLY E 173 -11.44 -6.23 38.86
C GLY E 173 -12.79 -5.83 39.42
N SER E 174 -13.03 -6.29 40.64
CA SER E 174 -14.32 -6.12 41.27
C SER E 174 -14.63 -4.68 41.47
N TYR E 175 -13.60 -3.84 41.49
CA TYR E 175 -13.86 -2.39 41.68
C TYR E 175 -14.56 -1.92 40.43
N ARG E 176 -13.98 -2.20 39.31
CA ARG E 176 -14.59 -1.79 38.08
C ARG E 176 -15.98 -2.46 37.84
N ARG E 177 -16.15 -3.70 38.33
CA ARG E 177 -17.45 -4.40 38.16
C ARG E 177 -18.53 -3.90 39.11
N GLY E 178 -18.22 -2.85 39.85
CA GLY E 178 -19.19 -2.11 40.61
C GLY E 178 -19.41 -2.68 41.98
N LYS E 179 -18.60 -3.65 42.40
CA LYS E 179 -18.79 -4.33 43.69
C LYS E 179 -18.47 -3.41 44.86
N ALA E 180 -19.04 -3.73 46.01
CA ALA E 180 -19.02 -2.80 47.14
C ALA E 180 -17.81 -3.03 48.03
N THR E 181 -17.20 -4.20 47.91
CA THR E 181 -16.04 -4.51 48.69
C THR E 181 -15.13 -5.18 47.70
N CYS E 182 -13.81 -5.13 47.97
CA CYS E 182 -12.81 -5.70 47.05
C CYS E 182 -11.82 -6.52 47.81
N GLY E 183 -11.48 -7.66 47.26
CA GLY E 183 -10.45 -8.56 47.80
C GLY E 183 -9.04 -7.99 47.67
N ASP E 184 -8.78 -7.30 46.57
CA ASP E 184 -7.51 -6.67 46.31
C ASP E 184 -7.76 -5.61 45.20
N VAL E 185 -6.77 -4.74 44.96
CA VAL E 185 -6.91 -3.68 43.95
C VAL E 185 -5.97 -3.99 42.83
N ASP E 186 -6.49 -3.90 41.61
CA ASP E 186 -5.80 -4.19 40.35
C ASP E 186 -5.69 -2.87 39.54
N VAL E 187 -4.55 -2.20 39.56
CA VAL E 187 -4.47 -0.91 38.87
C VAL E 187 -3.82 -1.08 37.51
N LEU E 188 -4.51 -0.62 36.46
CA LEU E 188 -3.98 -0.73 35.09
C LEU E 188 -3.48 0.62 34.64
N ILE E 189 -2.31 0.65 34.00
CA ILE E 189 -1.75 1.91 33.53
C ILE E 189 -1.30 1.83 32.09
N THR E 190 -1.61 2.90 31.36
CA THR E 190 -1.05 3.11 30.02
C THR E 190 -0.97 4.63 29.65
N HIS E 191 -0.47 4.87 28.44
CA HIS E 191 -0.45 6.19 27.82
C HIS E 191 -1.04 6.02 26.41
N PRO E 192 -2.03 6.85 26.06
CA PRO E 192 -2.59 6.92 24.69
C PRO E 192 -1.55 7.09 23.56
N ASP E 193 -0.50 7.81 23.86
CA ASP E 193 0.49 8.17 22.88
C ASP E 193 1.16 6.94 22.29
N GLY E 194 1.00 5.79 22.96
CA GLY E 194 1.41 4.50 22.43
C GLY E 194 2.86 4.16 22.78
N ARG E 195 3.54 5.02 23.54
CA ARG E 195 4.99 4.91 23.75
C ARG E 195 5.47 5.33 25.12
N SER E 196 4.77 6.27 25.73
CA SER E 196 5.18 6.97 26.93
C SER E 196 4.77 6.21 28.21
N HIS E 197 4.45 4.95 28.06
CA HIS E 197 4.19 4.07 29.20
C HIS E 197 5.52 3.43 29.56
N ARG E 198 6.46 3.43 28.60
CA ARG E 198 7.76 2.77 28.80
C ARG E 198 8.56 3.49 29.87
N GLY E 199 9.28 2.70 30.67
CA GLY E 199 10.22 3.24 31.64
C GLY E 199 9.57 4.03 32.77
N ILE E 200 8.27 3.87 32.91
CA ILE E 200 7.55 4.37 34.10
C ILE E 200 7.64 3.37 35.25
N PHE E 201 7.61 2.09 34.87
CA PHE E 201 7.35 1.04 35.82
C PHE E 201 8.24 1.05 37.06
N SER E 202 9.56 1.01 36.87
CA SER E 202 10.53 0.96 37.99
C SER E 202 10.52 2.24 38.76
N ARG E 203 10.42 3.35 38.05
CA ARG E 203 10.39 4.64 38.73
C ARG E 203 9.14 4.79 39.55
N LEU E 204 8.05 4.18 39.11
CA LEU E 204 6.80 4.30 39.88
C LEU E 204 6.89 3.43 41.12
N LEU E 205 7.21 2.16 40.95
CA LEU E 205 7.40 1.31 42.09
C LEU E 205 8.35 1.97 43.10
N ASP E 206 9.44 2.55 42.58
CA ASP E 206 10.41 3.27 43.45
C ASP E 206 9.86 4.48 44.16
N SER E 207 9.13 5.30 43.43
CA SER E 207 8.42 6.40 44.06
C SER E 207 7.58 5.89 45.22
N LEU E 208 6.87 4.78 45.00
CA LEU E 208 5.87 4.35 46.02
C LEU E 208 6.49 3.62 47.20
N ARG E 209 7.56 2.85 46.95
CA ARG E 209 8.34 2.28 48.04
C ARG E 209 8.91 3.42 48.84
N GLN E 210 9.52 4.37 48.13
CA GLN E 210 10.18 5.47 48.83
C GLN E 210 9.23 6.31 49.65
N GLU E 211 7.94 6.32 49.34
CA GLU E 211 6.99 7.07 50.21
C GLU E 211 6.41 6.15 51.29
N GLY E 212 6.79 4.87 51.27
CA GLY E 212 6.34 3.91 52.26
C GLY E 212 4.98 3.28 52.01
N PHE E 213 4.42 3.45 50.81
CA PHE E 213 3.08 2.97 50.51
C PHE E 213 3.19 1.48 50.25
N LEU E 214 4.19 1.12 49.47
CA LEU E 214 4.49 -0.23 49.18
C LEU E 214 5.32 -0.81 50.30
N THR E 215 4.72 -1.67 51.11
CA THR E 215 5.39 -2.30 52.27
C THR E 215 6.11 -3.58 51.92
N ASP E 216 5.71 -4.28 50.87
CA ASP E 216 6.36 -5.55 50.54
C ASP E 216 6.14 -5.85 49.05
N ASP E 217 7.15 -6.44 48.42
CA ASP E 217 7.03 -6.89 47.05
C ASP E 217 6.90 -8.40 46.99
N LEU E 218 6.15 -8.89 46.03
CA LEU E 218 5.92 -10.32 45.86
C LEU E 218 6.37 -10.83 44.49
N VAL E 219 5.99 -10.13 43.43
CA VAL E 219 6.35 -10.55 42.09
C VAL E 219 6.61 -9.33 41.24
N SER E 220 7.61 -9.43 40.37
CA SER E 220 7.81 -8.49 39.23
C SER E 220 7.92 -9.22 37.82
N GLN E 221 6.89 -9.10 36.97
CA GLN E 221 6.95 -9.53 35.55
C GLN E 221 7.20 -8.29 34.75
N GLU E 222 8.40 -7.75 34.81
CA GLU E 222 8.65 -6.44 34.19
C GLU E 222 8.98 -6.67 32.71
N GLU E 223 8.61 -7.85 32.19
CA GLU E 223 8.95 -8.30 30.83
C GLU E 223 8.00 -9.40 30.31
N ASN E 224 6.78 -9.03 29.95
CA ASN E 224 5.83 -9.97 29.29
C ASN E 224 4.99 -9.38 28.13
N GLY E 225 5.63 -9.14 27.00
CA GLY E 225 4.97 -8.61 25.81
C GLY E 225 4.82 -7.11 25.90
N GLN E 226 5.88 -6.46 26.37
CA GLN E 226 5.86 -5.01 26.64
C GLN E 226 4.83 -4.67 27.78
N GLN E 227 4.09 -5.68 28.26
CA GLN E 227 3.34 -5.55 29.53
C GLN E 227 4.21 -5.93 30.74
N GLN E 228 4.19 -5.07 31.73
CA GLN E 228 4.92 -5.30 32.96
C GLN E 228 3.91 -5.36 34.13
N LYS E 229 4.12 -6.33 35.03
CA LYS E 229 3.21 -6.57 36.17
C LYS E 229 3.92 -6.55 37.53
N TYR E 230 3.37 -5.79 38.47
CA TYR E 230 3.81 -5.83 39.87
C TYR E 230 2.71 -6.32 40.79
N LEU E 231 3.02 -7.37 41.54
CA LEU E 231 2.18 -7.88 42.64
C LEU E 231 2.88 -7.63 43.98
N GLY E 232 2.21 -6.97 44.90
CA GLY E 232 2.78 -6.64 46.18
C GLY E 232 1.74 -6.24 47.18
N VAL E 233 2.17 -5.46 48.16
CA VAL E 233 1.41 -5.21 49.34
C VAL E 233 1.53 -3.74 49.62
N CYS E 234 0.41 -3.12 50.00
CA CYS E 234 0.43 -1.73 50.20
C CYS E 234 -0.35 -1.46 51.48
N ARG E 235 -0.21 -0.23 51.98
CA ARG E 235 -0.92 0.20 53.20
C ARG E 235 -1.10 1.69 53.13
N LEU E 236 -2.34 2.14 53.19
CA LEU E 236 -2.61 3.57 53.22
C LEU E 236 -2.01 4.18 54.47
N PRO E 237 -1.62 5.47 54.39
CA PRO E 237 -0.95 6.10 55.55
C PRO E 237 -1.86 6.38 56.72
N GLY E 238 -1.28 6.35 57.91
CA GLY E 238 -1.92 6.77 59.13
C GLY E 238 -2.33 5.58 59.95
N PRO E 239 -2.94 5.83 61.09
CA PRO E 239 -3.33 4.71 61.95
C PRO E 239 -4.60 4.02 61.42
N GLY E 240 -4.92 2.85 61.98
CA GLY E 240 -6.13 2.07 61.62
C GLY E 240 -6.16 1.45 60.22
N ARG E 241 -5.01 1.21 59.62
CA ARG E 241 -5.00 0.74 58.25
C ARG E 241 -4.43 -0.65 58.14
N ARG E 242 -5.10 -1.44 57.29
CA ARG E 242 -4.77 -2.83 57.09
C ARG E 242 -3.89 -2.89 55.87
N HIS E 243 -2.98 -3.86 55.82
CA HIS E 243 -2.20 -4.10 54.62
C HIS E 243 -3.07 -4.72 53.52
N ARG E 244 -2.96 -4.27 52.27
CA ARG E 244 -3.75 -4.81 51.18
C ARG E 244 -2.92 -5.27 50.01
N ARG E 245 -3.37 -6.32 49.32
CA ARG E 245 -2.75 -6.74 48.08
C ARG E 245 -3.00 -5.76 46.91
N LEU E 246 -1.93 -5.37 46.26
CA LEU E 246 -2.02 -4.45 45.11
C LEU E 246 -1.29 -5.04 43.93
N ASP E 247 -1.95 -5.04 42.78
CA ASP E 247 -1.39 -5.44 41.52
C ASP E 247 -1.34 -4.12 40.71
N ILE E 248 -0.20 -3.82 40.07
CA ILE E 248 -0.04 -2.66 39.15
C ILE E 248 0.47 -3.25 37.85
N ILE E 249 -0.20 -2.87 36.75
CA ILE E 249 0.14 -3.36 35.42
C ILE E 249 0.29 -2.17 34.46
N VAL E 250 1.34 -2.20 33.67
CA VAL E 250 1.66 -1.15 32.68
C VAL E 250 1.65 -1.83 31.32
N VAL E 251 0.87 -1.28 30.42
CA VAL E 251 0.70 -1.91 29.11
C VAL E 251 0.67 -0.82 27.99
N PRO E 252 1.15 -1.17 26.78
CA PRO E 252 0.98 -0.26 25.62
C PRO E 252 -0.49 -0.12 25.30
N TYR E 253 -0.91 1.08 24.93
CA TYR E 253 -2.27 1.36 24.48
C TYR E 253 -2.84 0.37 23.47
N SER E 254 -2.00 -0.19 22.59
CA SER E 254 -2.44 -1.15 21.56
C SER E 254 -2.86 -2.53 22.08
N GLU E 255 -2.49 -2.82 23.34
CA GLU E 255 -3.00 -3.97 24.07
C GLU E 255 -4.02 -3.50 25.13
N PHE E 256 -4.33 -2.20 25.19
CA PHE E 256 -5.10 -1.69 26.31
C PHE E 256 -6.45 -2.37 26.50
N ALA E 257 -7.00 -2.89 25.40
CA ALA E 257 -8.39 -3.25 25.41
C ALA E 257 -8.53 -4.62 26.00
N CYS E 258 -7.81 -5.59 25.42
CA CYS E 258 -7.67 -6.93 25.94
C CYS E 258 -7.09 -7.03 27.37
N ALA E 259 -6.35 -6.01 27.80
CA ALA E 259 -5.72 -5.98 29.13
C ALA E 259 -6.75 -5.46 30.08
N LEU E 260 -7.46 -4.42 29.67
CA LEU E 260 -8.56 -3.93 30.51
C LEU E 260 -9.55 -5.06 30.73
N LEU E 261 -9.81 -5.79 29.66
CA LEU E 261 -10.91 -6.73 29.67
C LEU E 261 -10.50 -7.82 30.65
N TYR E 262 -9.32 -8.39 30.42
CA TYR E 262 -8.66 -9.34 31.33
C TYR E 262 -8.68 -8.93 32.79
N PHE E 263 -8.30 -7.70 33.09
CA PHE E 263 -8.17 -7.30 34.49
C PHE E 263 -9.42 -6.90 35.15
N THR E 264 -10.41 -6.54 34.34
CA THR E 264 -11.74 -6.32 34.87
C THR E 264 -12.34 -7.68 35.28
N GLY E 265 -12.04 -8.75 34.56
CA GLY E 265 -12.60 -10.06 34.86
C GLY E 265 -14.11 -10.14 34.69
N SER E 266 -14.78 -11.17 35.24
CA SER E 266 -14.27 -12.02 36.30
C SER E 266 -13.36 -13.03 35.72
N ALA E 267 -12.66 -13.72 36.62
CA ALA E 267 -11.84 -14.82 36.19
C ALA E 267 -12.64 -15.81 35.34
N HIS E 268 -13.88 -16.12 35.73
CA HIS E 268 -14.56 -17.23 35.01
C HIS E 268 -15.07 -16.71 33.67
N PHE E 269 -15.61 -15.50 33.71
CA PHE E 269 -15.81 -14.71 32.51
C PHE E 269 -14.64 -14.83 31.48
N ASN E 270 -13.42 -14.51 31.88
CA ASN E 270 -12.29 -14.64 30.96
C ASN E 270 -12.01 -16.05 30.43
N ARG E 271 -12.29 -17.06 31.24
CA ARG E 271 -12.07 -18.44 30.83
C ARG E 271 -13.07 -18.83 29.79
N SER E 272 -14.28 -18.31 29.91
CA SER E 272 -15.29 -18.62 28.94
C SER E 272 -14.83 -18.06 27.58
N MET E 273 -14.51 -16.77 27.54
CA MET E 273 -14.06 -16.10 26.32
C MET E 273 -12.93 -16.91 25.68
N ARG E 274 -11.83 -17.05 26.42
CA ARG E 274 -10.67 -17.74 25.88
C ARG E 274 -11.04 -19.08 25.22
N ALA E 275 -12.02 -19.77 25.83
CA ALA E 275 -12.52 -21.05 25.33
C ALA E 275 -13.37 -20.90 24.06
N LEU E 276 -14.28 -19.92 24.07
CA LEU E 276 -15.06 -19.53 22.90
C LEU E 276 -14.17 -19.19 21.66
N ALA E 277 -13.16 -18.36 21.86
CA ALA E 277 -12.18 -18.02 20.82
C ALA E 277 -11.46 -19.23 20.27
N LYS E 278 -11.08 -20.15 21.15
CA LYS E 278 -10.33 -21.30 20.72
C LYS E 278 -11.17 -22.20 19.79
N THR E 279 -12.48 -22.27 20.08
CA THR E 279 -13.47 -22.95 19.22
C THR E 279 -13.43 -22.38 17.80
N LYS E 280 -13.24 -21.06 17.68
CA LYS E 280 -13.29 -20.35 16.40
C LYS E 280 -11.91 -20.12 15.77
N GLY E 281 -11.00 -21.11 15.87
CA GLY E 281 -9.60 -20.98 15.40
C GLY E 281 -8.82 -19.75 15.85
N MET E 282 -9.37 -19.06 16.84
CA MET E 282 -8.84 -17.79 17.36
C MET E 282 -8.12 -18.08 18.69
N SER E 283 -7.60 -17.03 19.32
CA SER E 283 -6.87 -17.20 20.58
C SER E 283 -6.79 -15.90 21.32
N LEU E 284 -7.35 -15.88 22.53
CA LEU E 284 -7.42 -14.64 23.30
C LEU E 284 -6.58 -14.72 24.59
N SER E 285 -5.87 -13.61 24.78
CA SER E 285 -4.91 -13.43 25.86
C SER E 285 -4.98 -11.97 26.29
N GLU E 286 -4.23 -11.62 27.33
CA GLU E 286 -4.28 -10.25 27.90
C GLU E 286 -3.59 -9.25 26.98
N HIS E 287 -2.82 -9.75 26.00
CA HIS E 287 -2.18 -8.90 24.98
C HIS E 287 -3.12 -8.51 23.85
N ALA E 288 -3.73 -9.51 23.20
CA ALA E 288 -4.83 -9.28 22.27
C ALA E 288 -5.48 -10.56 21.68
N LEU E 289 -6.57 -10.31 20.95
CA LEU E 289 -7.25 -11.32 20.17
C LEU E 289 -6.47 -11.64 18.90
N SER E 290 -6.44 -12.90 18.49
CA SER E 290 -5.78 -13.26 17.24
C SER E 290 -6.47 -14.43 16.50
N THR E 291 -6.28 -14.49 15.17
CA THR E 291 -6.88 -15.54 14.30
C THR E 291 -5.83 -16.58 13.86
N ALA E 292 -6.22 -17.49 12.95
CA ALA E 292 -5.40 -18.62 12.48
C ALA E 292 -4.83 -19.47 13.63
N VAL E 293 -3.56 -19.27 13.95
CA VAL E 293 -2.87 -19.93 15.07
C VAL E 293 -2.49 -21.39 14.73
N VAL E 294 -3.44 -22.13 14.14
CA VAL E 294 -3.29 -23.56 13.76
C VAL E 294 -2.53 -24.45 14.79
N ARG E 295 -3.30 -25.04 15.69
CA ARG E 295 -2.76 -25.93 16.69
C ARG E 295 -2.47 -27.27 16.04
N ASN E 296 -1.23 -27.40 15.56
CA ASN E 296 -0.75 -28.59 14.87
C ASN E 296 0.69 -28.85 15.29
N THR E 297 0.87 -29.18 16.56
CA THR E 297 2.06 -29.91 17.02
C THR E 297 1.55 -30.91 18.06
N HIS E 298 0.85 -31.94 17.53
CA HIS E 298 -0.04 -32.81 18.31
C HIS E 298 -1.22 -31.96 18.86
N GLY E 299 -1.72 -31.08 17.99
CA GLY E 299 -2.83 -30.20 18.32
C GLY E 299 -2.68 -29.33 19.55
N CYS E 300 -1.66 -28.45 19.59
CA CYS E 300 -1.54 -27.46 20.69
C CYS E 300 -1.14 -26.04 20.22
N LYS E 301 -0.24 -25.90 19.23
CA LYS E 301 0.03 -24.59 18.55
C LYS E 301 1.21 -24.63 17.60
N VAL E 302 1.22 -23.68 16.67
CA VAL E 302 2.41 -23.34 15.87
C VAL E 302 2.08 -22.07 15.10
N GLY E 303 2.70 -20.95 15.48
CA GLY E 303 2.45 -19.68 14.80
C GLY E 303 1.35 -18.84 15.45
N PRO E 304 1.70 -17.63 15.90
CA PRO E 304 0.76 -16.69 16.56
C PRO E 304 -0.49 -16.41 15.74
N GLY E 305 -0.37 -16.49 14.42
CA GLY E 305 -1.50 -16.39 13.53
C GLY E 305 -2.11 -15.02 13.37
N ARG E 306 -1.33 -13.97 13.62
CA ARG E 306 -1.76 -12.58 13.43
C ARG E 306 -2.98 -12.16 14.24
N VAL E 307 -2.92 -10.90 14.69
CA VAL E 307 -3.80 -10.33 15.69
C VAL E 307 -5.20 -10.00 15.18
N LEU E 308 -5.85 -8.97 15.75
CA LEU E 308 -7.07 -8.40 15.24
C LEU E 308 -7.35 -7.05 15.88
N PRO E 309 -6.74 -6.00 15.33
CA PRO E 309 -6.72 -4.75 16.08
C PRO E 309 -7.98 -4.50 16.87
N THR E 310 -7.84 -4.52 18.19
CA THR E 310 -8.95 -4.40 19.11
C THR E 310 -8.77 -3.15 19.94
N PRO E 311 -9.09 -1.98 19.39
CA PRO E 311 -8.84 -0.72 20.13
C PRO E 311 -9.81 -0.38 21.25
N THR E 312 -10.87 -1.15 21.40
CA THR E 312 -11.84 -0.99 22.54
C THR E 312 -12.36 -2.37 22.91
N GLU E 313 -13.03 -2.50 24.06
CA GLU E 313 -13.53 -3.82 24.57
C GLU E 313 -14.56 -4.41 23.57
N LYS E 314 -15.59 -3.60 23.29
CA LYS E 314 -16.41 -3.85 22.09
C LYS E 314 -15.44 -3.74 20.91
N ASP E 315 -15.33 -4.84 20.18
CA ASP E 315 -14.39 -5.05 19.09
C ASP E 315 -14.04 -6.47 19.33
N VAL E 316 -13.61 -6.69 20.57
CA VAL E 316 -13.30 -8.04 21.03
C VAL E 316 -14.60 -8.84 21.10
N PHE E 317 -15.66 -8.18 21.56
CA PHE E 317 -16.95 -8.81 21.68
C PHE E 317 -17.46 -9.09 20.24
N ARG E 318 -17.48 -8.02 19.44
CA ARG E 318 -17.89 -8.14 18.07
C ARG E 318 -17.15 -9.30 17.42
N LEU E 319 -15.83 -9.29 17.45
CA LEU E 319 -15.04 -10.28 16.67
C LEU E 319 -15.16 -11.71 17.13
N LEU E 320 -15.75 -11.90 18.30
CA LEU E 320 -16.10 -13.23 18.81
C LEU E 320 -17.62 -13.48 18.62
N GLY E 321 -18.32 -12.50 18.06
CA GLY E 321 -19.74 -12.66 17.74
C GLY E 321 -20.58 -12.67 19.00
N LEU E 322 -20.18 -11.81 19.93
CA LEU E 322 -20.91 -11.68 21.17
C LEU E 322 -21.40 -10.25 21.26
N PRO E 323 -22.58 -10.06 21.86
CA PRO E 323 -23.01 -8.71 22.17
C PRO E 323 -22.09 -8.19 23.25
N TYR E 324 -22.07 -6.86 23.38
CA TYR E 324 -21.27 -6.19 24.37
C TYR E 324 -21.83 -6.56 25.76
N ARG E 325 -20.96 -6.63 26.77
CA ARG E 325 -21.38 -6.61 28.17
C ARG E 325 -20.59 -5.59 29.01
N GLU E 326 -21.33 -4.71 29.66
CA GLU E 326 -20.77 -3.77 30.57
C GLU E 326 -19.89 -4.53 31.63
N PRO E 327 -18.97 -3.80 32.33
CA PRO E 327 -18.21 -4.37 33.45
C PRO E 327 -19.05 -5.07 34.52
N ALA E 328 -20.02 -4.38 35.09
CA ALA E 328 -20.94 -4.89 36.14
C ALA E 328 -21.75 -6.13 35.78
N GLU E 329 -21.67 -6.61 34.55
CA GLU E 329 -22.43 -7.78 34.14
C GLU E 329 -21.43 -8.75 33.56
N ARG E 330 -20.24 -8.79 34.17
CA ARG E 330 -19.19 -9.73 33.75
C ARG E 330 -18.73 -10.69 34.83
N ASP E 331 -19.65 -11.07 35.72
CA ASP E 331 -19.38 -12.19 36.64
C ASP E 331 -19.32 -13.54 35.94
N TRP E 332 -20.15 -13.72 34.94
CA TRP E 332 -20.22 -14.99 34.22
C TRP E 332 -20.52 -14.59 32.78
N LEU E 333 -20.21 -15.46 31.81
CA LEU E 333 -20.50 -15.17 30.39
C LEU E 333 -21.84 -15.78 29.92
N GLU E 334 -22.93 -15.26 30.49
CA GLU E 334 -24.24 -15.86 30.37
C GLU E 334 -25.24 -14.76 30.77
N THR I 7 45.57 -15.51 2.37
CA THR I 7 45.08 -15.22 0.98
C THR I 7 44.08 -16.27 0.40
N ASN I 8 43.69 -16.04 -0.85
CA ASN I 8 42.68 -16.84 -1.49
C ASN I 8 43.26 -17.51 -2.74
N HIS I 9 43.38 -18.83 -2.66
CA HIS I 9 44.03 -19.57 -3.70
C HIS I 9 43.09 -19.91 -4.83
N ASN I 10 41.86 -19.45 -4.68
CA ASN I 10 40.81 -19.78 -5.58
C ASN I 10 40.11 -18.52 -6.05
N LEU I 11 40.88 -17.45 -6.23
CA LEU I 11 40.27 -16.16 -6.57
C LEU I 11 39.34 -16.28 -7.76
N HIS I 12 39.83 -16.84 -8.86
CA HIS I 12 39.03 -16.85 -10.10
C HIS I 12 37.73 -17.65 -10.00
N ILE I 13 37.56 -18.43 -8.93
CA ILE I 13 36.31 -19.11 -8.64
C ILE I 13 35.39 -18.17 -7.84
N THR I 14 35.89 -17.70 -6.71
CA THR I 14 35.10 -16.91 -5.78
C THR I 14 34.52 -15.62 -6.36
N GLU I 15 35.32 -14.83 -7.08
CA GLU I 15 34.84 -13.67 -7.85
C GLU I 15 33.53 -13.98 -8.51
N LYS I 16 33.55 -15.06 -9.28
CA LYS I 16 32.39 -15.41 -10.10
C LYS I 16 31.19 -15.93 -9.29
N LEU I 17 31.50 -16.64 -8.21
CA LEU I 17 30.48 -17.18 -7.35
C LEU I 17 29.81 -15.99 -6.63
N GLU I 18 30.57 -14.93 -6.33
CA GLU I 18 30.05 -13.75 -5.64
C GLU I 18 29.04 -13.04 -6.50
N VAL I 19 29.30 -12.95 -7.77
CA VAL I 19 28.43 -12.21 -8.66
C VAL I 19 27.09 -12.89 -8.64
N LEU I 20 27.09 -14.20 -8.70
CA LEU I 20 25.85 -14.97 -8.74
C LEU I 20 25.11 -14.92 -7.41
N ALA I 21 25.85 -15.08 -6.31
CA ALA I 21 25.28 -14.92 -4.98
C ALA I 21 24.60 -13.58 -4.81
N LYS I 22 25.20 -12.56 -5.37
CA LYS I 22 24.67 -11.21 -5.27
C LYS I 22 23.33 -11.16 -6.03
N ALA I 23 23.27 -11.77 -7.21
CA ALA I 23 22.02 -11.73 -7.98
C ALA I 23 20.84 -12.38 -7.28
N TYR I 24 21.11 -13.46 -6.58
CA TYR I 24 20.09 -14.12 -5.84
C TYR I 24 19.64 -13.30 -4.68
N SER I 25 20.62 -12.69 -4.03
CA SER I 25 20.38 -11.87 -2.84
C SER I 25 19.45 -10.72 -3.14
N VAL I 26 19.77 -9.95 -4.18
CA VAL I 26 18.95 -8.79 -4.47
C VAL I 26 17.64 -9.14 -5.13
N GLN I 27 17.53 -10.33 -5.72
CA GLN I 27 16.21 -10.80 -6.17
C GLN I 27 15.39 -11.42 -5.03
N GLY I 28 15.95 -11.50 -3.82
CA GLY I 28 15.16 -11.94 -2.65
C GLY I 28 15.26 -13.40 -2.28
N ASP I 29 16.00 -14.18 -3.05
CA ASP I 29 16.25 -15.60 -2.72
C ASP I 29 17.32 -15.75 -1.64
N LYS I 30 17.00 -15.38 -0.43
CA LYS I 30 17.98 -15.13 0.62
C LYS I 30 18.69 -16.38 1.10
N TRP I 31 17.93 -17.47 1.20
CA TRP I 31 18.46 -18.74 1.69
C TRP I 31 19.53 -19.31 0.72
N ARG I 32 19.23 -19.30 -0.57
CA ARG I 32 20.22 -19.72 -1.53
C ARG I 32 21.43 -18.81 -1.47
N ALA I 33 21.18 -17.49 -1.40
CA ALA I 33 22.27 -16.53 -1.32
C ALA I 33 23.22 -16.85 -0.18
N LEU I 34 22.63 -17.17 0.97
CA LEU I 34 23.42 -17.52 2.12
C LEU I 34 24.23 -18.80 1.86
N GLY I 35 23.59 -19.77 1.20
CA GLY I 35 24.29 -21.02 0.89
C GLY I 35 25.48 -20.78 -0.01
N TYR I 36 25.36 -19.78 -0.85
CA TYR I 36 26.47 -19.37 -1.65
C TYR I 36 27.53 -18.65 -0.87
N ALA I 37 27.11 -17.79 0.03
CA ALA I 37 28.11 -17.04 0.76
C ALA I 37 28.96 -18.05 1.58
N LYS I 38 28.30 -19.09 2.10
CA LYS I 38 28.98 -20.05 2.96
C LYS I 38 30.01 -20.85 2.14
N ALA I 39 29.67 -21.19 0.93
CA ALA I 39 30.60 -21.99 0.12
C ALA I 39 31.74 -21.10 -0.32
N ILE I 40 31.43 -19.85 -0.65
CA ILE I 40 32.46 -18.88 -0.97
C ILE I 40 33.48 -18.71 0.18
N ASN I 41 33.03 -18.62 1.42
CA ASN I 41 34.00 -18.53 2.48
C ASN I 41 34.97 -19.70 2.43
N ALA I 42 34.41 -20.90 2.63
CA ALA I 42 35.19 -22.16 2.60
C ALA I 42 36.20 -22.20 1.45
N LEU I 43 35.82 -21.75 0.27
CA LEU I 43 36.75 -21.73 -0.86
C LEU I 43 37.88 -20.74 -0.75
N LYS I 44 37.60 -19.62 -0.07
CA LYS I 44 38.56 -18.51 0.05
C LYS I 44 39.62 -18.89 1.05
N SER I 45 39.17 -19.61 2.09
CA SER I 45 40.02 -20.14 3.13
C SER I 45 40.70 -21.51 2.84
N PHE I 46 40.25 -22.29 1.85
CA PHE I 46 40.91 -23.59 1.59
C PHE I 46 42.40 -23.35 1.40
N HIS I 47 43.24 -24.27 1.89
CA HIS I 47 44.70 -24.02 1.98
C HIS I 47 45.43 -23.99 0.62
N LYS I 48 44.70 -24.20 -0.48
CA LYS I 48 45.33 -24.23 -1.79
C LYS I 48 44.30 -24.14 -2.89
N PRO I 49 44.76 -23.98 -4.14
CA PRO I 49 43.81 -24.09 -5.21
C PRO I 49 43.10 -25.46 -5.16
N VAL I 50 41.78 -25.46 -5.30
CA VAL I 50 41.07 -26.71 -5.53
C VAL I 50 41.23 -27.01 -7.02
N THR I 51 41.56 -28.26 -7.32
CA THR I 51 41.90 -28.65 -8.68
C THR I 51 40.97 -29.71 -9.27
N SER I 52 40.08 -30.26 -8.45
CA SER I 52 39.20 -31.32 -8.89
C SER I 52 37.84 -31.27 -8.20
N TYR I 53 36.90 -31.97 -8.83
CA TYR I 53 35.54 -32.12 -8.35
C TYR I 53 35.56 -32.81 -7.00
N GLN I 54 36.43 -33.82 -6.89
CA GLN I 54 36.49 -34.66 -5.71
C GLN I 54 37.08 -33.89 -4.56
N GLU I 55 38.10 -33.10 -4.86
CA GLU I 55 38.60 -32.17 -3.86
C GLU I 55 37.52 -31.18 -3.38
N ALA I 56 36.88 -30.53 -4.34
CA ALA I 56 35.85 -29.57 -3.98
C ALA I 56 34.82 -30.15 -3.00
N CYS I 57 34.39 -31.40 -3.23
CA CYS I 57 33.42 -32.08 -2.35
C CYS I 57 34.02 -32.43 -1.01
N SER I 58 35.33 -32.40 -0.95
CA SER I 58 36.04 -32.52 0.29
C SER I 58 35.61 -31.50 1.38
N ILE I 59 35.21 -30.33 0.93
CA ILE I 59 35.17 -29.16 1.80
C ILE I 59 33.79 -28.99 2.39
N PRO I 60 33.71 -28.91 3.72
CA PRO I 60 32.40 -28.73 4.31
C PRO I 60 31.86 -27.42 3.80
N GLY I 61 30.55 -27.32 3.69
CA GLY I 61 29.93 -26.18 3.03
C GLY I 61 29.91 -26.29 1.52
N ILE I 62 30.72 -27.17 0.93
CA ILE I 62 30.61 -27.43 -0.54
C ILE I 62 29.92 -28.78 -0.88
N GLY I 63 28.77 -28.64 -1.52
CA GLY I 63 27.98 -29.78 -2.00
C GLY I 63 28.12 -30.08 -3.47
N LYS I 64 27.40 -31.11 -3.86
CA LYS I 64 27.40 -31.64 -5.21
C LYS I 64 27.16 -30.53 -6.24
N ARG I 65 26.20 -29.66 -5.96
CA ARG I 65 25.86 -28.61 -6.91
C ARG I 65 26.94 -27.55 -6.94
N MET I 66 27.40 -27.12 -5.78
CA MET I 66 28.49 -26.15 -5.75
C MET I 66 29.80 -26.69 -6.38
N ALA I 67 30.15 -27.94 -6.13
CA ALA I 67 31.33 -28.51 -6.79
C ALA I 67 31.16 -28.56 -8.31
N GLU I 68 29.92 -28.75 -8.76
CA GLU I 68 29.61 -28.79 -10.19
C GLU I 68 29.95 -27.48 -10.86
N LYS I 69 29.81 -26.37 -10.14
CA LYS I 69 30.04 -25.08 -10.74
C LYS I 69 31.51 -24.78 -10.66
N ILE I 70 32.14 -25.23 -9.58
CA ILE I 70 33.58 -25.05 -9.42
C ILE I 70 34.41 -25.71 -10.49
N ILE I 71 34.08 -26.95 -10.85
CA ILE I 71 34.88 -27.61 -11.89
C ILE I 71 34.56 -27.06 -13.26
N GLU I 72 33.32 -26.56 -13.44
CA GLU I 72 33.01 -25.86 -14.68
C GLU I 72 33.91 -24.64 -14.81
N ILE I 73 34.22 -23.97 -13.72
CA ILE I 73 35.08 -22.83 -13.87
C ILE I 73 36.50 -23.32 -14.16
N LEU I 74 36.98 -24.32 -13.43
CA LEU I 74 38.32 -24.84 -13.69
C LEU I 74 38.62 -25.16 -15.14
N GLU I 75 37.72 -25.88 -15.79
CA GLU I 75 37.94 -26.41 -17.12
C GLU I 75 37.67 -25.45 -18.26
N SER I 76 36.62 -24.63 -18.11
CA SER I 76 36.21 -23.68 -19.17
C SER I 76 36.64 -22.24 -18.85
N GLY I 77 37.03 -21.98 -17.61
CA GLY I 77 37.38 -20.61 -17.18
C GLY I 77 36.19 -19.73 -16.87
N HIS I 78 35.00 -20.10 -17.36
CA HIS I 78 33.80 -19.25 -17.31
C HIS I 78 32.73 -19.90 -16.41
N LEU I 79 31.58 -19.22 -16.27
CA LEU I 79 30.40 -19.83 -15.63
C LEU I 79 29.14 -19.44 -16.36
N ARG I 80 28.41 -20.44 -16.84
CA ARG I 80 27.40 -20.20 -17.85
C ARG I 80 26.15 -19.54 -17.25
N LYS I 81 25.83 -19.87 -16.00
CA LYS I 81 24.69 -19.24 -15.33
C LYS I 81 24.87 -17.72 -15.16
N LEU I 82 26.11 -17.23 -15.10
CA LEU I 82 26.36 -15.78 -15.03
C LEU I 82 25.79 -15.03 -16.21
N ASP I 83 25.89 -15.64 -17.38
CA ASP I 83 25.44 -15.01 -18.61
C ASP I 83 23.92 -15.02 -18.76
N HIS I 84 23.23 -15.57 -17.76
CA HIS I 84 21.77 -15.63 -17.76
C HIS I 84 21.13 -14.86 -16.60
N ILE I 85 21.92 -14.00 -15.98
CA ILE I 85 21.43 -13.14 -14.91
C ILE I 85 20.62 -11.94 -15.45
N SER I 86 19.42 -11.73 -14.92
CA SER I 86 18.59 -10.61 -15.33
C SER I 86 19.31 -9.27 -15.33
N GLU I 87 18.98 -8.43 -16.29
CA GLU I 87 19.65 -7.15 -16.42
C GLU I 87 19.14 -6.14 -15.40
N SER I 88 18.09 -6.49 -14.66
CA SER I 88 17.58 -5.63 -13.61
C SER I 88 18.48 -5.60 -12.35
N VAL I 89 19.33 -6.61 -12.17
CA VAL I 89 20.02 -6.82 -10.92
C VAL I 89 20.80 -5.60 -10.45
N PRO I 90 21.48 -4.89 -11.34
CA PRO I 90 22.23 -3.73 -10.84
C PRO I 90 21.32 -2.61 -10.29
N VAL I 91 20.14 -2.49 -10.86
CA VAL I 91 19.19 -1.51 -10.42
C VAL I 91 18.59 -1.96 -9.09
N LEU I 92 18.29 -3.24 -8.96
CA LEU I 92 17.71 -3.73 -7.74
C LEU I 92 18.71 -3.57 -6.61
N GLU I 93 20.01 -3.71 -6.91
CA GLU I 93 21.04 -3.56 -5.90
C GLU I 93 21.16 -2.12 -5.57
N LEU I 94 21.07 -1.26 -6.57
CA LEU I 94 21.16 0.17 -6.32
C LEU I 94 20.11 0.58 -5.30
N PHE I 95 18.87 0.12 -5.54
CA PHE I 95 17.73 0.52 -4.75
C PHE I 95 17.79 -0.11 -3.35
N SER I 96 18.16 -1.39 -3.24
CA SER I 96 18.25 -2.04 -1.93
C SER I 96 19.50 -1.62 -1.10
N ASN I 97 20.43 -0.89 -1.73
CA ASN I 97 21.44 -0.21 -1.00
C ASN I 97 20.90 0.95 -0.17
N ILE I 98 19.67 1.37 -0.41
CA ILE I 98 19.02 2.34 0.48
C ILE I 98 18.57 1.62 1.79
N TRP I 99 18.98 2.20 2.93
CA TRP I 99 18.65 1.70 4.24
C TRP I 99 17.19 1.88 4.42
N GLY I 100 16.55 0.78 4.69
CA GLY I 100 15.11 0.74 4.74
C GLY I 100 14.43 0.14 3.53
N ALA I 101 15.13 -0.02 2.40
CA ALA I 101 14.52 -0.62 1.23
C ALA I 101 15.19 -1.95 0.96
N GLY I 102 14.37 -3.01 0.94
CA GLY I 102 14.83 -4.40 0.68
C GLY I 102 14.42 -4.80 -0.72
N THR I 103 14.41 -6.09 -0.93
CA THR I 103 14.15 -6.71 -2.22
C THR I 103 12.71 -6.47 -2.72
N LYS I 104 11.69 -6.49 -1.86
CA LYS I 104 10.32 -6.16 -2.34
C LYS I 104 10.15 -4.72 -2.86
N THR I 105 10.67 -3.77 -2.10
CA THR I 105 10.57 -2.37 -2.43
C THR I 105 11.38 -2.07 -3.66
N ALA I 106 12.57 -2.63 -3.74
CA ALA I 106 13.37 -2.54 -4.97
C ALA I 106 12.59 -3.01 -6.20
N GLN I 107 11.98 -4.16 -6.10
CA GLN I 107 11.19 -4.75 -7.20
C GLN I 107 9.96 -3.94 -7.53
N MET I 108 9.28 -3.39 -6.52
CA MET I 108 8.15 -2.47 -6.83
C MET I 108 8.62 -1.22 -7.56
N TRP I 109 9.72 -0.65 -7.10
CA TRP I 109 10.17 0.56 -7.75
C TRP I 109 10.55 0.24 -9.21
N TYR I 110 11.27 -0.85 -9.44
CA TYR I 110 11.58 -1.29 -10.79
C TYR I 110 10.33 -1.49 -11.65
N GLN I 111 9.31 -2.14 -11.10
CA GLN I 111 8.12 -2.39 -11.87
C GLN I 111 7.43 -1.04 -12.20
N GLN I 112 7.58 -0.06 -11.32
CA GLN I 112 7.03 1.26 -11.63
C GLN I 112 7.83 2.05 -12.62
N GLY I 113 8.91 1.45 -13.13
CA GLY I 113 9.69 2.08 -14.17
C GLY I 113 10.91 2.85 -13.67
N PHE I 114 11.19 2.84 -12.37
CA PHE I 114 12.29 3.70 -11.87
C PHE I 114 13.59 2.98 -12.07
N ARG I 115 14.62 3.72 -12.49
CA ARG I 115 15.90 3.13 -12.80
C ARG I 115 17.05 3.87 -12.11
N SER I 116 16.78 4.97 -11.44
CA SER I 116 17.88 5.68 -10.85
C SER I 116 17.47 6.27 -9.54
N LEU I 117 18.44 6.73 -8.76
CA LEU I 117 18.13 7.36 -7.49
C LEU I 117 17.42 8.66 -7.74
N GLU I 118 17.74 9.35 -8.83
CA GLU I 118 17.00 10.54 -9.16
C GLU I 118 15.52 10.24 -9.34
N ASP I 119 15.20 9.13 -10.00
CA ASP I 119 13.80 8.79 -10.20
C ASP I 119 13.17 8.49 -8.87
N ILE I 120 13.93 7.85 -7.98
CA ILE I 120 13.37 7.51 -6.70
C ILE I 120 13.05 8.80 -5.95
N ARG I 121 14.04 9.69 -5.85
CA ARG I 121 13.91 10.97 -5.14
C ARG I 121 12.68 11.76 -5.62
N SER I 122 12.46 11.85 -6.93
CA SER I 122 11.43 12.74 -7.52
C SER I 122 10.05 12.11 -7.64
N GLN I 123 9.97 10.79 -7.76
CA GLN I 123 8.72 10.13 -8.04
C GLN I 123 8.32 9.03 -7.07
N ALA I 124 9.28 8.42 -6.37
CA ALA I 124 8.93 7.26 -5.54
C ALA I 124 8.16 7.58 -4.25
N SER I 125 7.30 6.68 -3.81
CA SER I 125 6.75 6.74 -2.47
C SER I 125 7.77 6.20 -1.44
N LEU I 126 8.24 7.06 -0.53
CA LEU I 126 9.31 6.72 0.42
C LEU I 126 8.87 6.70 1.88
N THR I 127 9.19 5.65 2.63
CA THR I 127 8.96 5.66 4.10
C THR I 127 9.87 6.68 4.74
N THR I 128 9.62 6.98 5.99
CA THR I 128 10.51 7.92 6.73
C THR I 128 11.93 7.38 6.76
N GLN I 129 12.09 6.11 7.09
CA GLN I 129 13.44 5.53 7.16
C GLN I 129 14.11 5.60 5.80
N GLN I 130 13.38 5.21 4.75
CA GLN I 130 13.92 5.22 3.39
C GLN I 130 14.36 6.53 2.93
N ALA I 131 13.59 7.57 3.24
CA ALA I 131 13.98 8.93 2.81
C ALA I 131 15.29 9.32 3.45
N ILE I 132 15.44 8.93 4.68
CA ILE I 132 16.70 9.19 5.42
C ILE I 132 17.87 8.43 4.76
N GLY I 133 17.68 7.14 4.47
CA GLY I 133 18.65 6.34 3.78
C GLY I 133 19.01 6.92 2.44
N LEU I 134 18.02 7.50 1.75
CA LEU I 134 18.28 7.97 0.39
C LEU I 134 19.00 9.30 0.46
N LYS I 135 18.62 10.16 1.40
CA LYS I 135 19.29 11.43 1.47
C LYS I 135 20.78 11.21 1.86
N HIS I 136 21.05 10.08 2.54
CA HIS I 136 22.43 9.77 2.96
C HIS I 136 23.05 8.62 2.14
N TYR I 137 22.57 8.42 0.93
CA TYR I 137 22.96 7.22 0.18
C TYR I 137 24.47 7.08 0.17
N SER I 138 25.15 8.05 -0.43
CA SER I 138 26.63 8.00 -0.60
C SER I 138 27.38 7.84 0.69
N ASP I 139 27.04 8.66 1.67
CA ASP I 139 27.72 8.57 2.94
C ASP I 139 27.62 7.16 3.51
N PHE I 140 26.42 6.56 3.41
CA PHE I 140 26.12 5.30 4.11
C PHE I 140 26.66 4.13 3.35
N LEU I 141 26.83 4.27 2.05
CA LEU I 141 27.48 3.25 1.27
C LEU I 141 28.99 3.16 1.56
N GLU I 142 29.64 4.28 1.92
CA GLU I 142 31.08 4.31 2.10
C GLU I 142 31.37 3.74 3.49
N ARG I 143 32.36 2.87 3.57
CA ARG I 143 32.84 2.36 4.86
C ARG I 143 33.77 3.39 5.45
N MET I 144 33.77 3.51 6.75
CA MET I 144 34.52 4.56 7.40
C MET I 144 35.80 4.00 7.92
N PRO I 145 36.82 4.87 8.01
CA PRO I 145 38.08 4.48 8.59
C PRO I 145 37.86 4.14 10.05
N ARG I 146 38.60 3.16 10.56
CA ARG I 146 38.34 2.75 11.92
C ARG I 146 38.64 3.85 12.97
N GLU I 147 39.47 4.83 12.63
CA GLU I 147 39.74 5.96 13.54
C GLU I 147 38.50 6.77 13.78
N GLU I 148 37.74 6.99 12.71
CA GLU I 148 36.45 7.71 12.82
C GLU I 148 35.42 7.01 13.70
N ALA I 149 35.40 5.68 13.58
CA ALA I 149 34.57 4.83 14.42
C ALA I 149 35.03 4.93 15.84
N THR I 150 36.34 4.96 16.04
CA THR I 150 36.88 5.26 17.37
C THR I 150 36.42 6.60 17.89
N GLU I 151 36.47 7.63 17.05
CA GLU I 151 35.95 8.96 17.45
C GLU I 151 34.47 8.88 17.79
N ILE I 152 33.71 8.11 17.00
CA ILE I 152 32.28 7.98 17.30
C ILE I 152 32.06 7.26 18.63
N GLU I 153 32.82 6.22 18.93
CA GLU I 153 32.70 5.59 20.21
C GLU I 153 33.07 6.55 21.35
N GLN I 154 34.15 7.29 21.20
CA GLN I 154 34.52 8.25 22.24
C GLN I 154 33.39 9.27 22.55
N THR I 155 32.75 9.78 21.50
CA THR I 155 31.65 10.73 21.63
C THR I 155 30.51 10.16 22.46
N VAL I 156 30.16 8.94 22.15
CA VAL I 156 29.13 8.28 22.93
C VAL I 156 29.61 8.06 24.36
N GLN I 157 30.87 7.67 24.51
CA GLN I 157 31.45 7.29 25.80
C GLN I 157 31.47 8.52 26.75
N LYS I 158 32.02 9.64 26.25
CA LYS I 158 32.00 10.92 26.98
C LYS I 158 30.58 11.31 27.48
N ALA I 159 29.62 11.33 26.57
CA ALA I 159 28.24 11.64 26.95
C ALA I 159 27.72 10.70 28.01
N ALA I 160 27.96 9.40 27.85
CA ALA I 160 27.49 8.43 28.83
C ALA I 160 28.13 8.58 30.17
N GLN I 161 29.44 8.81 30.18
CA GLN I 161 30.21 8.84 31.42
C GLN I 161 29.86 10.04 32.29
N ALA I 162 29.45 11.12 31.63
CA ALA I 162 28.90 12.30 32.30
C ALA I 162 27.73 11.90 33.23
N PHE I 163 26.97 10.88 32.87
CA PHE I 163 25.86 10.49 33.73
C PHE I 163 26.28 9.56 34.85
N ASN I 164 27.42 8.88 34.63
CA ASN I 164 27.92 7.86 35.54
C ASN I 164 29.19 7.27 34.99
N SER I 165 30.28 7.46 35.71
CA SER I 165 31.57 7.28 35.09
C SER I 165 32.01 5.83 35.16
N GLY I 166 31.22 4.95 35.75
CA GLY I 166 31.46 3.49 35.72
C GLY I 166 30.70 2.70 34.61
N LEU I 167 29.99 3.42 33.75
CA LEU I 167 29.38 2.83 32.57
C LEU I 167 30.46 2.40 31.59
N LEU I 168 30.35 1.16 31.08
CA LEU I 168 31.22 0.66 30.01
C LEU I 168 30.53 0.84 28.70
N CYS I 169 31.23 1.42 27.74
CA CYS I 169 30.82 1.55 26.37
C CYS I 169 31.82 0.85 25.42
N VAL I 170 31.35 -0.11 24.62
CA VAL I 170 32.18 -0.77 23.62
C VAL I 170 31.59 -0.77 22.21
N ALA I 171 32.36 -0.27 21.26
CA ALA I 171 31.99 -0.42 19.87
C ALA I 171 32.15 -1.88 19.51
N CYS I 172 31.14 -2.48 18.90
CA CYS I 172 31.14 -3.89 18.52
C CYS I 172 31.27 -4.02 17.03
N GLY I 173 30.58 -5.02 16.45
CA GLY I 173 30.62 -5.21 15.03
C GLY I 173 32.04 -5.37 14.50
N SER I 174 32.20 -4.98 13.25
CA SER I 174 33.45 -5.07 12.52
C SER I 174 34.60 -4.25 13.15
N TYR I 175 34.29 -3.20 13.89
CA TYR I 175 35.31 -2.45 14.66
C TYR I 175 35.97 -3.34 15.68
N ARG I 176 35.12 -4.03 16.43
CA ARG I 176 35.58 -4.83 17.48
C ARG I 176 36.23 -6.09 16.92
N ARG I 177 35.90 -6.48 15.69
CA ARG I 177 36.57 -7.61 15.02
C ARG I 177 37.87 -7.16 14.32
N GLY I 178 38.27 -5.90 14.49
CA GLY I 178 39.59 -5.51 14.09
C GLY I 178 39.69 -4.91 12.73
N LYS I 179 38.60 -4.74 12.01
CA LYS I 179 38.68 -4.23 10.66
C LYS I 179 39.18 -2.79 10.59
N ALA I 180 39.73 -2.43 9.45
CA ALA I 180 40.38 -1.15 9.28
C ALA I 180 39.41 -0.18 8.67
N THR I 181 38.34 -0.69 8.08
CA THR I 181 37.19 0.16 7.79
C THR I 181 35.93 -0.49 8.33
N CYS I 182 34.90 0.34 8.57
CA CYS I 182 33.64 -0.11 9.19
C CYS I 182 32.46 0.43 8.45
N GLY I 183 31.43 -0.41 8.37
CA GLY I 183 30.21 -0.09 7.69
C GLY I 183 29.34 0.83 8.51
N ASP I 184 29.25 0.54 9.80
CA ASP I 184 28.48 1.32 10.72
C ASP I 184 29.09 1.14 12.10
N VAL I 185 28.57 1.86 13.09
CA VAL I 185 29.07 1.72 14.44
C VAL I 185 27.95 1.31 15.38
N ASP I 186 28.22 0.30 16.20
CA ASP I 186 27.20 -0.18 17.13
C ASP I 186 27.89 -0.08 18.51
N VAL I 187 27.42 0.80 19.39
CA VAL I 187 27.97 0.97 20.74
C VAL I 187 27.12 0.34 21.79
N LEU I 188 27.73 -0.63 22.48
CA LEU I 188 27.10 -1.37 23.54
C LEU I 188 27.54 -0.80 24.87
N ILE I 189 26.58 -0.67 25.79
CA ILE I 189 26.69 0.04 27.04
C ILE I 189 26.00 -0.72 28.17
N THR I 190 26.66 -0.74 29.32
CA THR I 190 26.15 -1.43 30.51
C THR I 190 26.80 -0.84 31.77
N HIS I 191 26.45 -1.38 32.93
CA HIS I 191 27.14 -1.05 34.20
C HIS I 191 27.38 -2.31 35.04
N PRO I 192 28.65 -2.57 35.49
CA PRO I 192 28.99 -3.75 36.30
C PRO I 192 28.16 -3.88 37.56
N ASP I 193 27.69 -2.77 38.09
CA ASP I 193 26.91 -2.86 39.34
C ASP I 193 25.62 -3.64 39.14
N GLY I 194 25.18 -3.76 37.89
CA GLY I 194 23.98 -4.51 37.55
C GLY I 194 22.66 -3.75 37.50
N ARG I 195 22.64 -2.44 37.79
CA ARG I 195 21.35 -1.67 37.77
C ARG I 195 21.46 -0.21 37.33
N SER I 196 22.67 0.32 37.34
CA SER I 196 22.91 1.73 37.12
C SER I 196 22.81 2.13 35.62
N HIS I 197 22.70 1.13 34.75
CA HIS I 197 22.39 1.32 33.34
C HIS I 197 20.95 1.78 33.16
N ARG I 198 20.06 1.55 34.14
CA ARG I 198 18.67 1.98 34.00
C ARG I 198 18.66 3.48 33.91
N GLY I 199 17.71 4.02 33.16
CA GLY I 199 17.57 5.48 33.00
C GLY I 199 18.48 6.17 32.02
N ILE I 200 19.55 5.52 31.62
CA ILE I 200 20.57 6.21 30.85
C ILE I 200 20.11 6.45 29.43
N PHE I 201 19.39 5.46 28.87
CA PHE I 201 19.05 5.46 27.44
C PHE I 201 18.54 6.81 26.95
N SER I 202 17.42 7.29 27.50
CA SER I 202 16.81 8.52 26.98
C SER I 202 17.67 9.73 27.20
N ARG I 203 18.30 9.75 28.35
CA ARG I 203 19.03 10.94 28.74
C ARG I 203 20.24 11.08 27.84
N LEU I 204 20.95 9.95 27.66
CA LEU I 204 22.09 9.90 26.71
C LEU I 204 21.72 10.38 25.32
N LEU I 205 20.57 9.90 24.83
CA LEU I 205 20.13 10.31 23.51
C LEU I 205 19.84 11.82 23.48
N ASP I 206 19.16 12.35 24.50
CA ASP I 206 18.87 13.78 24.57
C ASP I 206 20.15 14.57 24.57
N SER I 207 21.04 14.16 25.44
CA SER I 207 22.39 14.70 25.47
C SER I 207 23.03 14.72 24.08
N LEU I 208 23.13 13.57 23.43
CA LEU I 208 23.70 13.55 22.07
C LEU I 208 22.90 14.36 21.01
N ARG I 209 21.59 14.39 21.14
CA ARG I 209 20.79 15.30 20.29
C ARG I 209 21.25 16.74 20.50
N GLN I 210 21.25 17.21 21.75
CA GLN I 210 21.35 18.66 21.93
C GLN I 210 22.70 19.19 21.58
N GLU I 211 23.73 18.35 21.58
CA GLU I 211 25.02 18.75 21.00
C GLU I 211 25.00 18.71 19.47
N GLY I 212 23.88 18.31 18.84
CA GLY I 212 23.85 18.10 17.38
C GLY I 212 24.55 16.83 16.80
N PHE I 213 24.87 15.85 17.62
CA PHE I 213 25.66 14.66 17.17
C PHE I 213 24.78 13.73 16.36
N LEU I 214 23.61 13.43 16.91
CA LEU I 214 22.59 12.71 16.20
C LEU I 214 21.76 13.59 15.28
N THR I 215 21.87 13.38 13.98
CA THR I 215 21.20 14.22 12.97
C THR I 215 19.84 13.72 12.52
N ASP I 216 19.51 12.45 12.78
CA ASP I 216 18.27 11.83 12.31
C ASP I 216 18.10 10.54 13.10
N ASP I 217 16.87 10.09 13.31
CA ASP I 217 16.61 8.80 13.95
C ASP I 217 15.96 7.87 12.93
N LEU I 218 16.24 6.58 13.01
CA LEU I 218 15.55 5.61 12.16
C LEU I 218 14.62 4.84 13.01
N VAL I 219 15.09 4.43 14.18
CA VAL I 219 14.22 3.90 15.23
C VAL I 219 14.68 4.53 16.54
N SER I 220 13.90 5.50 17.01
CA SER I 220 14.27 6.26 18.20
C SER I 220 14.38 5.40 19.44
N GLN I 221 13.53 4.40 19.56
CA GLN I 221 13.68 3.52 20.67
C GLN I 221 12.98 2.24 20.40
N GLU I 222 13.66 1.19 20.78
CA GLU I 222 13.16 -0.13 20.59
C GLU I 222 13.52 -0.92 21.82
N GLU I 223 12.58 -1.69 22.33
CA GLU I 223 12.85 -2.42 23.54
C GLU I 223 12.66 -3.89 23.32
N ASN I 224 13.70 -4.63 23.70
CA ASN I 224 13.69 -6.06 23.62
C ASN I 224 14.13 -6.61 24.97
N GLY I 225 13.16 -7.10 25.74
CA GLY I 225 13.35 -7.40 27.14
C GLY I 225 13.98 -6.19 27.83
N GLN I 226 15.10 -6.42 28.51
CA GLN I 226 15.74 -5.35 29.28
C GLN I 226 16.58 -4.43 28.38
N GLN I 227 16.84 -4.84 27.14
CA GLN I 227 17.77 -4.08 26.26
C GLN I 227 16.98 -3.01 25.60
N GLN I 228 17.59 -1.85 25.45
CA GLN I 228 16.99 -0.73 24.75
C GLN I 228 17.94 -0.35 23.63
N LYS I 229 17.40 -0.03 22.47
CA LYS I 229 18.22 0.13 21.26
C LYS I 229 17.71 1.27 20.51
N TYR I 230 18.64 2.09 20.10
CA TYR I 230 18.46 3.23 19.24
C TYR I 230 19.18 2.88 17.96
N LEU I 231 18.56 3.22 16.83
CA LEU I 231 19.16 3.14 15.51
C LEU I 231 19.03 4.48 14.86
N GLY I 232 20.14 5.06 14.44
CA GLY I 232 20.11 6.40 13.84
C GLY I 232 21.34 6.78 13.05
N VAL I 233 21.56 8.10 12.97
CA VAL I 233 22.55 8.74 12.08
C VAL I 233 23.28 9.78 12.92
N CYS I 234 24.59 9.81 12.82
CA CYS I 234 25.39 10.74 13.60
C CYS I 234 26.36 11.37 12.61
N ARG I 235 26.98 12.46 13.02
CA ARG I 235 28.02 13.07 12.23
C ARG I 235 28.95 13.77 13.17
N LEU I 236 30.24 13.53 13.06
CA LEU I 236 31.18 14.10 13.99
C LEU I 236 31.31 15.57 13.65
N PRO I 237 31.64 16.41 14.66
CA PRO I 237 31.51 17.86 14.50
C PRO I 237 32.63 18.36 13.63
N GLY I 238 32.40 19.50 12.98
CA GLY I 238 33.37 20.06 12.04
C GLY I 238 33.09 19.69 10.59
N PRO I 239 34.01 20.12 9.69
CA PRO I 239 33.85 20.03 8.24
C PRO I 239 34.53 18.82 7.66
N GLY I 240 34.14 18.42 6.46
CA GLY I 240 34.67 17.20 5.83
C GLY I 240 34.05 15.91 6.34
N ARG I 241 33.08 16.04 7.23
CA ARG I 241 32.54 14.91 7.95
C ARG I 241 31.28 14.37 7.33
N ARG I 242 31.19 13.05 7.29
CA ARG I 242 30.06 12.41 6.70
C ARG I 242 29.09 11.93 7.76
N HIS I 243 27.85 11.73 7.33
CA HIS I 243 26.86 11.08 8.14
C HIS I 243 27.14 9.56 8.18
N ARG I 244 27.10 8.99 9.38
CA ARG I 244 27.26 7.58 9.54
C ARG I 244 26.11 7.01 10.30
N ARG I 245 25.83 5.74 10.01
CA ARG I 245 24.89 4.93 10.80
C ARG I 245 25.47 4.58 12.18
N LEU I 246 24.69 4.82 13.22
CA LEU I 246 25.08 4.58 14.58
C LEU I 246 23.92 3.88 15.27
N ASP I 247 24.23 2.78 15.92
CA ASP I 247 23.30 2.15 16.85
C ASP I 247 23.86 2.30 18.29
N ILE I 248 22.95 2.43 19.25
CA ILE I 248 23.34 2.44 20.65
C ILE I 248 22.44 1.46 21.41
N ILE I 249 23.02 0.54 22.17
CA ILE I 249 22.23 -0.49 22.87
C ILE I 249 22.64 -0.49 24.36
N VAL I 250 21.66 -0.30 25.24
CA VAL I 250 21.92 -0.31 26.69
C VAL I 250 21.36 -1.62 27.21
N VAL I 251 22.21 -2.38 27.90
CA VAL I 251 21.84 -3.67 28.45
C VAL I 251 22.30 -3.87 29.91
N PRO I 252 21.53 -4.68 30.65
CA PRO I 252 21.98 -5.10 31.97
C PRO I 252 23.28 -5.89 31.95
N TYR I 253 24.04 -5.74 33.02
CA TYR I 253 25.31 -6.45 33.15
C TYR I 253 25.19 -7.94 32.97
N SER I 254 24.15 -8.54 33.50
CA SER I 254 23.99 -10.01 33.34
C SER I 254 23.95 -10.49 31.86
N GLU I 255 23.54 -9.63 30.94
CA GLU I 255 23.42 -9.98 29.50
C GLU I 255 24.65 -9.58 28.65
N PHE I 256 25.59 -8.90 29.29
CA PHE I 256 26.66 -8.20 28.61
C PHE I 256 27.44 -9.17 27.72
N ALA I 257 27.69 -10.36 28.23
CA ALA I 257 28.47 -11.32 27.46
C ALA I 257 27.75 -11.71 26.18
N CYS I 258 26.48 -12.01 26.29
CA CYS I 258 25.76 -12.52 25.16
C CYS I 258 25.48 -11.39 24.17
N ALA I 259 25.37 -10.19 24.68
CA ALA I 259 25.18 -9.02 23.83
C ALA I 259 26.43 -8.62 23.07
N LEU I 260 27.57 -8.73 23.71
CA LEU I 260 28.84 -8.43 23.06
C LEU I 260 29.01 -9.38 21.91
N LEU I 261 28.64 -10.62 22.16
CA LEU I 261 28.80 -11.69 21.22
C LEU I 261 27.94 -11.45 19.96
N TYR I 262 26.67 -11.20 20.21
CA TYR I 262 25.68 -10.99 19.15
C TYR I 262 26.08 -9.77 18.36
N PHE I 263 26.29 -8.67 19.03
CA PHE I 263 26.66 -7.45 18.30
C PHE I 263 28.07 -7.46 17.75
N THR I 264 28.96 -8.34 18.23
CA THR I 264 30.27 -8.41 17.58
C THR I 264 30.13 -9.16 16.26
N GLY I 265 29.28 -10.17 16.21
CA GLY I 265 29.07 -10.90 14.95
C GLY I 265 30.30 -11.75 14.64
N SER I 266 30.59 -12.01 13.37
CA SER I 266 29.85 -11.53 12.22
C SER I 266 28.52 -12.20 12.28
N ALA I 267 27.64 -11.83 11.37
CA ALA I 267 26.31 -12.44 11.33
C ALA I 267 26.41 -13.95 11.01
N HIS I 268 27.39 -14.36 10.20
CA HIS I 268 27.56 -15.80 9.90
C HIS I 268 28.02 -16.56 11.13
N PHE I 269 28.93 -15.94 11.84
CA PHE I 269 29.44 -16.54 13.01
C PHE I 269 28.29 -16.71 13.98
N ASN I 270 27.41 -15.72 14.11
CA ASN I 270 26.29 -15.88 15.04
C ASN I 270 25.40 -17.02 14.54
N ARG I 271 25.24 -17.14 13.23
CA ARG I 271 24.32 -18.15 12.68
C ARG I 271 24.87 -19.51 13.04
N SER I 272 26.17 -19.66 12.84
CA SER I 272 26.82 -20.95 13.11
C SER I 272 26.78 -21.28 14.59
N MET I 273 26.71 -20.27 15.45
CA MET I 273 26.68 -20.50 16.88
C MET I 273 25.31 -20.90 17.34
N ARG I 274 24.30 -20.24 16.80
CA ARG I 274 22.93 -20.62 17.11
C ARG I 274 22.69 -22.03 16.63
N ALA I 275 23.22 -22.38 15.47
CA ALA I 275 23.06 -23.74 14.94
C ALA I 275 23.64 -24.74 15.93
N LEU I 276 24.91 -24.54 16.26
CA LEU I 276 25.56 -25.34 17.28
C LEU I 276 24.74 -25.48 18.57
N ALA I 277 24.37 -24.35 19.19
CA ALA I 277 23.60 -24.40 20.43
C ALA I 277 22.32 -25.24 20.34
N LYS I 278 21.73 -25.20 19.16
CA LYS I 278 20.52 -25.93 18.89
C LYS I 278 20.82 -27.45 18.96
N THR I 279 21.95 -27.84 18.36
CA THR I 279 22.39 -29.22 18.37
C THR I 279 22.87 -29.61 19.75
N LYS I 280 22.64 -28.79 20.75
CA LYS I 280 22.98 -29.22 22.08
C LYS I 280 21.83 -28.94 23.04
N GLY I 281 20.63 -28.83 22.50
CA GLY I 281 19.48 -28.55 23.33
C GLY I 281 19.40 -27.13 23.87
N MET I 282 20.11 -26.20 23.23
CA MET I 282 20.20 -24.83 23.75
C MET I 282 19.84 -23.78 22.70
N SER I 283 19.43 -22.61 23.19
CA SER I 283 19.20 -21.41 22.39
C SER I 283 20.11 -20.24 22.80
N LEU I 284 20.70 -19.59 21.81
CA LEU I 284 21.57 -18.47 22.05
C LEU I 284 21.01 -17.27 21.36
N SER I 285 20.77 -16.24 22.19
CA SER I 285 20.21 -14.97 21.77
C SER I 285 21.10 -13.82 22.25
N GLU I 286 20.66 -12.60 22.01
CA GLU I 286 21.44 -11.41 22.37
C GLU I 286 21.33 -11.16 23.85
N HIS I 287 20.35 -11.82 24.47
CA HIS I 287 20.15 -11.83 25.91
C HIS I 287 20.92 -12.91 26.68
N ALA I 288 21.01 -14.11 26.12
CA ALA I 288 21.38 -15.30 26.89
C ALA I 288 21.57 -16.58 26.10
N LEU I 289 22.36 -17.47 26.69
CA LEU I 289 22.44 -18.86 26.27
C LEU I 289 21.62 -19.66 27.23
N SER I 290 20.50 -20.21 26.76
CA SER I 290 19.54 -20.90 27.62
C SER I 290 19.39 -22.36 27.23
N THR I 291 18.92 -23.18 28.17
CA THR I 291 18.53 -24.57 27.82
C THR I 291 17.16 -24.51 27.21
N ALA I 292 16.78 -25.58 26.52
CA ALA I 292 15.62 -25.59 25.62
C ALA I 292 14.29 -25.37 26.31
N VAL I 293 13.31 -24.97 25.50
CA VAL I 293 11.99 -24.59 26.01
C VAL I 293 11.27 -25.74 26.68
N VAL I 294 10.39 -25.39 27.61
CA VAL I 294 9.51 -26.36 28.28
C VAL I 294 8.04 -26.25 27.81
N ARG I 295 7.54 -25.02 27.73
CA ARG I 295 6.11 -24.74 27.51
C ARG I 295 5.55 -24.78 26.05
N ASN I 296 6.14 -25.62 25.20
CA ASN I 296 5.58 -25.87 23.86
C ASN I 296 4.22 -26.53 23.93
N THR I 297 4.23 -27.83 24.23
CA THR I 297 3.10 -28.70 23.94
C THR I 297 2.45 -29.20 25.22
N PRO I 304 9.79 -21.89 28.43
CA PRO I 304 10.68 -20.74 28.32
C PRO I 304 12.15 -21.03 28.59
N GLY I 305 12.50 -22.17 29.17
CA GLY I 305 13.90 -22.59 29.21
C GLY I 305 14.67 -21.75 30.20
N ARG I 306 15.79 -22.25 30.69
CA ARG I 306 16.50 -21.52 31.74
C ARG I 306 17.84 -21.02 31.26
N VAL I 307 18.27 -19.94 31.89
CA VAL I 307 19.38 -19.16 31.44
C VAL I 307 20.67 -19.67 32.03
N LEU I 308 21.55 -20.22 31.20
CA LEU I 308 22.85 -20.59 31.67
C LEU I 308 23.61 -19.28 31.92
N PRO I 309 24.03 -19.04 33.16
CA PRO I 309 24.67 -17.76 33.42
C PRO I 309 26.00 -17.70 32.68
N THR I 310 26.36 -16.52 32.18
CA THR I 310 27.58 -16.39 31.37
C THR I 310 28.27 -15.04 31.65
N PRO I 311 28.99 -14.96 32.77
CA PRO I 311 29.73 -13.74 33.07
C PRO I 311 30.57 -13.26 31.89
N THR I 312 31.18 -14.14 31.11
CA THR I 312 31.99 -13.71 29.95
C THR I 312 31.71 -14.46 28.64
N GLU I 313 32.19 -13.87 27.56
CA GLU I 313 32.14 -14.48 26.25
C GLU I 313 32.74 -15.89 26.30
N LYS I 314 33.92 -16.03 26.91
CA LYS I 314 34.62 -17.34 27.03
C LYS I 314 33.73 -18.45 27.52
N ASP I 315 32.92 -18.15 28.52
CA ASP I 315 31.95 -19.09 29.04
C ASP I 315 30.95 -19.55 28.02
N VAL I 316 30.53 -18.64 27.14
CA VAL I 316 29.55 -19.03 26.12
C VAL I 316 30.20 -20.08 25.23
N PHE I 317 31.43 -19.82 24.81
CA PHE I 317 32.18 -20.72 23.93
C PHE I 317 32.43 -22.07 24.58
N ARG I 318 32.71 -22.00 25.89
CA ARG I 318 32.95 -23.16 26.72
C ARG I 318 31.72 -24.03 26.74
N LEU I 319 30.56 -23.46 27.10
CA LEU I 319 29.35 -24.28 27.20
C LEU I 319 28.89 -24.90 25.88
N LEU I 320 29.53 -24.51 24.78
CA LEU I 320 29.19 -25.06 23.48
C LEU I 320 30.27 -25.98 22.99
N GLY I 321 31.28 -26.20 23.81
CA GLY I 321 32.31 -27.12 23.43
C GLY I 321 33.26 -26.54 22.42
N LEU I 322 33.42 -25.22 22.40
CA LEU I 322 34.32 -24.61 21.45
C LEU I 322 35.44 -23.93 22.21
N PRO I 323 36.63 -23.88 21.61
CA PRO I 323 37.60 -22.90 22.09
C PRO I 323 37.12 -21.42 21.87
N TYR I 324 37.43 -20.52 22.80
CA TYR I 324 37.19 -19.10 22.61
C TYR I 324 37.76 -18.62 21.27
N ARG I 325 37.00 -17.80 20.55
CA ARG I 325 37.53 -17.14 19.34
C ARG I 325 37.65 -15.68 19.67
N GLU I 326 38.80 -15.15 19.32
CA GLU I 326 39.12 -13.75 19.44
C GLU I 326 38.28 -13.01 18.44
N PRO I 327 37.73 -11.84 18.82
CA PRO I 327 36.85 -11.11 17.91
C PRO I 327 37.35 -11.02 16.50
N ALA I 328 38.66 -10.81 16.37
CA ALA I 328 39.30 -10.69 15.07
C ALA I 328 39.15 -11.94 14.18
N GLU I 329 38.70 -13.03 14.78
CA GLU I 329 38.61 -14.28 14.07
C GLU I 329 37.18 -14.74 13.87
N ARG I 330 36.20 -13.94 14.28
CA ARG I 330 34.78 -14.35 14.18
C ARG I 330 34.10 -13.98 12.87
N ASP I 331 34.84 -14.02 11.77
CA ASP I 331 34.21 -13.72 10.50
C ASP I 331 33.43 -14.91 10.03
N TRP I 332 33.99 -16.10 10.20
CA TRP I 332 33.26 -17.34 9.92
C TRP I 332 33.63 -18.39 10.98
N LEU I 333 32.66 -19.12 11.54
CA LEU I 333 32.97 -20.11 12.58
C LEU I 333 33.71 -21.30 12.02
N GLU I 334 33.24 -21.79 10.87
CA GLU I 334 33.71 -23.05 10.28
C GLU I 334 35.10 -22.82 9.70
N HIS I 335 35.41 -21.58 9.34
CA HIS I 335 36.75 -21.19 8.90
C HIS I 335 37.76 -21.30 10.06
N HIS I 336 38.93 -21.89 9.78
CA HIS I 336 39.95 -22.24 10.79
C HIS I 336 39.53 -23.51 11.58
N HIS I 337 38.31 -23.47 12.12
CA HIS I 337 37.57 -24.64 12.64
C HIS I 337 37.74 -25.81 11.67
N ALA M 6 20.08 -9.59 -45.07
CA ALA M 6 19.00 -9.04 -45.93
C ALA M 6 19.38 -9.30 -47.38
N THR M 7 19.19 -10.54 -47.82
CA THR M 7 19.42 -10.91 -49.23
C THR M 7 18.05 -11.07 -49.98
N ASN M 8 17.35 -12.18 -49.72
CA ASN M 8 16.12 -12.60 -50.44
C ASN M 8 16.36 -13.72 -51.43
N HIS M 9 16.38 -14.93 -50.92
CA HIS M 9 16.46 -16.10 -51.75
C HIS M 9 15.18 -16.33 -52.61
N ASN M 10 14.15 -15.49 -52.50
CA ASN M 10 12.87 -15.75 -53.21
C ASN M 10 12.37 -14.60 -54.05
N LEU M 11 13.31 -13.77 -54.52
CA LEU M 11 12.96 -12.60 -55.34
C LEU M 11 12.13 -12.97 -56.58
N HIS M 12 12.43 -14.12 -57.14
CA HIS M 12 11.72 -14.61 -58.33
C HIS M 12 10.22 -14.84 -58.05
N ILE M 13 9.88 -15.00 -56.77
CA ILE M 13 8.50 -15.13 -56.33
C ILE M 13 7.93 -13.78 -55.88
N THR M 14 8.70 -13.05 -55.07
CA THR M 14 8.18 -11.79 -54.56
C THR M 14 7.86 -10.83 -55.65
N GLU M 15 8.73 -10.72 -56.65
CA GLU M 15 8.43 -9.71 -57.65
C GLU M 15 7.06 -9.91 -58.32
N LYS M 16 6.57 -11.15 -58.38
CA LYS M 16 5.28 -11.34 -59.10
C LYS M 16 4.14 -11.13 -58.16
N LEU M 17 4.28 -11.59 -56.91
CA LEU M 17 3.23 -11.36 -55.89
C LEU M 17 2.96 -9.89 -55.56
N GLU M 18 4.01 -9.11 -55.61
CA GLU M 18 3.91 -7.68 -55.42
C GLU M 18 3.04 -7.03 -56.43
N VAL M 19 3.11 -7.51 -57.67
CA VAL M 19 2.25 -6.94 -58.67
C VAL M 19 0.81 -7.23 -58.33
N LEU M 20 0.53 -8.45 -57.95
CA LEU M 20 -0.85 -8.80 -57.56
C LEU M 20 -1.32 -8.04 -56.31
N ALA M 21 -0.42 -7.93 -55.34
CA ALA M 21 -0.76 -7.29 -54.07
C ALA M 21 -1.22 -5.87 -54.36
N LYS M 22 -0.41 -5.18 -55.14
CA LYS M 22 -0.70 -3.85 -55.54
C LYS M 22 -2.01 -3.75 -56.27
N ALA M 23 -2.33 -4.76 -57.07
CA ALA M 23 -3.54 -4.69 -57.84
C ALA M 23 -4.73 -4.72 -56.90
N TYR M 24 -4.65 -5.60 -55.92
CA TYR M 24 -5.70 -5.70 -54.92
C TYR M 24 -5.79 -4.44 -54.04
N SER M 25 -4.65 -3.89 -53.68
CA SER M 25 -4.67 -2.72 -52.83
C SER M 25 -5.43 -1.57 -53.51
N VAL M 26 -4.98 -1.16 -54.69
CA VAL M 26 -5.61 -0.01 -55.36
C VAL M 26 -7.08 -0.25 -55.73
N GLN M 27 -7.48 -1.52 -55.85
CA GLN M 27 -8.89 -1.80 -56.13
C GLN M 27 -9.70 -1.81 -54.85
N GLY M 28 -8.99 -1.76 -53.72
CA GLY M 28 -9.58 -1.48 -52.43
C GLY M 28 -9.86 -2.72 -51.61
N ASP M 29 -9.24 -3.85 -51.98
CA ASP M 29 -9.36 -5.07 -51.19
C ASP M 29 -8.19 -5.12 -50.21
N LYS M 30 -8.28 -4.34 -49.15
CA LYS M 30 -7.11 -4.08 -48.30
C LYS M 30 -6.75 -5.22 -47.39
N TRP M 31 -7.73 -6.02 -46.95
CA TRP M 31 -7.36 -7.15 -46.07
C TRP M 31 -6.66 -8.19 -46.90
N ARG M 32 -7.21 -8.53 -48.06
CA ARG M 32 -6.47 -9.37 -49.03
C ARG M 32 -5.08 -8.84 -49.33
N ALA M 33 -5.01 -7.57 -49.65
CA ALA M 33 -3.73 -6.94 -49.96
C ALA M 33 -2.79 -7.04 -48.77
N LEU M 34 -3.33 -6.85 -47.58
CA LEU M 34 -2.46 -6.96 -46.40
C LEU M 34 -1.90 -8.37 -46.27
N GLY M 35 -2.71 -9.39 -46.52
CA GLY M 35 -2.17 -10.78 -46.45
C GLY M 35 -1.10 -11.00 -47.48
N TYR M 36 -1.23 -10.34 -48.63
CA TYR M 36 -0.15 -10.45 -49.63
C TYR M 36 1.09 -9.72 -49.10
N ALA M 37 0.92 -8.44 -48.74
CA ALA M 37 2.04 -7.63 -48.17
C ALA M 37 2.74 -8.42 -47.11
N LYS M 38 1.93 -9.06 -46.27
CA LYS M 38 2.45 -9.83 -45.15
C LYS M 38 3.24 -10.98 -45.66
N ALA M 39 2.71 -11.77 -46.61
CA ALA M 39 3.41 -13.01 -47.07
C ALA M 39 4.74 -12.73 -47.79
N ILE M 40 4.85 -11.62 -48.48
CA ILE M 40 6.12 -11.30 -49.11
C ILE M 40 7.31 -11.36 -48.09
N ASN M 41 7.05 -11.05 -46.83
CA ASN M 41 8.13 -10.97 -45.83
C ASN M 41 8.58 -12.37 -45.37
N ALA M 42 7.62 -13.19 -44.99
CA ALA M 42 8.00 -14.54 -44.67
C ALA M 42 8.87 -15.09 -45.84
N LEU M 43 8.57 -14.64 -47.06
CA LEU M 43 9.29 -15.04 -48.24
C LEU M 43 10.66 -14.36 -48.30
N LYS M 44 10.64 -13.04 -48.41
CA LYS M 44 11.82 -12.25 -48.35
C LYS M 44 12.89 -12.91 -47.50
N SER M 45 12.66 -12.95 -46.17
CA SER M 45 13.60 -13.65 -45.31
C SER M 45 13.18 -15.09 -45.27
N PHE M 46 14.13 -15.96 -44.98
CA PHE M 46 13.83 -17.36 -44.93
C PHE M 46 15.18 -17.94 -45.30
N HIS M 47 15.72 -18.75 -44.39
CA HIS M 47 17.10 -19.14 -44.49
C HIS M 47 17.52 -19.74 -45.85
N LYS M 48 16.64 -19.63 -46.85
CA LYS M 48 16.53 -20.62 -47.89
C LYS M 48 15.58 -20.05 -48.96
N PRO M 49 15.71 -20.49 -50.22
CA PRO M 49 14.62 -20.19 -51.13
C PRO M 49 13.60 -21.33 -50.99
N VAL M 50 12.31 -21.04 -51.01
CA VAL M 50 11.38 -22.13 -50.75
C VAL M 50 11.30 -23.03 -51.96
N THR M 51 11.39 -24.34 -51.73
CA THR M 51 11.39 -25.34 -52.75
C THR M 51 10.24 -26.37 -52.70
N SER M 52 9.30 -26.24 -51.77
CA SER M 52 8.18 -27.21 -51.75
C SER M 52 6.91 -26.58 -51.22
N TYR M 53 5.78 -27.18 -51.54
CA TYR M 53 4.47 -26.64 -51.10
C TYR M 53 4.33 -26.79 -49.59
N GLN M 54 4.66 -27.98 -49.10
CA GLN M 54 4.68 -28.23 -47.64
C GLN M 54 5.56 -27.26 -46.93
N GLU M 55 6.75 -27.13 -47.47
CA GLU M 55 7.69 -26.21 -46.90
C GLU M 55 7.11 -24.83 -46.89
N ALA M 56 6.52 -24.39 -48.00
CA ALA M 56 5.89 -23.05 -48.01
C ALA M 56 4.75 -22.88 -46.98
N CYS M 57 3.93 -23.92 -46.81
CA CYS M 57 2.77 -23.83 -45.89
C CYS M 57 3.21 -23.71 -44.47
N SER M 58 4.21 -24.53 -44.15
CA SER M 58 4.84 -24.54 -42.86
C SER M 58 5.57 -23.25 -42.58
N ILE M 59 5.17 -22.13 -43.18
CA ILE M 59 5.69 -20.85 -42.75
C ILE M 59 4.62 -19.78 -42.61
N PRO M 60 4.74 -18.92 -41.58
CA PRO M 60 3.58 -18.25 -41.10
C PRO M 60 3.29 -16.99 -41.85
N GLY M 61 2.02 -16.82 -42.22
CA GLY M 61 1.56 -15.76 -43.12
C GLY M 61 1.37 -16.27 -44.55
N ILE M 62 1.76 -17.54 -44.79
CA ILE M 62 1.54 -18.25 -46.05
C ILE M 62 0.74 -19.53 -45.85
N GLY M 63 -0.39 -19.63 -46.55
CA GLY M 63 -1.35 -20.74 -46.42
C GLY M 63 -1.50 -21.43 -47.77
N LYS M 64 -2.57 -22.20 -47.94
CA LYS M 64 -2.82 -22.90 -49.16
C LYS M 64 -2.79 -22.00 -50.39
N ARG M 65 -3.61 -20.98 -50.39
CA ARG M 65 -3.74 -20.13 -51.55
C ARG M 65 -2.37 -19.64 -51.97
N MET M 66 -1.68 -19.02 -51.02
CA MET M 66 -0.43 -18.35 -51.32
C MET M 66 0.61 -19.32 -51.76
N ALA M 67 0.57 -20.51 -51.19
CA ALA M 67 1.46 -21.54 -51.59
C ALA M 67 1.22 -22.05 -53.02
N GLU M 68 -0.04 -22.20 -53.42
CA GLU M 68 -0.33 -22.63 -54.78
C GLU M 68 0.30 -21.68 -55.79
N LYS M 69 0.34 -20.41 -55.45
CA LYS M 69 0.96 -19.41 -56.30
C LYS M 69 2.44 -19.60 -56.28
N ILE M 70 3.00 -19.96 -55.13
CA ILE M 70 4.41 -20.17 -55.11
C ILE M 70 4.79 -21.29 -56.02
N ILE M 71 4.03 -22.37 -55.96
CA ILE M 71 4.36 -23.54 -56.74
C ILE M 71 4.09 -23.25 -58.21
N GLU M 72 3.06 -22.50 -58.52
CA GLU M 72 2.88 -22.20 -59.92
C GLU M 72 4.12 -21.45 -60.48
N ILE M 73 4.63 -20.47 -59.73
CA ILE M 73 5.80 -19.72 -60.18
C ILE M 73 6.99 -20.62 -60.33
N LEU M 74 7.28 -21.38 -59.30
CA LEU M 74 8.36 -22.34 -59.39
C LEU M 74 8.26 -23.20 -60.61
N GLU M 75 7.06 -23.69 -60.90
CA GLU M 75 6.84 -24.56 -62.06
C GLU M 75 6.95 -23.88 -63.40
N SER M 76 6.20 -22.80 -63.56
CA SER M 76 6.03 -22.17 -64.83
C SER M 76 6.86 -20.91 -65.06
N GLY M 77 7.45 -20.35 -64.01
CA GLY M 77 8.05 -19.01 -64.07
C GLY M 77 7.04 -17.89 -64.21
N HIS M 78 5.76 -18.23 -64.09
CA HIS M 78 4.77 -17.22 -64.25
C HIS M 78 3.58 -17.44 -63.30
N LEU M 79 2.72 -16.43 -63.26
CA LEU M 79 1.49 -16.43 -62.52
C LEU M 79 0.45 -15.94 -63.50
N ARG M 80 -0.42 -16.83 -63.94
CA ARG M 80 -1.41 -16.48 -64.94
C ARG M 80 -2.31 -15.37 -64.42
N LYS M 81 -2.42 -15.20 -63.12
CA LYS M 81 -3.40 -14.23 -62.64
C LYS M 81 -2.95 -12.78 -63.00
N LEU M 82 -1.66 -12.60 -63.26
CA LEU M 82 -1.13 -11.33 -63.69
C LEU M 82 -1.59 -10.95 -65.10
N ASP M 83 -2.06 -11.92 -65.87
CA ASP M 83 -2.51 -11.70 -67.22
C ASP M 83 -3.96 -11.34 -67.19
N HIS M 84 -4.62 -11.35 -66.03
CA HIS M 84 -6.03 -10.99 -66.01
C HIS M 84 -6.31 -9.86 -65.02
N ILE M 85 -5.32 -9.03 -64.76
CA ILE M 85 -5.54 -7.94 -63.82
C ILE M 85 -6.39 -6.92 -64.54
N SER M 86 -7.51 -6.51 -63.97
CA SER M 86 -8.29 -5.41 -64.57
C SER M 86 -7.43 -4.22 -65.03
N GLU M 87 -7.87 -3.61 -66.13
CA GLU M 87 -7.02 -2.68 -66.85
C GLU M 87 -7.07 -1.29 -66.26
N SER M 88 -8.05 -1.05 -65.40
CA SER M 88 -8.12 0.22 -64.71
C SER M 88 -6.99 0.34 -63.68
N VAL M 89 -6.30 -0.76 -63.39
CA VAL M 89 -5.38 -0.73 -62.25
C VAL M 89 -4.35 0.38 -62.35
N PRO M 90 -3.70 0.54 -63.50
CA PRO M 90 -2.63 1.56 -63.47
C PRO M 90 -3.19 2.96 -63.17
N VAL M 91 -4.40 3.26 -63.63
CA VAL M 91 -5.01 4.56 -63.43
C VAL M 91 -5.26 4.72 -61.92
N LEU M 92 -6.02 3.77 -61.38
CA LEU M 92 -6.30 3.67 -59.99
C LEU M 92 -5.05 3.76 -59.15
N GLU M 93 -3.94 3.20 -59.62
CA GLU M 93 -2.71 3.32 -58.88
C GLU M 93 -2.21 4.75 -58.98
N LEU M 94 -2.23 5.32 -60.18
CA LEU M 94 -1.79 6.69 -60.36
C LEU M 94 -2.51 7.60 -59.36
N PHE M 95 -3.83 7.46 -59.25
CA PHE M 95 -4.64 8.31 -58.44
C PHE M 95 -4.38 8.14 -56.95
N SER M 96 -4.32 6.88 -56.49
CA SER M 96 -4.12 6.56 -55.07
C SER M 96 -2.73 6.85 -54.63
N ASN M 97 -1.82 7.08 -55.56
CA ASN M 97 -0.49 7.57 -55.22
C ASN M 97 -0.44 9.04 -54.78
N ILE M 98 -1.56 9.72 -54.96
CA ILE M 98 -1.73 11.05 -54.42
C ILE M 98 -1.93 10.93 -52.92
N TRP M 99 -1.08 11.61 -52.14
CA TRP M 99 -1.29 11.64 -50.67
C TRP M 99 -2.64 12.27 -50.34
N GLY M 100 -3.44 11.57 -49.56
CA GLY M 100 -4.77 12.05 -49.25
C GLY M 100 -5.80 11.38 -50.11
N ALA M 101 -5.41 10.75 -51.22
CA ALA M 101 -6.42 10.06 -52.02
C ALA M 101 -6.19 8.58 -51.87
N GLY M 102 -7.22 7.83 -51.50
CA GLY M 102 -7.06 6.38 -51.39
C GLY M 102 -7.91 5.70 -52.44
N THR M 103 -8.28 4.45 -52.17
CA THR M 103 -9.03 3.66 -53.14
C THR M 103 -10.41 4.22 -53.55
N LYS M 104 -11.20 4.75 -52.60
CA LYS M 104 -12.54 5.27 -52.94
C LYS M 104 -12.55 6.52 -53.83
N THR M 105 -11.61 7.42 -53.58
CA THR M 105 -11.52 8.62 -54.39
C THR M 105 -11.14 8.25 -55.79
N ALA M 106 -10.05 7.51 -55.90
CA ALA M 106 -9.55 7.00 -57.17
C ALA M 106 -10.71 6.33 -57.94
N GLN M 107 -11.43 5.39 -57.33
CA GLN M 107 -12.66 4.83 -57.95
C GLN M 107 -13.62 5.91 -58.47
N MET M 108 -14.11 6.75 -57.55
CA MET M 108 -14.98 7.88 -57.89
C MET M 108 -14.41 8.69 -59.04
N TRP M 109 -13.12 8.96 -59.03
CA TRP M 109 -12.54 9.66 -60.17
C TRP M 109 -12.65 8.86 -61.47
N TYR M 110 -12.24 7.59 -61.43
CA TYR M 110 -12.37 6.71 -62.60
C TYR M 110 -13.81 6.76 -63.14
N GLN M 111 -14.79 6.62 -62.27
CA GLN M 111 -16.22 6.70 -62.68
C GLN M 111 -16.51 7.97 -63.45
N GLN M 112 -15.98 9.08 -62.97
CA GLN M 112 -16.19 10.38 -63.62
C GLN M 112 -15.50 10.47 -64.97
N GLY M 113 -14.62 9.52 -65.27
CA GLY M 113 -14.02 9.42 -66.57
C GLY M 113 -12.65 10.05 -66.62
N PHE M 114 -11.99 10.21 -65.47
CA PHE M 114 -10.63 10.75 -65.42
C PHE M 114 -9.58 9.67 -65.61
N ARG M 115 -8.40 10.05 -66.05
CA ARG M 115 -7.46 9.05 -66.47
C ARG M 115 -6.05 9.46 -66.28
N SER M 116 -5.81 10.73 -66.09
CA SER M 116 -4.46 11.24 -66.00
C SER M 116 -4.45 12.25 -64.86
N LEU M 117 -3.30 12.59 -64.35
CA LEU M 117 -3.23 13.61 -63.29
C LEU M 117 -3.80 14.97 -63.77
N GLU M 118 -3.71 15.21 -65.07
CA GLU M 118 -4.13 16.47 -65.64
C GLU M 118 -5.60 16.55 -65.60
N ASP M 119 -6.26 15.43 -65.83
CA ASP M 119 -7.73 15.34 -65.70
C ASP M 119 -8.19 15.78 -64.30
N ILE M 120 -7.49 15.22 -63.30
CA ILE M 120 -7.72 15.52 -61.88
C ILE M 120 -7.54 17.01 -61.55
N ARG M 121 -6.34 17.49 -61.80
CA ARG M 121 -5.93 18.85 -61.58
C ARG M 121 -6.90 19.90 -62.15
N SER M 122 -7.37 19.69 -63.38
CA SER M 122 -8.23 20.67 -64.07
C SER M 122 -9.71 20.45 -63.84
N GLN M 123 -10.10 19.23 -63.49
CA GLN M 123 -11.52 18.98 -63.35
C GLN M 123 -12.03 18.40 -62.03
N ALA M 124 -11.16 17.87 -61.18
CA ALA M 124 -11.60 17.18 -59.95
C ALA M 124 -11.54 18.15 -58.80
N SER M 125 -12.55 18.12 -57.96
CA SER M 125 -12.46 18.76 -56.67
C SER M 125 -11.42 17.97 -55.86
N LEU M 126 -10.74 18.65 -54.96
CA LEU M 126 -9.64 18.08 -54.24
C LEU M 126 -9.66 18.64 -52.87
N THR M 127 -9.55 17.77 -51.86
CA THR M 127 -9.33 18.27 -50.48
C THR M 127 -8.07 19.08 -50.50
N THR M 128 -7.86 19.85 -49.46
CA THR M 128 -6.63 20.65 -49.32
C THR M 128 -5.46 19.70 -49.35
N GLN M 129 -5.65 18.58 -48.64
CA GLN M 129 -4.60 17.58 -48.57
C GLN M 129 -4.27 16.95 -49.94
N GLN M 130 -5.28 16.48 -50.67
CA GLN M 130 -5.03 15.95 -52.00
C GLN M 130 -4.35 16.94 -52.91
N ALA M 131 -4.71 18.22 -52.76
CA ALA M 131 -4.17 19.24 -53.61
C ALA M 131 -2.70 19.30 -53.39
N ILE M 132 -2.34 19.32 -52.11
CA ILE M 132 -0.94 19.35 -51.76
C ILE M 132 -0.22 18.10 -52.22
N GLY M 133 -0.87 16.95 -52.01
CA GLY M 133 -0.32 15.69 -52.51
C GLY M 133 -0.15 15.67 -54.04
N LEU M 134 -1.15 16.16 -54.77
CA LEU M 134 -1.06 16.23 -56.24
C LEU M 134 0.05 17.16 -56.64
N LYS M 135 0.12 18.30 -55.98
CA LYS M 135 1.15 19.24 -56.30
C LYS M 135 2.52 18.64 -56.18
N HIS M 136 2.75 17.75 -55.23
CA HIS M 136 4.12 17.20 -55.04
C HIS M 136 4.16 15.73 -55.42
N TYR M 137 3.24 15.34 -56.27
CA TYR M 137 3.09 13.96 -56.68
C TYR M 137 4.40 13.24 -56.88
N SER M 138 5.28 13.87 -57.66
CA SER M 138 6.53 13.23 -58.06
CA SER M 138 6.55 13.26 -58.08
C SER M 138 7.55 13.24 -56.95
N ASP M 139 7.59 14.31 -56.19
CA ASP M 139 8.53 14.39 -55.06
C ASP M 139 8.17 13.26 -54.08
N PHE M 140 6.89 13.09 -53.84
CA PHE M 140 6.44 12.22 -52.79
C PHE M 140 6.58 10.74 -53.14
N LEU M 141 6.55 10.41 -54.42
CA LEU M 141 6.66 9.04 -54.89
C LEU M 141 8.07 8.54 -54.76
N GLU M 142 9.08 9.40 -54.69
CA GLU M 142 10.42 8.85 -54.59
C GLU M 142 10.92 8.82 -53.14
N ARG M 143 11.73 7.83 -52.83
CA ARG M 143 12.35 7.66 -51.55
C ARG M 143 13.58 8.48 -51.56
N MET M 144 13.99 8.96 -50.41
CA MET M 144 15.06 9.86 -50.36
C MET M 144 16.21 9.05 -49.89
N PRO M 145 17.43 9.57 -50.05
CA PRO M 145 18.57 8.90 -49.52
C PRO M 145 18.68 9.18 -48.04
N ARG M 146 19.18 8.19 -47.35
CA ARG M 146 19.28 8.23 -45.89
C ARG M 146 19.95 9.50 -45.37
N GLU M 147 20.90 10.04 -46.12
CA GLU M 147 21.65 11.23 -45.67
C GLU M 147 20.83 12.55 -45.84
N GLU M 148 19.88 12.59 -46.75
CA GLU M 148 18.92 13.71 -46.77
C GLU M 148 17.97 13.61 -45.54
N ALA M 149 17.55 12.40 -45.22
CA ALA M 149 16.80 12.15 -43.99
C ALA M 149 17.58 12.72 -42.78
N THR M 150 18.84 12.37 -42.65
CA THR M 150 19.64 12.92 -41.57
C THR M 150 19.63 14.44 -41.55
N GLU M 151 19.73 15.06 -42.71
CA GLU M 151 19.75 16.54 -42.78
C GLU M 151 18.40 17.08 -42.36
N ILE M 152 17.35 16.41 -42.76
CA ILE M 152 16.00 16.84 -42.35
C ILE M 152 15.85 16.81 -40.85
N GLU M 153 16.29 15.74 -40.21
CA GLU M 153 16.18 15.61 -38.78
C GLU M 153 17.08 16.62 -38.08
N GLN M 154 18.24 16.88 -38.67
CA GLN M 154 19.15 17.79 -37.99
C GLN M 154 18.53 19.15 -37.95
N THR M 155 17.80 19.52 -38.99
CA THR M 155 17.09 20.76 -39.05
C THR M 155 16.02 20.87 -37.97
N VAL M 156 15.26 19.77 -37.80
CA VAL M 156 14.18 19.78 -36.82
C VAL M 156 14.80 19.90 -35.45
N GLN M 157 15.88 19.16 -35.22
CA GLN M 157 16.50 19.12 -33.91
C GLN M 157 17.20 20.39 -33.53
N LYS M 158 17.88 21.02 -34.47
CA LYS M 158 18.48 22.28 -34.11
C LYS M 158 17.39 23.32 -33.79
N ALA M 159 16.32 23.38 -34.56
CA ALA M 159 15.27 24.34 -34.24
C ALA M 159 14.61 24.10 -32.88
N ALA M 160 14.60 22.84 -32.42
CA ALA M 160 13.95 22.44 -31.17
C ALA M 160 14.79 22.71 -29.93
N GLN M 161 16.06 22.36 -30.05
CA GLN M 161 17.03 22.52 -29.00
C GLN M 161 17.39 23.96 -28.78
N ALA M 162 17.09 24.78 -29.76
CA ALA M 162 17.11 26.24 -29.59
C ALA M 162 16.12 26.71 -28.50
N PHE M 163 14.99 26.02 -28.37
CA PHE M 163 14.02 26.41 -27.35
C PHE M 163 14.44 25.85 -26.04
N ASN M 164 14.94 24.61 -26.07
CA ASN M 164 15.34 23.96 -24.86
C ASN M 164 16.37 22.93 -25.22
N SER M 165 17.57 23.13 -24.69
CA SER M 165 18.69 22.29 -25.05
C SER M 165 18.66 20.83 -24.55
N GLY M 166 17.82 20.48 -23.59
CA GLY M 166 17.74 19.10 -23.12
C GLY M 166 16.72 18.24 -23.86
N LEU M 167 16.04 18.77 -24.86
CA LEU M 167 15.14 17.93 -25.66
C LEU M 167 15.92 16.83 -26.43
N LEU M 168 15.27 15.68 -26.51
CA LEU M 168 15.75 14.54 -27.28
C LEU M 168 14.93 14.51 -28.53
N CYS M 169 15.58 14.53 -29.70
CA CYS M 169 14.92 14.38 -30.98
C CYS M 169 15.54 13.18 -31.71
N VAL M 170 14.69 12.32 -32.29
CA VAL M 170 15.10 11.06 -32.91
C VAL M 170 14.27 10.84 -34.17
N ALA M 171 14.90 10.70 -35.34
CA ALA M 171 14.18 10.23 -36.54
C ALA M 171 13.89 8.76 -36.44
N CYS M 172 12.66 8.38 -36.76
CA CYS M 172 12.22 6.99 -36.61
C CYS M 172 12.08 6.30 -37.96
N GLY M 173 11.01 5.54 -38.14
CA GLY M 173 10.75 4.79 -39.36
C GLY M 173 11.93 4.02 -39.96
N SER M 174 11.86 3.85 -41.29
CA SER M 174 12.89 3.19 -42.10
C SER M 174 14.30 3.71 -41.81
N TYR M 175 14.43 4.99 -41.48
CA TYR M 175 15.73 5.58 -41.14
C TYR M 175 16.32 5.00 -39.90
N ARG M 176 15.51 4.82 -38.84
CA ARG M 176 16.08 4.37 -37.61
C ARG M 176 16.41 2.91 -37.80
N ARG M 177 15.69 2.23 -38.67
CA ARG M 177 15.99 0.84 -38.89
C ARG M 177 17.17 0.67 -39.85
N GLY M 178 17.86 1.75 -40.20
CA GLY M 178 19.07 1.65 -40.99
C GLY M 178 18.90 1.54 -42.49
N LYS M 179 17.73 1.78 -43.05
CA LYS M 179 17.58 1.64 -44.52
C LYS M 179 18.39 2.69 -45.31
N ALA M 180 18.70 2.36 -46.58
CA ALA M 180 19.54 3.23 -47.42
C ALA M 180 18.71 4.39 -47.87
N THR M 181 17.48 4.14 -48.23
CA THR M 181 16.62 5.18 -48.63
C THR M 181 15.36 5.17 -47.78
N CYS M 182 14.70 6.34 -47.70
CA CYS M 182 13.53 6.55 -46.79
C CYS M 182 12.31 7.14 -47.46
N GLY M 183 11.16 6.58 -47.18
CA GLY M 183 9.86 7.07 -47.71
C GLY M 183 9.54 8.48 -47.29
N ASP M 184 9.81 8.81 -46.03
CA ASP M 184 9.48 10.08 -45.43
C ASP M 184 10.30 10.12 -44.17
N VAL M 185 10.14 11.16 -43.38
CA VAL M 185 10.85 11.32 -42.09
C VAL M 185 9.79 11.60 -40.97
N ASP M 186 9.94 10.91 -39.84
CA ASP M 186 9.02 10.95 -38.69
C ASP M 186 10.01 11.39 -37.55
N VAL M 187 9.94 12.63 -37.04
CA VAL M 187 10.85 13.05 -35.93
C VAL M 187 10.10 13.08 -34.62
N LEU M 188 10.54 12.25 -33.69
CA LEU M 188 9.95 12.11 -32.37
C LEU M 188 10.76 12.91 -31.37
N ILE M 189 10.07 13.71 -30.52
CA ILE M 189 10.70 14.66 -29.59
C ILE M 189 10.16 14.45 -28.20
N THR M 190 11.06 14.39 -27.21
CA THR M 190 10.62 14.36 -25.80
C THR M 190 11.60 15.10 -24.95
N HIS M 191 11.36 15.14 -23.61
CA HIS M 191 12.33 15.66 -22.69
C HIS M 191 12.43 14.77 -21.49
N PRO M 192 13.66 14.43 -21.06
CA PRO M 192 13.83 13.56 -19.92
C PRO M 192 13.29 14.04 -18.59
N ASP M 193 12.98 15.33 -18.43
CA ASP M 193 12.39 15.78 -17.13
C ASP M 193 10.91 15.52 -17.05
N GLY M 194 10.28 15.05 -18.12
CA GLY M 194 8.89 14.60 -18.07
C GLY M 194 7.88 15.70 -18.30
N ARG M 195 8.37 16.90 -18.46
CA ARG M 195 7.46 18.01 -18.66
C ARG M 195 7.93 19.13 -19.56
N SER M 196 9.21 19.30 -19.83
CA SER M 196 9.55 20.54 -20.56
C SER M 196 9.36 20.35 -22.08
N HIS M 197 8.81 19.22 -22.48
CA HIS M 197 8.39 19.06 -23.85
C HIS M 197 7.17 19.90 -24.18
N ARG M 198 6.40 20.29 -23.17
CA ARG M 198 5.19 21.06 -23.41
C ARG M 198 5.46 22.42 -24.03
N GLY M 199 4.59 22.81 -24.93
CA GLY M 199 4.69 24.09 -25.60
C GLY M 199 5.82 24.16 -26.63
N ILE M 200 6.53 23.06 -26.87
CA ILE M 200 7.59 23.06 -27.86
C ILE M 200 7.00 22.96 -29.24
N PHE M 201 5.99 22.13 -29.36
CA PHE M 201 5.45 21.78 -30.63
C PHE M 201 5.11 23.04 -31.46
N SER M 202 4.23 23.90 -30.96
CA SER M 202 3.72 24.97 -31.82
C SER M 202 4.85 25.97 -32.09
N ARG M 203 5.76 26.09 -31.14
CA ARG M 203 6.86 26.99 -31.35
C ARG M 203 7.80 26.47 -32.42
N LEU M 204 8.00 25.16 -32.39
CA LEU M 204 8.91 24.53 -33.30
C LEU M 204 8.40 24.74 -34.70
N LEU M 205 7.13 24.49 -34.88
CA LEU M 205 6.58 24.53 -36.20
C LEU M 205 6.71 25.92 -36.82
N ASP M 206 6.45 26.95 -36.02
CA ASP M 206 6.42 28.23 -36.61
C ASP M 206 7.89 28.76 -36.73
N SER M 207 8.82 28.28 -35.95
CA SER M 207 10.21 28.59 -36.24
C SER M 207 10.66 27.96 -37.59
N LEU M 208 10.18 26.74 -37.84
CA LEU M 208 10.47 26.07 -39.09
C LEU M 208 9.67 26.62 -40.28
N ARG M 209 8.48 27.14 -40.08
CA ARG M 209 7.83 27.94 -41.12
C ARG M 209 8.62 29.20 -41.46
N GLN M 210 9.19 29.84 -40.46
CA GLN M 210 9.82 31.13 -40.67
C GLN M 210 11.08 30.98 -41.46
N GLU M 211 11.87 29.95 -41.18
CA GLU M 211 13.10 29.79 -41.93
C GLU M 211 12.85 29.17 -43.34
N GLY M 212 11.60 29.10 -43.74
CA GLY M 212 11.19 28.53 -45.03
C GLY M 212 11.27 27.00 -45.12
N PHE M 213 11.43 26.29 -44.01
CA PHE M 213 11.69 24.83 -44.10
C PHE M 213 10.43 24.04 -44.31
N LEU M 214 9.35 24.42 -43.62
CA LEU M 214 8.04 23.86 -43.86
C LEU M 214 7.34 24.65 -44.95
N THR M 215 6.76 23.89 -45.86
CA THR M 215 6.26 24.33 -47.14
C THR M 215 4.78 24.32 -47.18
N ASP M 216 4.17 23.40 -46.43
CA ASP M 216 2.73 23.14 -46.52
C ASP M 216 2.38 22.20 -45.36
N ASP M 217 1.16 22.26 -44.90
CA ASP M 217 0.75 21.50 -43.74
C ASP M 217 -0.35 20.60 -44.16
N LEU M 218 -0.25 19.32 -43.85
CA LEU M 218 -1.33 18.39 -44.18
C LEU M 218 -2.27 18.27 -43.01
N VAL M 219 -1.71 18.12 -41.82
CA VAL M 219 -2.48 18.25 -40.58
C VAL M 219 -1.60 19.02 -39.61
N SER M 220 -2.02 20.23 -39.35
CA SER M 220 -1.27 21.19 -38.57
C SER M 220 -1.05 20.69 -37.16
N GLN M 221 -2.10 20.18 -36.54
CA GLN M 221 -1.97 19.64 -35.20
C GLN M 221 -2.93 18.52 -35.00
N GLU M 222 -2.44 17.38 -34.53
CA GLU M 222 -3.30 16.33 -34.09
C GLU M 222 -2.99 16.09 -32.59
N GLU M 223 -4.03 15.98 -31.75
CA GLU M 223 -3.89 15.62 -30.32
C GLU M 223 -4.36 14.19 -30.05
N ASN M 224 -3.46 13.37 -29.56
CA ASN M 224 -3.81 12.00 -29.23
C ASN M 224 -3.31 11.73 -27.87
N GLY M 225 -4.23 11.81 -26.93
CA GLY M 225 -3.92 11.77 -25.52
C GLY M 225 -2.85 12.81 -25.22
N GLN M 226 -1.73 12.34 -24.68
CA GLN M 226 -0.64 13.20 -24.31
C GLN M 226 0.37 13.48 -25.45
N GLN M 227 0.05 13.13 -26.67
CA GLN M 227 1.01 13.34 -27.76
C GLN M 227 0.46 14.38 -28.69
N GLN M 228 1.35 15.15 -29.29
CA GLN M 228 1.02 16.06 -30.34
C GLN M 228 1.72 15.63 -31.59
N LYS M 229 1.01 15.71 -32.73
CA LYS M 229 1.53 15.28 -34.00
C LYS M 229 1.26 16.27 -35.15
N TYR M 230 2.32 16.57 -35.90
CA TYR M 230 2.26 17.40 -37.06
C TYR M 230 2.52 16.53 -38.30
N LEU M 231 1.66 16.64 -39.31
CA LEU M 231 1.88 16.01 -40.66
C LEU M 231 2.03 17.07 -41.72
N GLY M 232 3.18 17.12 -42.40
CA GLY M 232 3.36 18.10 -43.47
C GLY M 232 4.48 17.83 -44.45
N VAL M 233 5.04 18.92 -44.96
CA VAL M 233 5.96 18.90 -46.12
C VAL M 233 7.11 19.82 -45.85
N CYS M 234 8.31 19.29 -45.93
CA CYS M 234 9.48 20.15 -45.83
C CYS M 234 10.31 20.14 -47.11
N ARG M 235 11.26 21.07 -47.17
CA ARG M 235 12.21 21.12 -48.25
C ARG M 235 13.49 21.73 -47.80
N LEU M 236 14.53 20.93 -47.88
CA LEU M 236 15.82 21.39 -47.49
C LEU M 236 16.26 22.64 -48.31
N PRO M 237 17.10 23.51 -47.73
CA PRO M 237 17.48 24.70 -48.51
C PRO M 237 18.44 24.37 -49.67
N GLY M 238 18.26 25.04 -50.81
CA GLY M 238 19.28 25.02 -51.86
C GLY M 238 18.68 24.63 -53.18
N PRO M 239 19.45 24.81 -54.27
CA PRO M 239 18.90 24.47 -55.59
C PRO M 239 18.64 22.98 -55.73
N GLY M 240 17.60 22.62 -56.45
CA GLY M 240 17.31 21.23 -56.79
C GLY M 240 16.66 20.33 -55.75
N ARG M 241 16.45 20.84 -54.53
CA ARG M 241 15.97 20.01 -53.44
C ARG M 241 14.57 19.63 -53.68
N ARG M 242 14.25 18.39 -53.31
CA ARG M 242 12.90 17.90 -53.45
C ARG M 242 12.06 18.17 -52.15
N HIS M 243 10.74 18.31 -52.33
CA HIS M 243 9.80 18.37 -51.23
C HIS M 243 9.62 16.96 -50.65
N ARG M 244 9.61 16.85 -49.33
CA ARG M 244 9.47 15.55 -48.62
C ARG M 244 8.42 15.58 -47.52
N ARG M 245 7.87 14.41 -47.28
CA ARG M 245 6.86 14.21 -46.26
C ARG M 245 7.60 14.15 -44.90
N LEU M 246 7.15 15.01 -43.98
CA LEU M 246 7.75 15.11 -42.65
C LEU M 246 6.64 15.04 -41.64
N ASP M 247 6.83 14.20 -40.64
CA ASP M 247 5.97 14.16 -39.45
C ASP M 247 6.83 14.59 -38.25
N ILE M 248 6.22 15.31 -37.32
CA ILE M 248 6.90 15.68 -36.08
C ILE M 248 5.94 15.31 -34.94
N ILE M 249 6.46 14.55 -33.96
CA ILE M 249 5.66 14.03 -32.85
C ILE M 249 6.30 14.44 -31.55
N VAL M 250 5.51 15.08 -30.69
CA VAL M 250 6.04 15.37 -29.33
C VAL M 250 5.30 14.71 -28.27
N VAL M 251 6.06 14.15 -27.36
CA VAL M 251 5.56 13.14 -26.45
C VAL M 251 6.18 13.30 -25.07
N PRO M 252 5.41 13.03 -24.01
CA PRO M 252 6.03 13.05 -22.68
C PRO M 252 6.97 11.87 -22.53
N TYR M 253 8.00 12.01 -21.67
CA TYR M 253 8.98 10.98 -21.46
C TYR M 253 8.43 9.63 -21.10
N SER M 254 7.35 9.58 -20.32
CA SER M 254 6.84 8.26 -19.86
C SER M 254 6.34 7.38 -21.01
N GLU M 255 6.00 8.03 -22.12
CA GLU M 255 5.57 7.32 -23.32
C GLU M 255 6.65 7.15 -24.39
N PHE M 256 7.87 7.55 -24.10
CA PHE M 256 8.90 7.62 -25.12
C PHE M 256 9.24 6.23 -25.70
N ALA M 257 9.40 5.22 -24.87
CA ALA M 257 9.81 3.92 -25.45
C ALA M 257 8.72 3.39 -26.40
N CYS M 258 7.46 3.48 -25.97
CA CYS M 258 6.38 2.98 -26.76
C CYS M 258 6.21 3.77 -28.05
N ALA M 259 6.46 5.06 -28.03
CA ALA M 259 6.37 5.86 -29.25
C ALA M 259 7.49 5.50 -30.21
N LEU M 260 8.69 5.45 -29.66
CA LEU M 260 9.87 4.97 -30.41
C LEU M 260 9.56 3.68 -31.10
N LEU M 261 9.00 2.75 -30.37
CA LEU M 261 8.75 1.41 -30.89
C LEU M 261 7.73 1.48 -32.05
N TYR M 262 6.67 2.24 -31.83
CA TYR M 262 5.58 2.38 -32.79
C TYR M 262 6.09 3.10 -34.05
N PHE M 263 6.76 4.24 -33.85
CA PHE M 263 7.11 5.03 -35.04
C PHE M 263 8.35 4.47 -35.81
N THR M 264 9.10 3.57 -35.19
CA THR M 264 10.17 2.92 -35.84
C THR M 264 9.63 1.75 -36.69
N GLY M 265 8.55 1.11 -36.25
CA GLY M 265 7.95 0.06 -37.00
C GLY M 265 8.87 -1.17 -37.17
N SER M 266 8.77 -1.88 -38.31
CA SER M 266 7.83 -1.52 -39.40
C SER M 266 6.40 -1.78 -39.00
N ALA M 267 5.49 -1.47 -39.92
CA ALA M 267 4.11 -1.67 -39.67
C ALA M 267 3.82 -3.12 -39.39
N HIS M 268 4.49 -4.02 -40.11
CA HIS M 268 4.32 -5.49 -39.90
C HIS M 268 4.89 -5.91 -38.58
N PHE M 269 5.99 -5.29 -38.20
CA PHE M 269 6.56 -5.59 -36.92
C PHE M 269 5.59 -5.17 -35.81
N ASN M 270 4.90 -4.04 -35.99
CA ASN M 270 3.96 -3.56 -34.98
C ASN M 270 2.76 -4.47 -34.88
N ARG M 271 2.24 -4.87 -36.02
CA ARG M 271 1.13 -5.78 -36.03
C ARG M 271 1.43 -7.05 -35.28
N SER M 272 2.63 -7.57 -35.46
CA SER M 272 3.02 -8.82 -34.79
C SER M 272 3.19 -8.54 -33.31
N MET M 273 3.63 -7.35 -32.95
CA MET M 273 3.74 -7.01 -31.51
C MET M 273 2.39 -6.84 -30.89
N ARG M 274 1.44 -6.22 -31.57
CA ARG M 274 0.13 -6.07 -30.99
C ARG M 274 -0.51 -7.46 -30.81
N ALA M 275 -0.24 -8.35 -31.76
CA ALA M 275 -0.85 -9.68 -31.73
C ALA M 275 -0.30 -10.43 -30.57
N LEU M 276 0.98 -10.29 -30.33
CA LEU M 276 1.61 -10.99 -29.27
C LEU M 276 1.07 -10.46 -27.95
N ALA M 277 1.03 -9.15 -27.82
CA ALA M 277 0.41 -8.52 -26.66
C ALA M 277 -0.99 -9.07 -26.44
N LYS M 278 -1.73 -9.18 -27.51
CA LYS M 278 -3.12 -9.59 -27.33
C LYS M 278 -3.16 -10.99 -26.74
N THR M 279 -2.20 -11.84 -27.06
CA THR M 279 -2.26 -13.22 -26.56
C THR M 279 -1.92 -13.24 -25.12
N LYS M 280 -1.32 -12.19 -24.59
CA LYS M 280 -1.03 -12.14 -23.16
C LYS M 280 -2.02 -11.27 -22.40
N GLY M 281 -3.15 -10.94 -22.98
CA GLY M 281 -4.06 -10.00 -22.35
C GLY M 281 -3.53 -8.56 -22.20
N MET M 282 -2.66 -8.11 -23.11
CA MET M 282 -2.15 -6.75 -23.06
C MET M 282 -2.52 -6.05 -24.37
N SER M 283 -2.38 -4.75 -24.41
CA SER M 283 -2.46 -4.00 -25.64
C SER M 283 -1.22 -3.19 -25.75
N LEU M 284 -0.80 -2.93 -26.97
CA LEU M 284 0.36 -2.09 -27.23
C LEU M 284 -0.02 -0.96 -28.19
N SER M 285 0.17 0.28 -27.77
CA SER M 285 -0.07 1.38 -28.65
C SER M 285 1.20 2.20 -28.75
N GLU M 286 1.10 3.35 -29.43
CA GLU M 286 2.14 4.35 -29.40
C GLU M 286 2.30 5.07 -28.02
N HIS M 287 1.32 4.89 -27.12
CA HIS M 287 1.32 5.49 -25.76
C HIS M 287 1.87 4.53 -24.75
N ALA M 288 1.46 3.27 -24.80
CA ALA M 288 1.75 2.39 -23.72
C ALA M 288 1.56 0.91 -24.04
N LEU M 289 2.25 0.09 -23.27
CA LEU M 289 1.88 -1.33 -23.05
C LEU M 289 1.01 -1.38 -21.83
N SER M 290 -0.17 -1.91 -21.98
CA SER M 290 -1.16 -1.89 -20.95
C SER M 290 -1.73 -3.26 -20.75
N THR M 291 -2.22 -3.50 -19.55
CA THR M 291 -3.01 -4.71 -19.36
C THR M 291 -4.34 -4.54 -20.05
N ALA M 292 -4.95 -5.64 -20.39
CA ALA M 292 -6.24 -5.65 -21.07
C ALA M 292 -7.31 -5.00 -20.20
N VAL M 293 -8.14 -4.09 -20.67
CA VAL M 293 -8.33 -3.49 -22.00
C VAL M 293 -9.51 -2.47 -21.85
N VAL M 294 -10.44 -2.54 -20.86
CA VAL M 294 -10.53 -3.47 -19.69
C VAL M 294 -11.03 -4.88 -20.14
N ARG M 295 -12.20 -5.27 -19.62
CA ARG M 295 -12.87 -6.53 -19.91
C ARG M 295 -14.34 -6.09 -19.89
N ASN M 296 -15.15 -6.58 -18.93
CA ASN M 296 -16.42 -5.94 -18.49
C ASN M 296 -17.82 -6.63 -18.78
N THR M 297 -18.82 -6.35 -17.91
CA THR M 297 -20.32 -6.56 -18.10
C THR M 297 -20.84 -8.01 -18.47
N HIS M 298 -21.40 -8.21 -19.68
CA HIS M 298 -21.58 -9.57 -20.25
C HIS M 298 -20.34 -9.84 -21.09
N GLY M 299 -19.96 -8.83 -21.88
CA GLY M 299 -18.66 -8.76 -22.56
C GLY M 299 -18.36 -7.43 -23.26
N CYS M 300 -18.65 -6.28 -22.62
CA CYS M 300 -18.38 -4.95 -23.22
C CYS M 300 -17.02 -4.28 -22.79
N LYS M 301 -17.06 -3.07 -22.19
CA LYS M 301 -15.91 -2.14 -22.21
C LYS M 301 -16.14 -0.84 -21.44
N VAL M 302 -15.44 -0.64 -20.34
CA VAL M 302 -15.73 0.50 -19.42
C VAL M 302 -14.62 1.51 -19.09
N GLY M 303 -13.37 1.22 -19.44
CA GLY M 303 -12.21 2.11 -19.14
C GLY M 303 -10.87 1.56 -19.65
N PRO M 304 -9.85 2.41 -19.77
CA PRO M 304 -8.58 1.86 -20.27
C PRO M 304 -7.90 0.88 -19.28
N GLY M 305 -7.12 -0.06 -19.81
CA GLY M 305 -6.36 -0.93 -18.94
C GLY M 305 -5.33 -0.11 -18.22
N ARG M 306 -4.62 -0.76 -17.33
CA ARG M 306 -3.56 -0.16 -16.59
C ARG M 306 -2.21 -0.21 -17.34
N VAL M 307 -1.48 0.89 -17.32
CA VAL M 307 -0.23 1.05 -18.02
C VAL M 307 0.84 0.33 -17.28
N LEU M 308 1.61 -0.47 -17.99
CA LEU M 308 2.79 -1.17 -17.42
C LEU M 308 3.93 -0.30 -17.81
N PRO M 309 4.50 0.41 -16.85
CA PRO M 309 5.56 1.33 -17.25
C PRO M 309 6.74 0.67 -17.93
N THR M 310 7.27 1.37 -18.93
CA THR M 310 8.35 0.91 -19.82
C THR M 310 9.30 2.04 -20.13
N PRO M 311 10.35 2.18 -19.31
CA PRO M 311 11.27 3.27 -19.59
C PRO M 311 12.08 3.10 -20.81
N THR M 312 12.33 1.86 -21.24
CA THR M 312 13.00 1.68 -22.56
C THR M 312 12.27 0.68 -23.41
N GLU M 313 12.57 0.71 -24.70
CA GLU M 313 12.06 -0.28 -25.70
C GLU M 313 12.23 -1.66 -25.14
N LYS M 314 13.42 -1.93 -24.64
CA LYS M 314 13.78 -3.20 -24.04
C LYS M 314 12.80 -3.66 -23.00
N ASP M 315 12.32 -2.75 -22.17
CA ASP M 315 11.29 -3.17 -21.24
C ASP M 315 9.99 -3.65 -21.94
N VAL M 316 9.63 -3.09 -23.08
CA VAL M 316 8.45 -3.59 -23.76
C VAL M 316 8.61 -5.05 -24.22
N PHE M 317 9.70 -5.30 -24.91
CA PHE M 317 10.08 -6.65 -25.33
C PHE M 317 10.08 -7.58 -24.13
N ARG M 318 10.76 -7.17 -23.08
CA ARG M 318 10.85 -8.03 -21.91
C ARG M 318 9.46 -8.35 -21.40
N LEU M 319 8.64 -7.35 -21.13
CA LEU M 319 7.29 -7.69 -20.62
C LEU M 319 6.45 -8.50 -21.61
N LEU M 320 6.72 -8.44 -22.91
CA LEU M 320 6.02 -9.35 -23.84
C LEU M 320 6.69 -10.73 -23.96
N GLY M 321 7.80 -10.92 -23.25
CA GLY M 321 8.58 -12.17 -23.28
C GLY M 321 9.25 -12.38 -24.63
N LEU M 322 9.67 -11.31 -25.28
CA LEU M 322 10.18 -11.38 -26.62
C LEU M 322 11.64 -10.98 -26.55
N PRO M 323 12.51 -11.74 -27.19
CA PRO M 323 13.88 -11.29 -27.10
C PRO M 323 14.03 -9.94 -27.78
N TYR M 324 14.82 -9.06 -27.21
CA TYR M 324 15.08 -7.75 -27.77
C TYR M 324 15.54 -7.79 -29.21
N ARG M 325 15.05 -6.85 -30.02
CA ARG M 325 15.48 -6.71 -31.40
C ARG M 325 15.87 -5.30 -31.63
N GLU M 326 17.07 -5.15 -32.13
CA GLU M 326 17.55 -3.87 -32.64
C GLU M 326 16.62 -3.33 -33.76
N PRO M 327 16.47 -2.01 -33.84
CA PRO M 327 15.68 -1.42 -34.91
C PRO M 327 15.91 -2.03 -36.27
N ALA M 328 17.16 -2.32 -36.60
CA ALA M 328 17.50 -2.94 -37.93
C ALA M 328 16.97 -4.36 -38.10
N GLU M 329 16.71 -5.08 -37.03
CA GLU M 329 16.07 -6.37 -37.12
C GLU M 329 14.54 -6.27 -37.11
N ARG M 330 13.95 -5.11 -37.40
CA ARG M 330 12.52 -4.98 -37.19
C ARG M 330 11.67 -4.86 -38.45
N ASP M 331 12.14 -5.38 -39.55
CA ASP M 331 11.29 -5.35 -40.74
C ASP M 331 10.18 -6.36 -40.56
N TRP M 332 10.42 -7.41 -39.80
CA TRP M 332 9.37 -8.29 -39.41
C TRP M 332 9.82 -9.25 -38.32
N LEU M 333 8.86 -9.80 -37.61
CA LEU M 333 9.17 -10.74 -36.58
C LEU M 333 9.25 -12.16 -37.17
N GLU M 334 10.47 -12.65 -37.40
CA GLU M 334 10.73 -14.06 -37.75
C GLU M 334 9.67 -15.05 -37.24
OAC 1RY Q . -20.70 24.17 -2.96
PAZ 1RY Q . -20.34 22.73 -3.25
OAF 1RY Q . -19.03 22.67 -4.00
OAG 1RY Q . -20.39 21.78 -2.10
OAQ 1RY Q . -21.49 22.29 -4.29
PBB 1RY Q . -21.22 22.03 -5.85
OAI 1RY Q . -22.58 21.71 -6.41
OAE 1RY Q . -20.37 23.05 -6.49
OAR 1RY Q . -20.49 20.60 -5.94
PBA 1RY Q . -19.19 20.17 -6.80
OAH 1RY Q . -18.97 18.74 -6.34
OAD 1RY Q . -18.04 21.23 -6.74
OAO 1RY Q . -20.00 19.97 -8.19
CAL 1RY Q . -20.20 20.99 -9.17
CAW 1RY Q . -20.06 20.35 -10.57
OAP 1RY Q . -20.93 19.22 -10.62
SAS 1RY Q . -18.41 19.79 -10.90
CAM 1RY Q . -19.09 18.55 -11.92
CAX 1RY Q . -20.49 18.23 -11.47
NAY 1RY Q . -20.45 16.98 -10.78
CAK 1RY Q . -19.97 16.90 -9.54
CAU 1RY Q . -19.94 15.66 -8.93
FAJ 1RY Q . -19.51 15.53 -7.66
CAV 1RY Q . -20.85 15.86 -11.39
OAB 1RY Q . -21.30 15.90 -12.62
NAN 1RY Q . -20.82 14.67 -10.88
CAT 1RY Q . -20.38 14.54 -9.61
NAA 1RY Q . -20.34 13.34 -8.98
CA CA R . -12.96 11.33 0.96
CA CA S . -43.67 5.89 -6.06
CA CA T . 0.98 15.68 -10.96
CA CA U . -18.15 23.45 -6.03
CA CA V . -15.67 20.92 -7.22
CA CA W . -15.12 35.53 -14.52
C ACT X . -23.79 29.28 -22.98
O ACT X . -23.05 28.42 -22.58
OXT ACT X . -25.01 29.11 -22.75
CH3 ACT X . -23.17 30.43 -23.75
CA CA Y . -31.60 -6.02 -5.68
C ACT Z . -33.53 -2.34 -17.75
O ACT Z . -33.22 -1.80 -16.66
OXT ACT Z . -34.73 -2.41 -18.10
CH3 ACT Z . -32.45 -2.93 -18.62
OAC 1RY AA . -12.67 -8.42 44.76
PAZ 1RY AA . -11.88 -9.60 44.24
OAF 1RY AA . -10.42 -9.32 43.95
OAG 1RY AA . -12.03 -10.77 45.09
OAQ 1RY AA . -12.54 -9.97 42.79
PBB 1RY AA . -11.82 -9.89 41.33
OAI 1RY AA . -12.87 -10.26 40.32
OAE 1RY AA . -11.21 -8.53 41.30
OAR 1RY AA . -10.78 -11.06 41.18
PBA 1RY AA . -9.19 -10.93 40.91
OAH 1RY AA . -8.62 -12.27 41.28
OAD 1RY AA . -8.25 -9.76 41.39
OAO 1RY AA . -9.33 -11.08 39.31
CAL 1RY AA . -9.88 -10.08 38.46
CAW 1RY AA . -9.09 -10.23 37.17
OAP 1RY AA . -9.40 -11.51 36.64
SAS 1RY AA . -7.35 -10.15 37.46
CAM 1RY AA . -7.14 -11.07 35.99
CAX 1RY AA . -8.32 -11.98 35.85
NAY 1RY AA . -8.03 -13.33 36.28
CAK 1RY AA . -7.84 -13.56 37.59
CAU 1RY AA . -7.59 -14.84 38.05
FAJ 1RY AA . -7.41 -15.05 39.36
CAV 1RY AA . -7.96 -14.36 35.42
OAB 1RY AA . -8.15 -14.13 34.09
NAN 1RY AA . -7.68 -15.62 35.82
CAT 1RY AA . -7.51 -15.87 37.14
NAA 1RY AA . -7.27 -17.13 37.61
CA CA BA . -9.29 -7.97 42.40
CA CA CA . -5.86 -9.32 41.69
CA CA DA . -7.89 -12.82 46.12
CA CA EA . -2.35 -19.50 48.75
CA CA FA . -8.14 6.68 37.42
AS CAC GA . 13.28 -6.82 38.53
O1 CAC GA . 13.17 -5.29 37.72
O2 CAC GA . 12.21 -7.90 37.68
C1 CAC GA . 15.13 -7.48 38.47
C2 CAC GA . 12.67 -6.64 40.40
C ACT HA . -11.92 0.42 25.88
O ACT HA . -12.17 1.28 26.76
OXT ACT HA . -12.82 -0.20 25.22
CH3 ACT HA . -10.47 0.14 25.61
CA CA IA . -12.56 -38.77 33.39
C ACT JA . -12.23 -32.83 22.64
O ACT JA . -11.73 -33.88 23.18
OXT ACT JA . -12.59 -32.81 21.44
CH3 ACT JA . -12.42 -31.60 23.49
OAC 1RY KA . 29.74 -4.07 7.53
PAZ 1RY KA . 30.02 -3.95 8.99
OAF 1RY KA . 28.92 -3.39 9.89
OAG 1RY KA . 31.29 -3.25 9.31
OAQ 1RY KA . 30.13 -5.51 9.39
PBB 1RY KA . 29.40 -6.15 10.67
OAI 1RY KA . 29.40 -5.06 11.71
OAE 1RY KA . 30.10 -7.46 11.01
OAR 1RY KA . 27.85 -6.57 10.37
PBA 1RY KA . 27.29 -8.13 10.37
OAH 1RY KA . 28.35 -9.17 10.00
OAD 1RY KA . 26.00 -8.24 9.58
OAO 1RY KA . 27.04 -8.35 11.96
CAL 1RY KA . 26.46 -7.40 12.84
CAW 1RY KA . 25.80 -8.32 13.86
OAP 1RY KA . 25.19 -9.42 13.16
SAS 1RY KA . 24.57 -7.44 14.77
CAM 1RY KA . 23.36 -8.71 14.57
CAX 1RY KA . 24.07 -9.87 13.90
NAY 1RY KA . 23.12 -10.51 12.99
CAK 1RY KA . 22.78 -9.83 11.90
CAU 1RY KA . 21.88 -10.38 11.01
FAJ 1RY KA . 21.58 -9.66 9.92
CAV 1RY KA . 22.64 -11.75 13.27
OAB 1RY KA . 23.01 -12.44 14.40
NAN 1RY KA . 21.75 -12.32 12.42
CAT 1RY KA . 21.37 -11.65 11.29
NAA 1RY KA . 20.49 -12.26 10.46
CA CA LA . 18.38 -1.75 2.08
CA CA MA . 25.46 -2.42 12.63
CA CA NA . 28.86 -2.84 12.18
C ACT OA . 33.57 -10.52 28.45
O ACT OA . 34.74 -10.30 28.80
OXT ACT OA . 33.32 -11.44 27.64
CH3 ACT OA . 32.49 -9.63 29.04
CA CA PA . 12.21 -21.31 13.13
CA CA QA . 3.59 -1.42 4.67
OAC 1RY RA . 7.92 4.51 -45.92
PAZ 1RY RA . 9.10 4.00 -45.22
OAF 1RY RA . 10.38 4.80 -45.31
OAG 1RY RA . 9.36 2.62 -45.66
OAQ 1RY RA . 8.67 4.19 -43.58
PBB 1RY RA . 8.36 2.70 -42.91
OAI 1RY RA . 8.74 1.51 -43.74
OAE 1RY RA . 8.82 2.60 -41.49
OAR 1RY RA . 6.78 2.74 -42.79
PBA 1RY RA . 5.78 1.60 -42.20
OAH 1RY RA . 6.41 0.24 -41.97
OAD 1RY RA . 4.53 1.69 -43.04
OAO 1RY RA . 5.32 2.23 -40.79
CAL 1RY RA . 6.08 2.77 -39.70
CAW 1RY RA . 5.14 2.67 -38.50
OAP 1RY RA . 4.12 1.73 -38.86
SAS 1RY RA . 4.40 4.25 -38.07
CAM 1RY RA . 2.83 3.54 -38.34
CAX 1RY RA . 2.99 2.04 -38.11
NAY 1RY RA . 1.70 1.46 -38.46
CAK 1RY RA . 1.10 1.75 -39.62
CAU 1RY RA . -0.16 1.22 -39.84
FAJ 1RY RA . -0.78 1.47 -41.01
CAV 1RY RA . 1.06 0.71 -37.54
OAB 1RY RA . 1.62 0.40 -36.39
NAN 1RY RA . -0.17 0.22 -37.73
CAT 1RY RA . -0.82 0.46 -38.86
NAA 1RY RA . -2.07 -0.07 -39.02
CA CA SA . 1.76 -20.91 -42.89
CA CA TA . -2.84 8.11 -51.45
CA CA UA . 6.10 8.05 -41.93
CA CA VA . 7.95 6.16 -42.27
AS CAC WA . 8.59 -26.37 -65.87
O1 CAC WA . 6.89 -25.96 -65.81
O2 CAC WA . 9.21 -26.69 -64.28
C1 CAC WA . 8.71 -27.98 -67.02
C2 CAC WA . 9.72 -24.93 -66.62
C ACT XA . 17.37 -21.12 -40.02
O ACT XA . 17.77 -19.95 -39.74
OXT ACT XA . 16.14 -21.36 -40.06
CH3 ACT XA . 18.34 -22.25 -40.34
CA CA YA . -9.63 15.31 -29.35
#